data_8V55
#
_entry.id   8V55
#
_cell.length_a   1.00
_cell.length_b   1.00
_cell.length_c   1.00
_cell.angle_alpha   90.00
_cell.angle_beta   90.00
_cell.angle_gamma   90.00
#
_symmetry.space_group_name_H-M   'P 1'
#
loop_
_entity.id
_entity.type
_entity.pdbx_description
1 polymer 'DNA polymerase subunit gamma-1'
2 polymer 'DNA polymerase subunit gamma-2, mitochondrial'
3 polymer 'DNA primer chain'
4 polymer 'DNA template chain'
#
loop_
_entity_poly.entity_id
_entity_poly.type
_entity_poly.pdbx_seq_one_letter_code
_entity_poly.pdbx_strand_id
1 'polypeptide(L)'
;MGGSHHHHHHGSRFMVSSSVPASDPSDGQRRRQQQQQQQQQQQQQPQQPQVLSSEGGQLRHNPLDIQMLSRGLHEQIFGQ
GGEMPGEAAVRRSVEHLQKHGLWGQPAVPLPDVELRLPPLYGDNLDQHFRLLAQKQSLPYLEAANLLLQAQLPPKPPAWA
WAEGWTRYGPEGEAVPVAIPEERALVFAVAVCLAEGTCPTLAVAISPSAWYSWCSQRLVEERYSWTSQLSPADLIPLEVP
TGASSPTQRDWQEQLVVGHNVSFDRAHIREQYLIQGSRMRFLDTMSMHMAISGLSSFQRSLWIAAKQGKHKVQPPTKQGQ
KSQRKARRGPAISSWDWLDISSVNSLAEVHRLYVGGPPLEKEPRELFVKGTMKDIRENFQDLMQYCAQDVWATHEVFQQQ
LPLFLERCPHPVTLAGMLEMGVSYLPVNQNWERYLAEAQGTYEELQREMKKSLMDLANDACQLLSGERYKEDPWLWDLEW
DLQEFKQKKAKKVKKEPATASKLPIEGAGAPGDPMDQEDLGPCSEEEEFQQDVMARACLQKLKGTTELLPKRPQHLPGHP
GWYRKLCPRLDDPAWTPGPSLLSLQMRVTPKLMALTWDGFPLHYSERHGWGYLVPGRRDNLAKLPTGTTLESAGVVCPYR
AIESLYRKHCLEQGKQQLMPQEAGLAEEFLLTDNSAIWQTVEELDYLEVEAEAKMENLRAAVPGQPLALTARGGPKDTQP
SYHHGNGPYNDVDIPGCWFFKLPHKDGNSCNVGSPFAKDFLPKMEDGTLQAGPGGASGPRALEINKMISFWRNAHKRISS
QMVVWLPRSALPRAVIRHPDYDEEGLYGAILPQVVTAGTITRRAVEPTWLTASNARPDRVGSELKAMVQAPPGYTLVGAD
VDSQELWIAAVLGDAHFAGMHGCTAFGWMTLQGRKSRGTDLHSKTATTVGISREHAKIFNYGRIYGAGQPFAERLLMQFN
HRLTQQEAAEKAQQMYAATKGLRWYRLSDEGEWLVRELNLPVDRTEGGWISLQDLRKVQRETARKSQWKKWEVVAERAWK
GGTESEMFNKLESIATSDIPRTPVLGCCISRALEPSAVQEEFMTSRVNWVVQSSAVDYLHLMLVAMKWLFEEFAIDGRFC
ISIHDEVRYLVREEDRYRAALALQITNLLTRCMFAYKLGLNDLPQSVAFFSAVDIDRCLRKEVTMDCKTPSNPTGMERRY
GIPQGEALDIYQIIELTKGSLEKRSQPGP
;
A
2 'polypeptide(L)'
;MASRGSHHHHHHGADAGQPELLTERSSPKGGHVKSHAELEGNGEHPEAPGSGEGSEALLEICQRRHFLSGSKQQLSRDSL
LSGCHPGFGPLGVELRKNLAAEWWTSVVVFREQVFPVDALHHKPGPLLPGDSAFRLVSAETLREILQDKELSKEQLVAFL
ENVLKTSGKLRENLLHGALEHYVNCLDLVNKRLPYGLAQIGVCFHPVFDTKQIRNGVKSIGEKTEASLVWFTPPRTSNQW
LDFWLRHRLQWWRKFAMSPSNFSSSDCQDEEGRKGNKLYYNFPWGKELIETLWNLGDHELLHMYPGNVSKLHGRDGRKNV
VPCVLSVNGDLDRGMLAYLYDSFQLTENSFTRKKNLHRKVLKLHPCLAPIKVALDVGRGPTLELRQVCQGLFNELLENGI
SVWPGYLETMQSSLEQLYSKYDEMSILFTVLVTETTLENGLIHLRSRDTTMKEMMHISKLKDFLIKYISSAKNV
;
B,C
3 'polydeoxyribonucleotide'
;(DC)(DG)(DC)(DC)(DA)(DG)(DG)(DG)(DT)(DT)(DT)(DT)(DC)(DC)(DC)(DA)(DG)(DT)(DC)(DA)
(DC)(DG)(DA)(DC)(DC)
;
P
4 'polydeoxyribonucleotide'
;(DG)(DC)(DA)(DC)(DT)(DG)(DG)(DC)(DC)(DG)(DT)(DC)(DG)(DT)(DT)(DT)(DT)(DA)(DC)(DG)
(DG)(DT)(DC)(DG)(DT)(DG)(DA)(DC)(DT)(DG)(DG)(DG)(DA)(DA)(DA)(DA)(DC)(DC)(DC)(DT)
(DG)(DG)(DC)(DG)
;
T
#
# COMPACT_ATOMS: atom_id res chain seq x y z
N GLY A 57 -39.88 50.23 -5.70
CA GLY A 57 -39.85 48.78 -5.64
C GLY A 57 -38.94 48.24 -4.55
N GLN A 58 -38.63 46.94 -4.64
CA GLN A 58 -37.76 46.33 -3.64
C GLN A 58 -36.31 46.77 -3.80
N LEU A 59 -35.88 47.07 -5.03
CA LEU A 59 -34.51 47.48 -5.27
C LEU A 59 -34.28 48.90 -4.75
N ARG A 60 -33.21 49.08 -3.98
CA ARG A 60 -32.84 50.38 -3.46
C ARG A 60 -31.33 50.45 -3.34
N HIS A 61 -30.81 51.67 -3.35
CA HIS A 61 -29.38 51.91 -3.31
C HIS A 61 -29.06 53.01 -2.30
N ASN A 62 -27.81 53.02 -1.87
CA ASN A 62 -27.28 54.07 -1.00
C ASN A 62 -27.01 55.32 -1.84
N PRO A 63 -26.60 56.43 -1.23
CA PRO A 63 -26.08 57.55 -2.02
C PRO A 63 -24.83 57.21 -2.83
N LEU A 64 -24.12 56.14 -2.49
CA LEU A 64 -23.00 55.66 -3.30
C LEU A 64 -23.43 54.68 -4.38
N ASP A 65 -24.74 54.61 -4.67
CA ASP A 65 -25.36 53.75 -5.70
C ASP A 65 -24.85 52.31 -5.67
N ILE A 66 -24.67 51.77 -4.47
CA ILE A 66 -24.37 50.35 -4.26
C ILE A 66 -25.65 49.67 -3.82
N GLN A 67 -25.89 48.46 -4.32
CA GLN A 67 -27.14 47.75 -4.07
C GLN A 67 -27.27 47.39 -2.60
N MET A 68 -28.13 48.10 -1.89
CA MET A 68 -28.33 47.92 -0.46
C MET A 68 -29.41 46.87 -0.22
N LEU A 69 -29.86 46.77 1.03
CA LEU A 69 -30.90 45.83 1.40
C LEU A 69 -32.23 46.22 0.76
N SER A 70 -33.06 45.22 0.51
CA SER A 70 -34.38 45.45 -0.06
C SER A 70 -35.24 46.27 0.88
N ARG A 71 -36.18 47.03 0.30
CA ARG A 71 -37.02 47.92 1.09
C ARG A 71 -37.89 47.14 2.09
N GLY A 72 -38.44 46.01 1.66
CA GLY A 72 -39.20 45.17 2.57
C GLY A 72 -38.33 44.59 3.68
N LEU A 73 -37.15 44.10 3.34
CA LEU A 73 -36.25 43.53 4.34
C LEU A 73 -35.72 44.60 5.28
N HIS A 74 -35.37 45.77 4.75
CA HIS A 74 -34.89 46.88 5.59
C HIS A 74 -36.00 47.38 6.51
N GLU A 75 -37.24 47.41 6.01
CA GLU A 75 -38.38 47.77 6.84
C GLU A 75 -38.62 46.73 7.93
N GLN A 76 -38.46 45.45 7.60
CA GLN A 76 -38.66 44.38 8.58
C GLN A 76 -37.60 44.44 9.67
N ILE A 77 -36.36 44.74 9.31
CA ILE A 77 -35.26 44.67 10.28
C ILE A 77 -35.12 45.98 11.04
N PHE A 78 -34.87 47.08 10.32
CA PHE A 78 -34.68 48.37 10.97
C PHE A 78 -35.95 48.94 11.57
N GLY A 79 -37.12 48.44 11.17
CA GLY A 79 -38.37 48.97 11.67
C GLY A 79 -38.87 50.12 10.81
N GLN A 80 -38.62 51.35 11.25
CA GLN A 80 -39.00 52.54 10.52
C GLN A 80 -37.78 53.45 10.35
N GLY A 81 -37.90 54.41 9.44
CA GLY A 81 -36.89 55.43 9.29
C GLY A 81 -35.79 55.12 8.30
N GLY A 82 -35.63 55.99 7.30
CA GLY A 82 -34.51 55.92 6.37
C GLY A 82 -33.61 57.12 6.59
N GLU A 83 -32.33 56.94 6.33
CA GLU A 83 -31.34 57.96 6.61
C GLU A 83 -30.56 58.32 5.34
N MET A 84 -29.60 59.23 5.51
CA MET A 84 -28.73 59.76 4.47
C MET A 84 -27.62 60.56 5.15
N PRO A 85 -26.41 60.59 4.60
CA PRO A 85 -25.32 61.34 5.24
C PRO A 85 -25.52 62.84 5.10
N GLY A 86 -24.83 63.58 5.97
CA GLY A 86 -24.88 65.02 5.91
C GLY A 86 -24.14 65.56 4.71
N GLU A 87 -24.53 66.79 4.33
CA GLU A 87 -24.06 67.39 3.07
C GLU A 87 -22.55 67.62 3.10
N ALA A 88 -22.04 68.21 4.19
CA ALA A 88 -20.60 68.39 4.33
C ALA A 88 -19.88 67.06 4.43
N ALA A 89 -20.46 66.11 5.17
CA ALA A 89 -19.87 64.78 5.31
C ALA A 89 -19.85 64.05 3.98
N VAL A 90 -20.95 64.10 3.23
CA VAL A 90 -20.99 63.38 1.96
C VAL A 90 -20.10 64.08 0.93
N ARG A 91 -19.94 65.40 1.02
CA ARG A 91 -19.01 66.09 0.13
C ARG A 91 -17.57 65.70 0.44
N ARG A 92 -17.23 65.59 1.73
CA ARG A 92 -15.90 65.12 2.11
C ARG A 92 -15.67 63.68 1.65
N SER A 93 -16.69 62.83 1.75
CA SER A 93 -16.57 61.45 1.29
C SER A 93 -16.38 61.38 -0.22
N VAL A 94 -17.11 62.20 -0.97
CA VAL A 94 -16.97 62.24 -2.43
C VAL A 94 -15.57 62.70 -2.81
N GLU A 95 -15.07 63.75 -2.15
CA GLU A 95 -13.73 64.25 -2.45
C GLU A 95 -12.66 63.22 -2.08
N HIS A 96 -12.83 62.53 -0.96
CA HIS A 96 -11.86 61.52 -0.55
C HIS A 96 -11.84 60.33 -1.51
N LEU A 97 -13.03 59.89 -1.96
CA LEU A 97 -13.07 58.78 -2.91
C LEU A 97 -12.57 59.19 -4.29
N GLN A 98 -12.76 60.46 -4.67
CA GLN A 98 -12.18 60.95 -5.91
C GLN A 98 -10.66 61.07 -5.80
N LYS A 99 -10.15 61.31 -4.59
CA LYS A 99 -8.69 61.33 -4.38
C LYS A 99 -8.09 59.96 -4.61
N HIS A 100 -8.76 58.90 -4.17
CA HIS A 100 -8.27 57.55 -4.36
C HIS A 100 -8.50 57.02 -5.78
N GLY A 101 -9.34 57.68 -6.57
CA GLY A 101 -9.52 57.31 -7.96
C GLY A 101 -10.45 56.14 -8.22
N LEU A 102 -11.08 55.57 -7.19
CA LEU A 102 -12.00 54.46 -7.38
C LEU A 102 -13.44 54.91 -7.58
N TRP A 103 -13.69 56.22 -7.61
CA TRP A 103 -15.04 56.72 -7.79
C TRP A 103 -15.50 56.56 -9.23
N GLY A 104 -16.79 56.29 -9.42
CA GLY A 104 -17.38 56.27 -10.74
C GLY A 104 -17.29 54.94 -11.46
N GLN A 105 -17.82 53.88 -10.86
CA GLN A 105 -17.76 52.55 -11.45
C GLN A 105 -19.15 51.94 -11.50
N PRO A 106 -19.42 51.09 -12.50
CA PRO A 106 -20.74 50.44 -12.57
C PRO A 106 -20.88 49.31 -11.56
N ALA A 107 -22.13 48.90 -11.36
CA ALA A 107 -22.44 47.81 -10.44
C ALA A 107 -23.70 47.12 -10.95
N VAL A 108 -23.56 45.86 -11.36
CA VAL A 108 -24.70 45.07 -11.85
C VAL A 108 -25.60 44.73 -10.68
N PRO A 109 -26.89 45.07 -10.73
CA PRO A 109 -27.79 44.81 -9.58
C PRO A 109 -28.12 43.33 -9.47
N LEU A 110 -27.84 42.75 -8.31
CA LEU A 110 -28.26 41.39 -8.02
C LEU A 110 -29.77 41.35 -7.82
N PRO A 111 -30.40 40.20 -8.07
CA PRO A 111 -31.83 40.07 -7.78
C PRO A 111 -32.10 40.19 -6.28
N ASP A 112 -33.24 40.79 -5.95
CA ASP A 112 -33.59 41.08 -4.57
C ASP A 112 -34.26 39.88 -3.92
N VAL A 113 -34.58 40.01 -2.64
CA VAL A 113 -35.24 38.98 -1.87
C VAL A 113 -36.54 39.56 -1.31
N GLU A 114 -37.65 38.90 -1.60
CA GLU A 114 -38.97 39.30 -1.10
C GLU A 114 -39.46 38.15 -0.22
N LEU A 115 -39.07 38.17 1.05
CA LEU A 115 -39.38 37.11 1.99
C LEU A 115 -40.02 37.69 3.23
N ARG A 116 -41.13 37.10 3.66
CA ARG A 116 -41.78 37.45 4.91
C ARG A 116 -40.97 36.82 6.03
N LEU A 117 -40.05 37.60 6.59
CA LEU A 117 -39.18 37.13 7.66
C LEU A 117 -40.00 36.86 8.92
N PRO A 118 -39.54 35.93 9.77
CA PRO A 118 -40.22 35.69 11.04
C PRO A 118 -40.18 36.93 11.91
N PRO A 119 -41.22 37.15 12.71
CA PRO A 119 -41.28 38.38 13.52
C PRO A 119 -40.22 38.42 14.60
N LEU A 120 -39.77 39.64 14.91
CA LEU A 120 -38.75 39.86 15.92
C LEU A 120 -39.40 40.10 17.27
N TYR A 121 -38.98 39.33 18.27
CA TYR A 121 -39.56 39.41 19.61
C TYR A 121 -38.91 40.55 20.38
N GLY A 122 -39.26 41.77 19.97
CA GLY A 122 -38.70 42.97 20.57
C GLY A 122 -38.52 44.08 19.56
N ASP A 123 -38.97 45.29 19.92
CA ASP A 123 -38.90 46.41 19.00
C ASP A 123 -37.47 46.84 18.73
N ASN A 124 -36.62 46.81 19.75
CA ASN A 124 -35.20 47.03 19.57
C ASN A 124 -34.53 45.70 19.28
N LEU A 125 -33.64 45.70 18.28
CA LEU A 125 -33.03 44.45 17.83
C LEU A 125 -32.03 43.92 18.84
N ASP A 126 -31.16 44.79 19.36
CA ASP A 126 -30.17 44.38 20.34
C ASP A 126 -30.84 43.94 21.64
N GLN A 127 -31.90 44.63 22.05
CA GLN A 127 -32.64 44.22 23.25
C GLN A 127 -33.36 42.90 23.03
N HIS A 128 -33.87 42.66 21.82
CA HIS A 128 -34.53 41.38 21.54
C HIS A 128 -33.52 40.23 21.55
N PHE A 129 -32.32 40.46 21.01
CA PHE A 129 -31.29 39.42 21.07
C PHE A 129 -30.79 39.21 22.49
N ARG A 130 -30.72 40.29 23.28
CA ARG A 130 -30.33 40.17 24.68
C ARG A 130 -31.38 39.38 25.48
N LEU A 131 -32.66 39.60 25.18
CA LEU A 131 -33.72 38.83 25.82
C LEU A 131 -33.65 37.36 25.42
N LEU A 132 -33.37 37.09 24.14
CA LEU A 132 -33.20 35.70 23.70
C LEU A 132 -32.03 35.02 24.40
N ALA A 133 -30.91 35.74 24.54
CA ALA A 133 -29.75 35.18 25.22
C ALA A 133 -30.01 34.98 26.71
N GLN A 134 -30.76 35.90 27.33
CA GLN A 134 -31.17 35.71 28.72
C GLN A 134 -32.06 34.48 28.87
N LYS A 135 -32.98 34.28 27.93
CA LYS A 135 -33.85 33.10 27.96
C LYS A 135 -33.05 31.82 27.81
N GLN A 136 -32.05 31.83 26.92
CA GLN A 136 -31.19 30.66 26.78
C GLN A 136 -30.37 30.40 28.04
N SER A 137 -29.83 31.45 28.65
CA SER A 137 -28.91 31.30 29.77
C SER A 137 -29.59 31.21 31.12
N LEU A 138 -30.92 31.38 31.18
CA LEU A 138 -31.64 31.42 32.46
C LEU A 138 -31.45 30.20 33.35
N PRO A 139 -31.58 28.94 32.88
CA PRO A 139 -31.29 27.83 33.81
C PRO A 139 -29.85 27.78 34.24
N TYR A 140 -28.92 28.09 33.33
CA TYR A 140 -27.52 28.09 33.69
C TYR A 140 -27.15 29.31 34.53
N LEU A 141 -27.84 30.44 34.35
CA LEU A 141 -27.63 31.57 35.23
C LEU A 141 -28.13 31.26 36.65
N GLU A 142 -29.26 30.57 36.77
CA GLU A 142 -29.76 30.18 38.09
C GLU A 142 -28.82 29.17 38.74
N ALA A 143 -28.30 28.21 37.96
CA ALA A 143 -27.33 27.26 38.50
C ALA A 143 -26.04 27.96 38.93
N ALA A 144 -25.60 28.97 38.17
CA ALA A 144 -24.41 29.72 38.53
C ALA A 144 -24.65 30.55 39.79
N ASN A 145 -25.86 31.07 39.96
CA ASN A 145 -26.19 31.79 41.19
C ASN A 145 -26.21 30.83 42.39
N LEU A 146 -26.69 29.60 42.18
CA LEU A 146 -26.61 28.60 43.24
C LEU A 146 -25.17 28.22 43.54
N LEU A 147 -24.31 28.20 42.52
CA LEU A 147 -22.90 27.92 42.74
C LEU A 147 -22.21 29.08 43.45
N LEU A 148 -22.70 30.30 43.25
CA LEU A 148 -22.21 31.43 44.01
C LEU A 148 -22.55 31.29 45.50
N GLN A 149 -23.74 30.80 45.79
CA GLN A 149 -24.17 30.54 47.16
C GLN A 149 -23.95 29.10 47.57
N ALA A 150 -23.15 28.35 46.82
CA ALA A 150 -22.87 26.95 47.16
C ALA A 150 -22.00 26.87 48.41
N GLN A 151 -22.38 25.99 49.32
CA GLN A 151 -21.66 25.79 50.56
C GLN A 151 -20.65 24.64 50.37
N LEU A 152 -19.47 24.81 50.94
CA LEU A 152 -18.43 23.79 50.83
C LEU A 152 -18.34 23.04 52.15
N PRO A 153 -18.76 21.78 52.21
CA PRO A 153 -18.62 21.00 53.45
C PRO A 153 -17.16 20.70 53.74
N PRO A 154 -16.81 20.43 55.01
CA PRO A 154 -15.40 20.17 55.35
C PRO A 154 -14.86 18.87 54.77
N LYS A 155 -13.58 18.60 55.03
CA LYS A 155 -12.91 17.44 54.46
C LYS A 155 -13.43 16.15 55.09
N PRO A 156 -13.91 15.19 54.30
CA PRO A 156 -14.31 13.90 54.86
C PRO A 156 -13.10 13.14 55.38
N PRO A 157 -13.26 12.38 56.47
CA PRO A 157 -12.13 11.61 57.00
C PRO A 157 -11.88 10.31 56.26
N ALA A 158 -12.78 9.88 55.39
CA ALA A 158 -12.63 8.62 54.68
C ALA A 158 -13.02 8.81 53.21
N TRP A 159 -12.45 7.97 52.35
CA TRP A 159 -12.78 7.96 50.93
C TRP A 159 -12.92 6.51 50.50
N ALA A 160 -14.15 6.09 50.25
CA ALA A 160 -14.45 4.68 50.04
C ALA A 160 -13.93 4.20 48.69
N TRP A 161 -13.55 2.92 48.66
CA TRP A 161 -13.09 2.26 47.44
C TRP A 161 -14.24 1.58 46.70
N ALA A 162 -15.29 2.34 46.43
CA ALA A 162 -16.48 1.83 45.78
C ALA A 162 -16.51 2.22 44.31
N GLU A 163 -17.08 1.34 43.49
CA GLU A 163 -17.18 1.59 42.05
C GLU A 163 -18.21 2.68 41.78
N GLY A 164 -17.84 3.65 40.96
CA GLY A 164 -18.76 4.71 40.58
C GLY A 164 -18.73 5.86 41.58
N TRP A 165 -19.91 6.30 41.99
CA TRP A 165 -20.06 7.47 42.85
C TRP A 165 -20.24 7.05 44.30
N THR A 166 -19.65 7.84 45.20
CA THR A 166 -19.78 7.66 46.64
C THR A 166 -19.93 9.02 47.29
N ARG A 167 -20.88 9.15 48.20
CA ARG A 167 -21.21 10.42 48.84
C ARG A 167 -20.64 10.46 50.25
N TYR A 168 -20.09 11.61 50.62
CA TYR A 168 -19.55 11.85 51.96
C TYR A 168 -20.12 13.16 52.50
N GLY A 169 -20.90 13.08 53.56
CA GLY A 169 -21.58 14.23 54.11
C GLY A 169 -20.66 15.10 54.95
N PRO A 170 -21.26 15.97 55.78
CA PRO A 170 -20.45 16.81 56.68
C PRO A 170 -19.62 16.02 57.67
N GLU A 171 -20.10 14.85 58.10
CA GLU A 171 -19.32 13.93 58.91
C GLU A 171 -18.48 12.99 58.08
N GLY A 172 -18.60 13.05 56.74
CA GLY A 172 -17.83 12.17 55.88
C GLY A 172 -18.32 10.73 55.84
N GLU A 173 -19.57 10.49 56.21
CA GLU A 173 -20.10 9.13 56.20
C GLU A 173 -20.30 8.63 54.78
N ALA A 174 -20.08 7.33 54.60
CA ALA A 174 -20.17 6.72 53.27
C ALA A 174 -21.62 6.48 52.90
N VAL A 175 -22.05 7.05 51.77
CA VAL A 175 -23.40 6.87 51.26
C VAL A 175 -23.30 6.34 49.84
N PRO A 176 -23.92 5.19 49.52
CA PRO A 176 -23.91 4.68 48.14
C PRO A 176 -24.86 5.48 47.26
N VAL A 177 -24.31 6.23 46.33
CA VAL A 177 -25.08 7.05 45.40
C VAL A 177 -24.74 6.64 43.97
N ALA A 178 -25.75 6.69 43.10
CA ALA A 178 -25.56 6.34 41.70
C ALA A 178 -25.41 7.57 40.81
N ILE A 179 -26.37 8.49 40.87
CA ILE A 179 -26.36 9.68 40.03
C ILE A 179 -26.52 10.92 40.90
N PRO A 180 -25.42 11.61 41.25
CA PRO A 180 -25.56 12.91 41.93
C PRO A 180 -26.28 13.91 41.04
N GLU A 181 -27.18 14.68 41.65
CA GLU A 181 -28.14 15.49 40.91
C GLU A 181 -28.10 16.93 41.36
N GLU A 182 -26.90 17.47 41.59
CA GLU A 182 -26.77 18.88 41.92
C GLU A 182 -27.04 19.74 40.70
N ARG A 183 -27.65 20.91 40.93
CA ARG A 183 -27.87 21.85 39.85
C ARG A 183 -26.58 22.52 39.42
N ALA A 184 -25.61 22.63 40.34
CA ALA A 184 -24.31 23.22 40.04
C ALA A 184 -23.21 22.28 40.53
N LEU A 185 -22.18 22.10 39.71
CA LEU A 185 -21.10 21.17 40.01
C LEU A 185 -19.75 21.82 39.73
N VAL A 186 -18.79 21.54 40.61
CA VAL A 186 -17.38 21.88 40.40
C VAL A 186 -16.62 20.57 40.29
N PHE A 187 -15.88 20.39 39.19
CA PHE A 187 -15.39 19.08 38.81
C PHE A 187 -13.91 19.11 38.51
N ALA A 188 -13.25 17.99 38.75
CA ALA A 188 -11.86 17.76 38.36
C ALA A 188 -11.63 16.26 38.28
N VAL A 189 -11.11 15.81 37.14
CA VAL A 189 -10.89 14.39 36.90
C VAL A 189 -9.39 14.13 36.86
N ALA A 190 -9.03 12.88 37.18
CA ALA A 190 -7.66 12.41 37.06
C ALA A 190 -7.60 11.31 36.01
N VAL A 191 -6.70 11.47 35.05
CA VAL A 191 -6.62 10.60 33.88
C VAL A 191 -5.50 9.59 34.09
N CYS A 192 -5.83 8.31 33.94
CA CYS A 192 -4.85 7.23 34.06
C CYS A 192 -4.44 6.83 32.63
N LEU A 193 -3.41 7.51 32.11
CA LEU A 193 -2.89 7.20 30.79
C LEU A 193 -2.14 5.88 30.77
N ALA A 194 -1.76 5.34 31.93
CA ALA A 194 -1.08 4.06 31.99
C ALA A 194 -2.02 2.87 31.75
N GLU A 195 -3.32 3.11 31.69
CA GLU A 195 -4.28 2.04 31.44
C GLU A 195 -5.13 2.37 30.22
N GLY A 196 -4.48 2.79 29.14
CA GLY A 196 -5.19 3.20 27.95
C GLY A 196 -5.76 4.59 28.07
N THR A 197 -6.95 4.79 27.54
CA THR A 197 -7.64 6.09 27.58
C THR A 197 -8.70 6.13 28.68
N CYS A 198 -8.44 5.48 29.81
CA CYS A 198 -9.41 5.40 30.90
C CYS A 198 -8.95 6.23 32.09
N PRO A 199 -9.69 7.26 32.48
CA PRO A 199 -9.38 7.98 33.72
C PRO A 199 -9.84 7.18 34.93
N THR A 200 -9.36 7.59 36.10
CA THR A 200 -9.64 6.86 37.32
C THR A 200 -10.41 7.66 38.36
N LEU A 201 -9.92 8.83 38.76
CA LEU A 201 -10.41 9.54 39.93
C LEU A 201 -11.08 10.84 39.52
N ALA A 202 -12.25 11.11 40.10
CA ALA A 202 -12.98 12.35 39.83
C ALA A 202 -13.59 12.86 41.12
N VAL A 203 -13.57 14.18 41.29
CA VAL A 203 -14.08 14.83 42.50
C VAL A 203 -15.29 15.68 42.11
N ALA A 204 -16.20 15.88 43.06
CA ALA A 204 -17.34 16.76 42.85
C ALA A 204 -17.75 17.33 44.21
N ILE A 205 -17.33 18.56 44.49
CA ILE A 205 -17.87 19.25 45.65
C ILE A 205 -19.27 19.76 45.32
N SER A 206 -20.06 19.99 46.37
CA SER A 206 -21.47 20.28 46.19
C SER A 206 -21.97 21.08 47.38
N PRO A 207 -23.10 21.78 47.24
CA PRO A 207 -23.73 22.38 48.42
C PRO A 207 -24.15 21.37 49.48
N SER A 208 -24.42 20.12 49.09
CA SER A 208 -24.87 19.12 50.03
C SER A 208 -23.71 18.30 50.61
N ALA A 209 -22.97 17.60 49.75
CA ALA A 209 -21.96 16.67 50.25
C ALA A 209 -20.94 16.38 49.15
N TRP A 210 -19.78 15.89 49.58
CA TRP A 210 -18.72 15.51 48.65
C TRP A 210 -19.14 14.29 47.84
N TYR A 211 -18.76 14.27 46.56
CA TYR A 211 -18.99 13.13 45.69
C TYR A 211 -17.65 12.69 45.10
N SER A 212 -17.39 11.38 45.14
CA SER A 212 -16.17 10.82 44.59
C SER A 212 -16.54 9.79 43.54
N TRP A 213 -15.93 9.90 42.36
CA TRP A 213 -16.10 8.92 41.29
C TRP A 213 -14.80 8.14 41.13
N CYS A 214 -14.86 6.86 41.47
CA CYS A 214 -13.77 5.92 41.28
C CYS A 214 -14.09 5.01 40.10
N SER A 215 -13.09 4.78 39.26
CA SER A 215 -13.29 3.96 38.08
C SER A 215 -13.46 2.49 38.45
N GLN A 216 -13.99 1.72 37.50
CA GLN A 216 -14.22 0.30 37.73
C GLN A 216 -12.92 -0.47 37.88
N ARG A 217 -11.87 -0.06 37.15
CA ARG A 217 -10.57 -0.72 37.27
C ARG A 217 -9.82 -0.33 38.54
N LEU A 218 -10.23 0.74 39.22
CA LEU A 218 -9.58 1.11 40.48
C LEU A 218 -9.93 0.14 41.59
N VAL A 219 -11.21 -0.20 41.72
CA VAL A 219 -11.64 -1.12 42.76
C VAL A 219 -11.16 -2.54 42.46
N GLU A 220 -11.30 -2.97 41.21
CA GLU A 220 -10.88 -4.30 40.81
C GLU A 220 -9.35 -4.36 40.69
N GLU A 221 -8.83 -5.58 40.71
CA GLU A 221 -7.40 -5.82 40.59
C GLU A 221 -7.10 -6.24 39.15
N ARG A 222 -6.40 -5.36 38.42
CA ARG A 222 -6.05 -5.55 37.02
C ARG A 222 -7.30 -5.76 36.17
N TYR A 223 -7.68 -7.02 35.95
CA TYR A 223 -8.92 -7.47 35.31
C TYR A 223 -8.95 -7.19 33.80
N SER A 224 -9.67 -8.01 33.05
CA SER A 224 -9.74 -7.92 31.60
C SER A 224 -11.12 -7.47 31.19
N TRP A 225 -11.19 -6.48 30.30
CA TRP A 225 -12.46 -5.98 29.79
C TRP A 225 -12.45 -5.94 28.26
N THR A 226 -13.45 -5.31 27.67
CA THR A 226 -13.57 -5.26 26.22
C THR A 226 -12.48 -4.35 25.62
N SER A 227 -12.16 -4.62 24.36
CA SER A 227 -11.12 -3.88 23.67
C SER A 227 -11.68 -2.56 23.14
N GLN A 228 -10.80 -1.79 22.51
CA GLN A 228 -11.06 -0.43 21.95
C GLN A 228 -11.55 0.45 23.11
N LEU A 229 -12.54 1.31 22.89
CA LEU A 229 -13.11 2.10 23.96
C LEU A 229 -14.63 2.17 23.81
N SER A 230 -15.31 2.22 24.94
CA SER A 230 -16.76 2.29 25.04
C SER A 230 -17.09 3.25 26.17
N PRO A 231 -18.28 3.88 26.14
CA PRO A 231 -18.65 4.81 27.21
C PRO A 231 -19.06 4.13 28.51
N ALA A 232 -19.03 2.79 28.57
CA ALA A 232 -19.32 2.08 29.80
C ALA A 232 -18.30 2.35 30.89
N ASP A 233 -17.08 2.76 30.51
CA ASP A 233 -16.05 3.16 31.46
C ASP A 233 -16.02 4.66 31.68
N LEU A 234 -17.17 5.32 31.56
CA LEU A 234 -17.25 6.77 31.67
C LEU A 234 -18.34 7.15 32.68
N ILE A 235 -18.25 8.38 33.16
CA ILE A 235 -19.09 8.88 34.24
C ILE A 235 -20.53 9.07 33.76
N PRO A 236 -21.51 8.41 34.38
CA PRO A 236 -22.92 8.63 34.03
C PRO A 236 -23.58 9.77 34.80
N LEU A 237 -23.29 11.00 34.40
CA LEU A 237 -23.90 12.17 35.03
C LEU A 237 -25.26 12.48 34.42
N GLN A 252 -34.39 18.45 34.60
CA GLN A 252 -33.76 19.75 34.81
C GLN A 252 -32.34 19.75 34.23
N GLU A 253 -31.94 20.88 33.67
CA GLU A 253 -30.61 21.02 33.09
C GLU A 253 -29.55 21.16 34.18
N GLN A 254 -28.32 20.80 33.85
CA GLN A 254 -27.20 20.89 34.76
C GLN A 254 -26.02 21.56 34.09
N LEU A 255 -25.24 22.27 34.89
CA LEU A 255 -24.04 22.96 34.43
C LEU A 255 -22.86 22.52 35.28
N VAL A 256 -21.77 22.14 34.62
CA VAL A 256 -20.54 21.73 35.29
C VAL A 256 -19.46 22.75 34.97
N VAL A 257 -18.90 23.37 35.99
CA VAL A 257 -17.86 24.38 35.83
C VAL A 257 -16.56 23.82 36.40
N GLY A 258 -15.48 23.97 35.66
CA GLY A 258 -14.23 23.42 36.15
C GLY A 258 -13.04 23.82 35.30
N HIS A 259 -11.91 23.21 35.63
CA HIS A 259 -10.64 23.44 34.93
C HIS A 259 -10.45 22.34 33.90
N ASN A 260 -10.42 22.75 32.63
CA ASN A 260 -10.39 21.84 31.48
C ASN A 260 -11.55 20.85 31.55
N VAL A 261 -12.77 21.38 31.46
CA VAL A 261 -13.96 20.54 31.41
C VAL A 261 -14.12 19.86 30.07
N SER A 262 -13.27 20.19 29.09
CA SER A 262 -13.22 19.40 27.87
C SER A 262 -12.80 17.97 28.17
N PHE A 263 -11.78 17.80 29.02
CA PHE A 263 -11.37 16.46 29.44
C PHE A 263 -12.48 15.77 30.23
N ASP A 264 -13.17 16.52 31.08
CA ASP A 264 -14.28 15.98 31.84
C ASP A 264 -15.40 15.52 30.91
N ARG A 265 -15.69 16.31 29.88
CA ARG A 265 -16.69 15.94 28.89
C ARG A 265 -16.25 14.71 28.11
N ALA A 266 -14.95 14.58 27.85
CA ALA A 266 -14.42 13.34 27.29
C ALA A 266 -14.57 12.19 28.26
N HIS A 267 -14.69 12.46 29.56
CA HIS A 267 -14.93 11.43 30.55
C HIS A 267 -16.40 11.33 30.96
N ILE A 268 -17.23 12.31 30.61
CA ILE A 268 -18.65 12.30 30.96
C ILE A 268 -19.44 11.66 29.83
N ARG A 269 -20.23 10.63 30.17
CA ARG A 269 -20.97 9.86 29.18
C ARG A 269 -22.10 10.65 28.53
N GLU A 270 -22.55 11.74 29.15
CA GLU A 270 -23.79 12.39 28.76
C GLU A 270 -23.65 13.30 27.54
N GLN A 271 -22.51 13.28 26.85
CA GLN A 271 -22.33 14.11 25.65
C GLN A 271 -21.86 13.26 24.48
N TYR A 272 -22.53 12.14 24.26
CA TYR A 272 -22.16 11.23 23.19
C TYR A 272 -23.31 10.77 22.30
N LEU A 273 -24.56 10.91 22.73
CA LEU A 273 -25.67 10.50 21.89
C LEU A 273 -25.97 11.57 20.83
N ILE A 274 -26.53 11.12 19.71
CA ILE A 274 -26.79 12.03 18.60
C ILE A 274 -28.01 12.91 18.89
N GLN A 275 -28.85 12.54 19.85
CA GLN A 275 -30.00 13.36 20.20
C GLN A 275 -29.61 14.65 20.90
N GLY A 276 -28.40 14.72 21.46
CA GLY A 276 -28.01 15.84 22.27
C GLY A 276 -28.48 15.69 23.70
N SER A 277 -28.07 16.64 24.54
CA SER A 277 -28.44 16.62 25.95
C SER A 277 -28.67 18.06 26.40
N ARG A 278 -28.83 18.23 27.71
CA ARG A 278 -29.04 19.55 28.30
C ARG A 278 -27.95 19.96 29.26
N MET A 279 -27.07 19.05 29.65
CA MET A 279 -25.95 19.39 30.52
C MET A 279 -24.92 20.18 29.73
N ARG A 280 -24.48 21.30 30.29
CA ARG A 280 -23.47 22.15 29.67
C ARG A 280 -22.30 22.32 30.61
N PHE A 281 -21.23 22.90 30.08
CA PHE A 281 -19.99 23.03 30.83
C PHE A 281 -19.44 24.44 30.68
N LEU A 282 -18.98 24.99 31.79
CA LEU A 282 -18.22 26.24 31.80
C LEU A 282 -16.80 25.93 32.23
N ASP A 283 -15.84 26.40 31.44
CA ASP A 283 -14.43 26.14 31.68
C ASP A 283 -13.84 27.32 32.43
N THR A 284 -13.30 27.04 33.63
CA THR A 284 -12.57 28.09 34.35
C THR A 284 -11.30 28.47 33.64
N MET A 285 -10.76 27.60 32.78
CA MET A 285 -9.72 28.03 31.86
C MET A 285 -10.24 29.09 30.90
N SER A 286 -11.46 28.90 30.39
CA SER A 286 -12.01 29.84 29.43
C SER A 286 -12.33 31.18 30.09
N MET A 287 -13.02 31.15 31.22
CA MET A 287 -13.32 32.38 31.94
C MET A 287 -12.05 33.01 32.51
N HIS A 288 -11.08 32.18 32.89
CA HIS A 288 -9.79 32.68 33.35
C HIS A 288 -9.05 33.41 32.24
N MET A 289 -9.11 32.89 31.01
CA MET A 289 -8.51 33.61 29.90
C MET A 289 -9.31 34.84 29.54
N ALA A 290 -10.63 34.82 29.79
CA ALA A 290 -11.45 35.99 29.54
C ALA A 290 -11.15 37.11 30.52
N ILE A 291 -10.78 36.77 31.75
CA ILE A 291 -10.59 37.77 32.80
C ILE A 291 -9.12 38.11 32.98
N SER A 292 -8.31 37.13 33.37
CA SER A 292 -6.88 37.32 33.63
C SER A 292 -6.11 36.26 32.83
N GLY A 293 -5.82 36.57 31.56
CA GLY A 293 -5.00 35.73 30.72
C GLY A 293 -3.78 36.50 30.24
N LEU A 294 -2.86 35.76 29.62
CA LEU A 294 -1.61 36.32 29.13
C LEU A 294 -1.38 35.89 27.69
N SER A 295 -0.66 36.73 26.95
CA SER A 295 -0.26 36.39 25.59
C SER A 295 0.94 35.45 25.64
N SER A 296 1.36 34.98 24.46
CA SER A 296 2.49 34.06 24.38
C SER A 296 3.78 34.72 24.83
N PHE A 297 4.09 35.91 24.28
CA PHE A 297 5.32 36.60 24.63
C PHE A 297 5.28 37.13 26.07
N GLN A 298 4.11 37.62 26.51
CA GLN A 298 3.99 38.14 27.86
C GLN A 298 4.13 37.04 28.90
N ARG A 299 3.48 35.89 28.69
CA ARG A 299 3.63 34.78 29.61
C ARG A 299 5.04 34.20 29.56
N SER A 300 5.67 34.19 28.37
CA SER A 300 7.05 33.73 28.25
C SER A 300 8.00 34.62 29.03
N LEU A 301 7.85 35.94 28.91
CA LEU A 301 8.70 36.86 29.66
C LEU A 301 8.41 36.81 31.16
N TRP A 302 7.15 36.59 31.54
CA TRP A 302 6.82 36.42 32.96
C TRP A 302 7.45 35.17 33.54
N ILE A 303 7.45 34.07 32.79
CA ILE A 303 8.10 32.84 33.23
C ILE A 303 9.62 33.04 33.32
N ALA A 304 10.20 33.74 32.34
CA ALA A 304 11.63 33.99 32.34
C ALA A 304 12.05 34.88 33.52
N ALA A 305 11.23 35.89 33.83
CA ALA A 305 11.55 36.77 34.96
C ALA A 305 11.27 36.10 36.30
N LYS A 306 10.34 35.14 36.33
CA LYS A 306 10.05 34.44 37.57
C LYS A 306 11.21 33.54 37.98
N GLN A 307 11.86 32.88 37.02
CA GLN A 307 13.01 32.05 37.33
C GLN A 307 14.21 32.88 37.75
N GLY A 308 14.42 34.01 37.10
CA GLY A 308 15.53 34.89 37.43
C GLY A 308 16.66 34.82 36.41
N GLU A 362 5.62 16.19 41.10
CA GLU A 362 5.86 14.93 41.79
C GLU A 362 4.62 14.02 41.97
N PRO A 363 3.44 14.55 42.35
CA PRO A 363 2.26 13.65 42.34
C PRO A 363 1.74 13.38 40.94
N ARG A 364 1.80 14.37 40.05
CA ARG A 364 1.30 14.18 38.69
C ARG A 364 2.14 13.18 37.92
N GLU A 365 3.47 13.28 38.03
CA GLU A 365 4.35 12.33 37.36
C GLU A 365 4.18 10.93 37.92
N LEU A 366 4.00 10.81 39.24
CA LEU A 366 3.77 9.51 39.85
C LEU A 366 2.43 8.93 39.44
N PHE A 367 1.42 9.77 39.26
CA PHE A 367 0.09 9.28 38.90
C PHE A 367 0.07 8.71 37.49
N VAL A 368 0.82 9.32 36.57
CA VAL A 368 0.92 8.77 35.22
C VAL A 368 1.66 7.44 35.24
N LYS A 369 2.74 7.35 36.02
CA LYS A 369 3.52 6.13 36.12
C LYS A 369 3.00 5.18 37.19
N GLY A 370 1.80 5.41 37.70
CA GLY A 370 1.26 4.60 38.77
C GLY A 370 0.60 3.30 38.37
N THR A 371 0.49 3.03 37.06
CA THR A 371 -0.22 1.88 36.50
C THR A 371 -1.63 1.76 37.08
N MET A 372 -1.85 0.75 37.91
CA MET A 372 -3.05 0.70 38.73
C MET A 372 -2.72 0.44 40.20
N LYS A 373 -1.74 -0.41 40.48
CA LYS A 373 -1.41 -0.75 41.86
C LYS A 373 -0.84 0.45 42.61
N ASP A 374 0.11 1.17 41.99
CA ASP A 374 0.70 2.33 42.65
C ASP A 374 -0.27 3.49 42.74
N ILE A 375 -1.27 3.55 41.84
CA ILE A 375 -2.37 4.47 42.01
C ILE A 375 -3.20 4.08 43.22
N ARG A 376 -3.41 2.78 43.43
CA ARG A 376 -4.07 2.30 44.63
C ARG A 376 -3.20 2.45 45.88
N GLU A 377 -1.91 2.75 45.73
CA GLU A 377 -0.98 2.86 46.85
C GLU A 377 -0.98 4.25 47.48
N ASN A 378 -0.77 5.29 46.67
CA ASN A 378 -0.59 6.66 47.15
C ASN A 378 -1.89 7.45 47.08
N PHE A 379 -3.00 6.78 47.39
CA PHE A 379 -4.33 7.33 47.15
C PHE A 379 -4.62 8.56 47.99
N GLN A 380 -4.19 8.56 49.26
CA GLN A 380 -4.61 9.60 50.20
C GLN A 380 -4.00 10.96 49.85
N ASP A 381 -2.70 10.99 49.53
CA ASP A 381 -2.05 12.25 49.18
C ASP A 381 -2.59 12.81 47.87
N LEU A 382 -2.82 11.95 46.88
CA LEU A 382 -3.39 12.39 45.62
C LEU A 382 -4.80 12.93 45.81
N MET A 383 -5.60 12.29 46.65
CA MET A 383 -6.95 12.78 46.94
C MET A 383 -6.89 14.13 47.67
N GLN A 384 -5.91 14.30 48.56
CA GLN A 384 -5.73 15.58 49.23
C GLN A 384 -5.34 16.68 48.25
N TYR A 385 -4.47 16.35 47.29
CA TYR A 385 -4.10 17.29 46.23
C TYR A 385 -5.32 17.68 45.40
N CYS A 386 -6.14 16.69 45.05
CA CYS A 386 -7.33 16.96 44.24
C CYS A 386 -8.34 17.82 45.00
N ALA A 387 -8.52 17.54 46.30
CA ALA A 387 -9.44 18.33 47.11
C ALA A 387 -8.95 19.78 47.25
N GLN A 388 -7.65 19.96 47.46
CA GLN A 388 -7.08 21.31 47.55
C GLN A 388 -7.25 22.06 46.22
N ASP A 389 -7.01 21.38 45.10
CA ASP A 389 -7.16 22.02 43.80
C ASP A 389 -8.61 22.40 43.53
N VAL A 390 -9.55 21.49 43.84
CA VAL A 390 -10.97 21.79 43.63
C VAL A 390 -11.40 22.96 44.49
N TRP A 391 -10.98 22.98 45.76
CA TRP A 391 -11.34 24.06 46.67
C TRP A 391 -10.78 25.41 46.20
N ALA A 392 -9.50 25.43 45.82
CA ALA A 392 -8.87 26.68 45.39
C ALA A 392 -9.46 27.18 44.08
N THR A 393 -9.70 26.28 43.14
CA THR A 393 -10.30 26.67 41.87
C THR A 393 -11.71 27.18 42.07
N HIS A 394 -12.49 26.54 42.95
CA HIS A 394 -13.82 27.02 43.25
C HIS A 394 -13.79 28.41 43.89
N GLU A 395 -12.82 28.65 44.78
CA GLU A 395 -12.71 29.96 45.42
C GLU A 395 -12.38 31.04 44.40
N VAL A 396 -11.40 30.77 43.53
CA VAL A 396 -11.04 31.75 42.50
C VAL A 396 -12.19 31.95 41.51
N PHE A 397 -12.92 30.87 41.21
CA PHE A 397 -14.04 30.94 40.28
C PHE A 397 -15.18 31.77 40.86
N GLN A 398 -15.52 31.55 42.13
CA GLN A 398 -16.60 32.31 42.72
C GLN A 398 -16.18 33.74 43.03
N GLN A 399 -14.87 34.01 43.12
CA GLN A 399 -14.41 35.39 43.18
C GLN A 399 -14.57 36.09 41.83
N GLN A 400 -14.20 35.41 40.74
CA GLN A 400 -14.16 36.02 39.43
C GLN A 400 -15.44 35.81 38.62
N LEU A 401 -16.45 35.16 39.18
CA LEU A 401 -17.71 35.01 38.45
C LEU A 401 -18.47 36.33 38.32
N PRO A 402 -18.51 37.21 39.34
CA PRO A 402 -18.92 38.60 39.04
C PRO A 402 -18.00 39.28 38.03
N LEU A 403 -16.70 38.99 38.06
CA LEU A 403 -15.79 39.56 37.07
C LEU A 403 -16.14 39.05 35.67
N PHE A 404 -16.46 37.76 35.56
CA PHE A 404 -16.88 37.22 34.27
C PHE A 404 -18.23 37.78 33.85
N LEU A 405 -19.12 38.05 34.79
CA LEU A 405 -20.42 38.62 34.46
C LEU A 405 -20.31 40.05 33.95
N GLU A 406 -19.56 40.89 34.66
CA GLU A 406 -19.46 42.28 34.26
C GLU A 406 -18.53 42.48 33.06
N ARG A 407 -17.45 41.71 32.98
CA ARG A 407 -16.55 41.80 31.84
C ARG A 407 -17.13 41.20 30.58
N CYS A 408 -18.22 40.44 30.70
CA CYS A 408 -18.98 39.95 29.55
C CYS A 408 -20.44 40.33 29.81
N PRO A 409 -20.81 41.59 29.62
CA PRO A 409 -22.15 42.06 29.99
C PRO A 409 -23.27 41.40 29.20
N HIS A 410 -23.03 41.05 27.96
CA HIS A 410 -24.05 40.39 27.15
C HIS A 410 -24.21 38.94 27.62
N PRO A 411 -25.44 38.46 27.81
CA PRO A 411 -25.66 37.02 27.96
C PRO A 411 -25.37 36.23 26.69
N VAL A 412 -25.19 36.91 25.56
CA VAL A 412 -24.76 36.27 24.32
C VAL A 412 -23.43 35.55 24.53
N THR A 413 -22.53 36.15 25.31
CA THR A 413 -21.24 35.53 25.60
C THR A 413 -21.43 34.17 26.29
N LEU A 414 -22.23 34.13 27.34
CA LEU A 414 -22.45 32.90 28.09
C LEU A 414 -23.14 31.86 27.22
N ALA A 415 -24.18 32.27 26.48
CA ALA A 415 -24.92 31.33 25.64
C ALA A 415 -24.04 30.76 24.53
N GLY A 416 -23.25 31.63 23.88
CA GLY A 416 -22.38 31.17 22.81
C GLY A 416 -21.26 30.28 23.30
N MET A 417 -20.70 30.59 24.48
CA MET A 417 -19.67 29.73 25.04
C MET A 417 -20.24 28.37 25.42
N LEU A 418 -21.47 28.35 25.97
CA LEU A 418 -22.10 27.08 26.30
C LEU A 418 -22.45 26.29 25.05
N GLU A 419 -22.76 26.96 23.94
CA GLU A 419 -23.00 26.25 22.70
C GLU A 419 -21.70 25.75 22.08
N MET A 420 -20.62 26.52 22.23
CA MET A 420 -19.36 26.16 21.60
C MET A 420 -18.67 25.02 22.32
N GLY A 421 -18.80 24.95 23.64
CA GLY A 421 -18.08 23.96 24.41
C GLY A 421 -18.62 22.55 24.33
N VAL A 422 -19.65 22.33 23.50
CA VAL A 422 -20.29 21.03 23.38
C VAL A 422 -20.13 20.54 21.94
N SER A 423 -18.98 20.89 21.33
CA SER A 423 -18.69 20.50 19.96
C SER A 423 -18.64 18.99 19.80
N TYR A 424 -19.29 18.49 18.75
CA TYR A 424 -19.52 17.06 18.56
C TYR A 424 -19.09 16.64 17.17
N LEU A 425 -18.35 15.55 17.08
CA LEU A 425 -17.95 15.00 15.79
C LEU A 425 -18.38 13.54 15.70
N PRO A 426 -19.07 13.14 14.63
CA PRO A 426 -19.37 11.72 14.44
C PRO A 426 -18.32 11.00 13.60
N VAL A 427 -18.03 9.76 14.00
CA VAL A 427 -17.06 8.91 13.32
C VAL A 427 -17.60 7.49 13.27
N ASN A 428 -16.91 6.64 12.53
CA ASN A 428 -17.32 5.24 12.36
C ASN A 428 -16.06 4.41 12.17
N GLN A 429 -16.23 3.19 11.65
CA GLN A 429 -15.10 2.28 11.49
C GLN A 429 -14.12 2.77 10.43
N ASN A 430 -14.59 3.56 9.45
CA ASN A 430 -13.72 4.02 8.38
C ASN A 430 -12.64 4.97 8.89
N TRP A 431 -12.95 5.77 9.92
CA TRP A 431 -11.93 6.57 10.59
C TRP A 431 -10.82 5.68 11.15
N GLU A 432 -11.19 4.49 11.64
CA GLU A 432 -10.23 3.48 12.03
C GLU A 432 -9.24 3.20 10.91
N ARG A 433 -9.76 3.02 9.69
CA ARG A 433 -8.90 2.87 8.52
C ARG A 433 -7.98 4.07 8.38
N TYR A 434 -8.55 5.27 8.47
CA TYR A 434 -7.74 6.49 8.35
C TYR A 434 -6.70 6.58 9.45
N LEU A 435 -6.93 5.92 10.59
CA LEU A 435 -5.79 5.82 11.49
C LEU A 435 -4.84 4.79 10.92
N ALA A 436 -5.28 3.53 10.89
CA ALA A 436 -4.36 2.40 10.83
C ALA A 436 -3.59 2.40 9.53
N GLU A 437 -4.32 2.45 8.40
CA GLU A 437 -3.72 2.45 7.07
C GLU A 437 -2.70 3.56 6.93
N ALA A 438 -3.05 4.76 7.44
CA ALA A 438 -2.15 5.90 7.28
C ALA A 438 -0.81 5.63 7.94
N GLN A 439 -0.84 5.10 9.17
CA GLN A 439 0.40 4.75 9.84
C GLN A 439 1.13 3.68 9.06
N GLY A 440 0.39 2.65 8.62
CA GLY A 440 0.98 1.64 7.76
C GLY A 440 1.51 2.24 6.47
N THR A 441 0.76 3.18 5.89
CA THR A 441 1.22 3.85 4.68
C THR A 441 2.50 4.59 4.95
N TYR A 442 2.56 5.25 6.12
CA TYR A 442 3.76 5.99 6.50
C TYR A 442 4.95 5.05 6.56
N GLU A 443 4.73 3.84 7.10
CA GLU A 443 5.79 2.86 7.21
C GLU A 443 6.37 2.55 5.84
N GLU A 444 5.49 2.31 4.87
CA GLU A 444 5.95 2.02 3.51
C GLU A 444 6.75 3.19 2.96
N LEU A 445 6.22 4.40 3.12
CA LEU A 445 6.91 5.58 2.65
C LEU A 445 8.24 5.74 3.37
N GLN A 446 8.23 5.48 4.69
CA GLN A 446 9.45 5.58 5.48
C GLN A 446 10.50 4.63 4.94
N ARG A 447 10.07 3.40 4.62
CA ARG A 447 10.98 2.40 4.07
C ARG A 447 11.62 2.91 2.79
N GLU A 448 10.79 3.48 1.91
CA GLU A 448 11.28 3.94 0.62
C GLU A 448 12.32 5.02 0.80
N MET A 449 12.09 5.92 1.77
CA MET A 449 13.03 7.00 2.01
C MET A 449 14.39 6.46 2.37
N LYS A 450 14.42 5.45 3.26
CA LYS A 450 15.68 4.85 3.67
C LYS A 450 16.39 4.26 2.47
N LYS A 451 15.63 3.53 1.63
CA LYS A 451 16.22 2.89 0.46
C LYS A 451 16.86 3.92 -0.45
N SER A 452 16.17 5.06 -0.64
CA SER A 452 16.68 6.07 -1.54
C SER A 452 18.03 6.59 -1.06
N LEU A 453 18.12 6.85 0.25
CA LEU A 453 19.36 7.36 0.81
C LEU A 453 20.49 6.37 0.58
N MET A 454 20.20 5.08 0.80
CA MET A 454 21.24 4.07 0.66
C MET A 454 21.78 4.04 -0.75
N ASP A 455 20.90 4.24 -1.74
CA ASP A 455 21.34 4.22 -3.13
C ASP A 455 22.38 5.28 -3.37
N LEU A 456 22.12 6.50 -2.88
CA LEU A 456 23.07 7.60 -3.06
C LEU A 456 24.39 7.27 -2.40
N ALA A 457 24.33 6.63 -1.22
CA ALA A 457 25.54 6.27 -0.50
C ALA A 457 26.40 5.34 -1.34
N ASN A 458 25.76 4.34 -1.97
CA ASN A 458 26.50 3.37 -2.77
C ASN A 458 27.23 4.08 -3.91
N ASP A 459 26.59 5.10 -4.48
CA ASP A 459 27.17 5.80 -5.62
C ASP A 459 28.49 6.43 -5.24
N ALA A 460 28.58 6.96 -4.02
CA ALA A 460 29.78 7.66 -3.61
C ALA A 460 30.98 6.74 -3.54
N CYS A 461 30.75 5.43 -3.37
CA CYS A 461 31.86 4.49 -3.35
C CYS A 461 32.64 4.53 -4.66
N GLN A 462 31.93 4.65 -5.79
CA GLN A 462 32.60 4.70 -7.08
C GLN A 462 33.50 5.93 -7.19
N LEU A 463 33.15 7.01 -6.49
CA LEU A 463 33.94 8.22 -6.55
C LEU A 463 35.32 8.05 -5.93
N LEU A 464 35.56 6.95 -5.21
CA LEU A 464 36.91 6.70 -4.69
C LEU A 464 37.87 6.37 -5.82
N SER A 465 37.36 5.85 -6.94
CA SER A 465 38.20 5.33 -8.01
C SER A 465 39.09 6.43 -8.58
N GLY A 466 40.40 6.18 -8.60
CA GLY A 466 41.36 7.13 -9.10
C GLY A 466 41.40 8.44 -8.35
N GLU A 467 40.96 8.44 -7.09
CA GLU A 467 40.77 9.65 -6.29
C GLU A 467 39.87 10.66 -7.00
N ARG A 468 38.87 10.15 -7.71
CA ARG A 468 37.86 11.01 -8.33
C ARG A 468 37.11 11.83 -7.29
N TYR A 469 36.98 11.33 -6.06
CA TYR A 469 36.37 12.07 -4.97
C TYR A 469 37.16 13.33 -4.62
N LYS A 470 38.41 13.44 -5.05
CA LYS A 470 39.17 14.67 -4.86
C LYS A 470 38.78 15.77 -5.84
N GLU A 471 37.73 15.56 -6.65
CA GLU A 471 37.26 16.59 -7.57
C GLU A 471 35.80 16.96 -7.38
N ASP A 472 35.03 16.21 -6.60
CA ASP A 472 33.60 16.46 -6.49
C ASP A 472 33.32 17.73 -5.69
N PRO A 473 32.30 18.50 -6.06
CA PRO A 473 31.97 19.69 -5.28
C PRO A 473 31.34 19.40 -3.92
N TRP A 474 30.69 18.25 -3.76
CA TRP A 474 29.97 17.98 -2.51
C TRP A 474 30.70 17.03 -1.58
N LEU A 475 31.26 15.94 -2.10
CA LEU A 475 31.74 14.83 -1.28
C LEU A 475 33.26 14.82 -1.15
N TRP A 476 33.87 15.99 -0.98
CA TRP A 476 35.33 16.11 -1.04
C TRP A 476 35.96 16.41 0.32
N ASP A 477 35.18 16.40 1.40
CA ASP A 477 35.70 16.74 2.71
C ASP A 477 35.24 15.73 3.74
N LEU A 478 35.37 14.45 3.40
CA LEU A 478 35.00 13.37 4.31
C LEU A 478 36.21 12.46 4.53
N GLU A 479 36.01 11.43 5.36
CA GLU A 479 37.09 10.50 5.72
C GLU A 479 37.04 9.30 4.78
N TRP A 480 37.85 9.36 3.71
CA TRP A 480 37.82 8.36 2.66
C TRP A 480 38.98 7.38 2.70
N ASP A 481 40.04 7.66 3.46
CA ASP A 481 41.28 6.91 3.35
C ASP A 481 41.10 5.45 3.77
N LEU A 482 41.74 4.56 3.02
CA LEU A 482 41.56 3.13 3.23
C LEU A 482 42.27 2.68 4.49
N GLN A 483 41.69 1.68 5.15
CA GLN A 483 42.28 1.08 6.33
C GLN A 483 43.01 -0.19 5.93
N GLU A 484 44.27 -0.30 6.36
CA GLU A 484 45.05 -1.49 6.05
C GLU A 484 44.56 -2.67 6.91
N PHE A 485 45.00 -3.86 6.54
CA PHE A 485 44.51 -5.09 7.15
C PHE A 485 45.61 -5.73 7.99
N LYS A 486 45.23 -6.22 9.16
CA LYS A 486 46.17 -6.83 10.10
C LYS A 486 46.08 -8.34 10.05
N GLN A 487 46.98 -8.99 10.77
CA GLN A 487 47.04 -10.44 10.81
C GLN A 487 47.09 -10.95 12.24
N SER A 524 33.36 -45.83 -12.44
CA SER A 524 32.86 -46.30 -11.15
C SER A 524 32.51 -45.12 -10.24
N GLU A 525 31.56 -45.33 -9.34
CA GLU A 525 31.18 -44.30 -8.40
C GLU A 525 32.27 -44.04 -7.36
N GLU A 526 33.15 -45.02 -7.13
CA GLU A 526 34.21 -44.87 -6.14
C GLU A 526 35.20 -43.79 -6.53
N GLU A 527 35.46 -43.61 -7.84
CA GLU A 527 36.38 -42.58 -8.29
C GLU A 527 35.88 -41.18 -7.94
N GLU A 528 34.63 -40.89 -8.32
CA GLU A 528 34.04 -39.59 -8.02
C GLU A 528 33.87 -39.39 -6.53
N PHE A 529 33.49 -40.45 -5.80
CA PHE A 529 33.32 -40.35 -4.36
C PHE A 529 34.64 -40.03 -3.66
N GLN A 530 35.72 -40.73 -4.05
CA GLN A 530 37.02 -40.47 -3.44
C GLN A 530 37.51 -39.07 -3.78
N GLN A 531 37.33 -38.63 -5.03
CA GLN A 531 37.75 -37.28 -5.41
C GLN A 531 36.99 -36.22 -4.63
N ASP A 532 35.67 -36.39 -4.49
CA ASP A 532 34.86 -35.42 -3.76
C ASP A 532 35.22 -35.39 -2.29
N VAL A 533 35.41 -36.57 -1.68
CA VAL A 533 35.75 -36.64 -0.26
C VAL A 533 37.12 -36.00 -0.01
N MET A 534 38.10 -36.28 -0.87
CA MET A 534 39.42 -35.71 -0.71
C MET A 534 39.41 -34.19 -0.89
N ALA A 535 38.65 -33.70 -1.87
CA ALA A 535 38.54 -32.25 -2.06
C ALA A 535 37.89 -31.58 -0.86
N ARG A 536 36.82 -32.18 -0.34
CA ARG A 536 36.14 -31.62 0.83
C ARG A 536 37.03 -31.66 2.07
N ALA A 537 37.83 -32.72 2.21
CA ALA A 537 38.75 -32.82 3.33
C ALA A 537 39.83 -31.75 3.24
N CYS A 538 40.35 -31.49 2.05
CA CYS A 538 41.31 -30.40 1.87
C CYS A 538 40.67 -29.06 2.16
N LEU A 539 39.41 -28.89 1.77
CA LEU A 539 38.68 -27.66 2.05
C LEU A 539 38.54 -27.44 3.55
N GLN A 540 38.18 -28.48 4.30
CA GLN A 540 38.03 -28.35 5.74
C GLN A 540 39.38 -28.18 6.43
N LYS A 541 40.45 -28.75 5.85
CA LYS A 541 41.78 -28.51 6.39
C LYS A 541 42.21 -27.06 6.19
N LEU A 542 41.84 -26.47 5.05
CA LEU A 542 42.06 -25.04 4.86
C LEU A 542 41.18 -24.22 5.81
N LYS A 543 39.97 -24.71 6.10
CA LYS A 543 39.13 -24.10 7.11
C LYS A 543 39.76 -24.16 8.49
N GLY A 544 40.62 -25.16 8.72
CA GLY A 544 41.31 -25.28 9.99
C GLY A 544 42.32 -24.17 10.25
N THR A 545 42.74 -23.46 9.21
CA THR A 545 43.72 -22.37 9.35
C THR A 545 43.02 -21.18 10.00
N THR A 546 42.83 -21.28 11.31
CA THR A 546 42.09 -20.26 12.04
C THR A 546 42.85 -19.73 13.25
N GLU A 547 44.06 -20.22 13.51
CA GLU A 547 44.85 -19.75 14.64
C GLU A 547 45.73 -18.57 14.25
N LEU A 548 45.11 -17.57 13.64
CA LEU A 548 45.74 -16.32 13.27
C LEU A 548 44.62 -15.32 13.02
N LEU A 549 44.98 -14.13 12.51
CA LEU A 549 44.14 -12.95 12.27
C LEU A 549 43.61 -12.39 13.58
N PRO A 550 43.35 -11.08 13.66
CA PRO A 550 42.80 -10.50 14.89
C PRO A 550 41.42 -11.06 15.21
N LYS A 551 41.22 -11.41 16.48
CA LYS A 551 39.94 -11.95 16.92
C LYS A 551 38.83 -10.91 16.79
N ARG A 552 39.12 -9.67 17.14
CA ARG A 552 38.21 -8.58 16.82
C ARG A 552 38.35 -8.24 15.35
N PRO A 553 37.29 -8.34 14.55
CA PRO A 553 37.40 -8.01 13.13
C PRO A 553 37.47 -6.50 12.92
N GLN A 554 38.22 -6.10 11.91
CA GLN A 554 38.19 -4.72 11.46
C GLN A 554 36.88 -4.45 10.73
N HIS A 555 36.22 -3.35 11.08
CA HIS A 555 34.91 -3.02 10.53
C HIS A 555 35.09 -2.52 9.11
N LEU A 556 35.12 -3.47 8.17
CA LEU A 556 35.17 -3.25 6.72
C LEU A 556 36.31 -2.33 6.31
N PRO A 557 37.55 -2.80 6.35
CA PRO A 557 38.67 -1.95 5.93
C PRO A 557 38.67 -1.77 4.43
N GLY A 558 39.35 -0.72 3.98
CA GLY A 558 39.45 -0.38 2.57
C GLY A 558 38.38 0.56 2.08
N HIS A 559 37.16 0.44 2.62
CA HIS A 559 36.09 1.36 2.31
C HIS A 559 36.41 2.75 2.84
N PRO A 560 35.76 3.79 2.33
CA PRO A 560 35.83 5.10 2.98
C PRO A 560 35.33 5.01 4.42
N GLY A 561 35.99 5.75 5.31
CA GLY A 561 35.72 5.62 6.73
C GLY A 561 34.31 6.03 7.11
N TRP A 562 33.77 7.06 6.44
CA TRP A 562 32.40 7.47 6.70
C TRP A 562 31.40 6.41 6.25
N TYR A 563 31.75 5.61 5.24
CA TYR A 563 30.86 4.54 4.83
C TYR A 563 30.83 3.44 5.88
N ARG A 564 31.96 3.20 6.55
CA ARG A 564 31.96 2.34 7.73
C ARG A 564 31.12 2.96 8.84
N LYS A 565 31.24 4.28 9.02
CA LYS A 565 30.46 4.99 10.04
C LYS A 565 28.96 4.88 9.78
N LEU A 566 28.56 4.79 8.52
CA LEU A 566 27.16 4.53 8.20
C LEU A 566 26.80 3.07 8.25
N CYS A 567 27.77 2.19 8.45
CA CYS A 567 27.44 0.77 8.34
C CYS A 567 27.31 0.13 9.71
N PRO A 568 26.43 -0.87 9.84
CA PRO A 568 26.36 -1.62 11.10
C PRO A 568 27.57 -2.55 11.24
N ARG A 569 28.05 -2.67 12.47
CA ARG A 569 29.14 -3.58 12.77
C ARG A 569 28.68 -5.02 12.58
N LEU A 570 29.62 -5.87 12.19
CA LEU A 570 29.28 -7.24 11.78
C LEU A 570 28.77 -8.07 12.95
N ASP A 571 29.27 -7.82 14.16
CA ASP A 571 28.89 -8.65 15.30
C ASP A 571 27.48 -8.35 15.80
N ASP A 572 27.02 -7.12 15.62
CA ASP A 572 25.75 -6.69 16.21
C ASP A 572 24.58 -7.42 15.57
N PRO A 573 23.65 -7.96 16.36
CA PRO A 573 22.52 -8.71 15.79
C PRO A 573 21.52 -7.84 15.03
N ALA A 574 21.57 -6.52 15.20
CA ALA A 574 20.74 -5.62 14.40
C ALA A 574 21.47 -5.22 13.12
N TRP A 575 21.80 -6.23 12.33
CA TRP A 575 22.56 -6.06 11.10
C TRP A 575 21.67 -6.26 9.90
N THR A 576 21.80 -5.38 8.92
CA THR A 576 21.04 -5.37 7.68
C THR A 576 21.99 -4.96 6.56
N PRO A 577 21.74 -5.40 5.32
CA PRO A 577 22.69 -5.12 4.24
C PRO A 577 22.79 -3.65 3.91
N GLY A 578 23.97 -3.24 3.48
CA GLY A 578 24.21 -1.87 3.11
C GLY A 578 24.34 -0.97 4.33
N PRO A 579 24.37 0.33 4.10
CA PRO A 579 24.39 1.29 5.21
C PRO A 579 23.00 1.47 5.83
N SER A 580 22.63 0.53 6.69
CA SER A 580 21.31 0.55 7.30
C SER A 580 21.20 1.59 8.40
N LEU A 581 22.33 2.08 8.93
CA LEU A 581 22.31 3.04 10.01
C LEU A 581 22.06 4.47 9.53
N LEU A 582 22.03 4.70 8.22
CA LEU A 582 21.88 6.05 7.70
C LEU A 582 20.46 6.55 7.91
N SER A 583 20.33 7.75 8.44
CA SER A 583 19.05 8.42 8.60
C SER A 583 19.07 9.74 7.83
N LEU A 584 17.90 10.36 7.72
CA LEU A 584 17.75 11.57 6.93
C LEU A 584 18.46 12.77 7.55
N GLN A 585 18.79 12.72 8.83
CA GLN A 585 19.28 13.87 9.56
C GLN A 585 20.79 13.82 9.81
N MET A 586 21.49 12.86 9.21
CA MET A 586 22.93 12.79 9.39
C MET A 586 23.62 13.88 8.59
N ARG A 587 24.85 14.22 9.00
CA ARG A 587 25.62 15.23 8.31
C ARG A 587 26.08 14.77 6.93
N VAL A 588 26.03 13.48 6.64
CA VAL A 588 26.39 12.97 5.33
C VAL A 588 25.18 12.90 4.40
N THR A 589 23.97 13.04 4.93
CA THR A 589 22.78 13.02 4.08
C THR A 589 22.72 14.15 3.06
N PRO A 590 22.94 15.44 3.41
CA PRO A 590 22.84 16.45 2.35
C PRO A 590 23.97 16.38 1.35
N LYS A 591 25.17 16.02 1.79
CA LYS A 591 26.29 15.92 0.87
C LYS A 591 26.11 14.76 -0.10
N LEU A 592 25.50 13.66 0.36
CA LEU A 592 25.15 12.59 -0.56
C LEU A 592 23.99 12.98 -1.47
N MET A 593 23.15 13.91 -1.03
CA MET A 593 22.07 14.38 -1.90
C MET A 593 22.53 15.38 -2.96
N ALA A 594 23.75 15.90 -2.86
CA ALA A 594 24.32 16.86 -3.80
C ALA A 594 23.43 18.10 -3.95
N LEU A 595 23.03 18.65 -2.81
CA LEU A 595 22.05 19.72 -2.78
C LEU A 595 22.60 21.01 -3.39
N THR A 596 21.73 21.74 -4.08
CA THR A 596 22.07 22.98 -4.74
C THR A 596 21.17 24.10 -4.24
N TRP A 597 21.78 25.19 -3.78
CA TRP A 597 21.04 26.38 -3.37
C TRP A 597 21.14 27.41 -4.49
N ASP A 598 20.26 27.26 -5.47
CA ASP A 598 20.09 28.19 -6.59
C ASP A 598 21.41 28.38 -7.35
N GLY A 599 21.86 27.28 -7.96
CA GLY A 599 23.05 27.28 -8.78
C GLY A 599 24.34 27.06 -8.04
N PHE A 600 24.32 26.99 -6.71
CA PHE A 600 25.54 26.80 -5.95
C PHE A 600 25.35 25.67 -4.94
N PRO A 601 26.40 24.91 -4.66
CA PRO A 601 26.28 23.80 -3.71
C PRO A 601 26.23 24.29 -2.27
N LEU A 602 25.70 23.43 -1.40
CA LEU A 602 25.70 23.66 0.03
C LEU A 602 27.08 23.37 0.60
N HIS A 603 27.30 23.82 1.83
CA HIS A 603 28.54 23.58 2.54
C HIS A 603 28.25 23.65 4.04
N TYR A 604 28.74 22.65 4.77
CA TYR A 604 28.56 22.60 6.21
C TYR A 604 29.88 22.82 6.92
N SER A 605 29.81 23.51 8.06
CA SER A 605 30.91 23.63 8.98
C SER A 605 30.35 23.54 10.39
N GLU A 606 31.07 22.85 11.26
CA GLU A 606 30.73 22.90 12.68
C GLU A 606 30.97 24.28 13.27
N ARG A 607 31.84 25.07 12.63
CA ARG A 607 32.11 26.41 13.10
C ARG A 607 30.94 27.36 12.85
N HIS A 608 30.39 27.33 11.64
CA HIS A 608 29.43 28.36 11.24
C HIS A 608 28.25 27.78 10.47
N GLY A 609 27.82 26.58 10.83
CA GLY A 609 26.57 26.05 10.31
C GLY A 609 26.60 25.73 8.82
N TRP A 610 25.44 25.87 8.18
CA TRP A 610 25.29 25.59 6.76
C TRP A 610 25.25 26.90 5.97
N GLY A 611 25.83 26.86 4.78
CA GLY A 611 25.76 27.97 3.86
C GLY A 611 26.00 27.47 2.46
N TYR A 612 26.40 28.38 1.58
CA TYR A 612 26.66 28.02 0.20
C TYR A 612 27.96 28.64 -0.28
N LEU A 613 28.64 27.89 -1.15
CA LEU A 613 29.91 28.28 -1.75
C LEU A 613 29.66 28.73 -3.18
N VAL A 614 30.13 29.93 -3.52
CA VAL A 614 29.95 30.52 -4.83
C VAL A 614 31.34 30.73 -5.44
N PRO A 615 31.61 30.26 -6.66
CA PRO A 615 32.94 30.46 -7.25
C PRO A 615 33.21 31.91 -7.61
N GLY A 616 33.39 32.76 -6.61
CA GLY A 616 33.63 34.17 -6.85
C GLY A 616 34.94 34.67 -6.28
N ARG A 617 35.43 34.02 -5.23
CA ARG A 617 36.66 34.43 -4.60
C ARG A 617 37.86 33.97 -5.43
N ARG A 618 39.03 34.53 -5.10
CA ARG A 618 40.26 34.18 -5.80
C ARG A 618 41.47 34.32 -4.90
N HIS A 724 25.70 39.07 -5.14
CA HIS A 724 25.70 40.05 -4.07
C HIS A 724 26.24 39.46 -2.77
N GLY A 725 25.36 39.15 -1.84
CA GLY A 725 25.80 38.55 -0.59
C GLY A 725 24.64 38.35 0.35
N ASN A 726 24.84 37.40 1.27
CA ASN A 726 23.87 37.13 2.34
C ASN A 726 24.65 36.55 3.51
N GLY A 727 24.96 37.40 4.49
CA GLY A 727 25.74 36.98 5.63
C GLY A 727 27.16 36.60 5.24
N PRO A 728 27.99 37.58 4.89
CA PRO A 728 29.35 37.25 4.44
C PRO A 728 30.22 36.75 5.58
N TYR A 729 31.04 35.75 5.28
CA TYR A 729 32.01 35.19 6.23
C TYR A 729 33.36 35.14 5.53
N ASN A 730 34.09 36.25 5.60
CA ASN A 730 35.41 36.32 4.97
C ASN A 730 36.46 35.49 5.71
N ASP A 731 36.17 35.05 6.94
CA ASP A 731 37.11 34.22 7.68
C ASP A 731 37.22 32.82 7.07
N VAL A 732 36.14 32.31 6.49
CA VAL A 732 36.12 30.98 5.88
C VAL A 732 36.86 31.09 4.55
N ASP A 733 38.13 30.67 4.55
CA ASP A 733 38.99 30.81 3.36
C ASP A 733 38.89 29.56 2.49
N ILE A 734 37.69 29.35 1.95
CA ILE A 734 37.50 28.29 0.96
C ILE A 734 38.13 28.71 -0.36
N PRO A 735 38.98 27.88 -0.97
CA PRO A 735 39.69 28.31 -2.18
C PRO A 735 38.79 28.49 -3.39
N GLY A 736 38.65 29.75 -3.83
CA GLY A 736 37.93 30.07 -5.05
C GLY A 736 36.45 30.34 -4.87
N CYS A 737 35.86 29.94 -3.75
CA CYS A 737 34.43 30.07 -3.53
C CYS A 737 34.18 30.80 -2.23
N TRP A 738 33.49 31.94 -2.30
CA TRP A 738 33.04 32.63 -1.11
C TRP A 738 31.90 31.87 -0.44
N PHE A 739 31.87 31.92 0.89
CA PHE A 739 30.91 31.20 1.69
C PHE A 739 29.91 32.19 2.29
N PHE A 740 28.63 32.01 1.97
CA PHE A 740 27.58 32.86 2.50
C PHE A 740 26.60 31.99 3.28
N LYS A 741 26.34 32.37 4.52
CA LYS A 741 25.57 31.54 5.43
C LYS A 741 24.12 31.42 4.97
N LEU A 742 23.54 30.24 5.15
CA LEU A 742 22.17 29.99 4.75
C LEU A 742 21.22 30.77 5.66
N PRO A 743 20.14 31.31 5.12
CA PRO A 743 19.18 32.05 5.96
C PRO A 743 18.46 31.14 6.94
N HIS A 744 18.03 31.75 8.05
CA HIS A 744 17.43 31.04 9.17
C HIS A 744 16.14 31.73 9.55
N LYS A 745 15.33 31.06 10.37
CA LYS A 745 14.13 31.66 10.91
C LYS A 745 14.44 32.81 11.86
N ASP A 746 15.65 32.85 12.42
CA ASP A 746 16.02 33.89 13.38
C ASP A 746 17.22 34.70 12.87
N GLY A 747 17.19 35.07 11.60
CA GLY A 747 18.19 35.98 11.07
C GLY A 747 19.56 35.34 10.89
N ASN A 748 20.56 36.21 10.75
CA ASN A 748 21.94 35.79 10.55
C ASN A 748 22.69 35.56 11.86
N SER A 749 22.06 35.81 13.00
CA SER A 749 22.72 35.62 14.29
C SER A 749 22.63 34.19 14.78
N CYS A 750 21.82 33.35 14.17
CA CYS A 750 21.65 31.97 14.58
C CYS A 750 22.19 31.02 13.52
N ASN A 751 22.31 29.76 13.89
CA ASN A 751 22.83 28.71 13.02
C ASN A 751 21.72 27.71 12.70
N VAL A 752 21.70 27.25 11.45
CA VAL A 752 20.69 26.31 10.99
C VAL A 752 21.22 24.89 11.21
N GLY A 753 20.34 24.01 11.68
CA GLY A 753 20.71 22.63 11.87
C GLY A 753 20.65 21.84 10.58
N SER A 754 19.98 20.70 10.59
CA SER A 754 19.81 19.93 9.36
C SER A 754 18.97 20.71 8.37
N PRO A 755 19.36 20.74 7.08
CA PRO A 755 18.58 21.52 6.10
C PRO A 755 17.16 21.02 5.90
N PHE A 756 16.87 19.78 6.28
CA PHE A 756 15.50 19.28 6.23
C PHE A 756 14.77 19.78 7.47
N ALA A 757 14.37 21.05 7.43
CA ALA A 757 13.70 21.71 8.53
C ALA A 757 12.30 22.12 8.11
N LYS A 758 11.46 22.37 9.12
CA LYS A 758 10.09 22.79 8.86
C LYS A 758 10.06 24.16 8.18
N ASP A 759 10.88 25.09 8.68
CA ASP A 759 10.93 26.43 8.12
C ASP A 759 11.55 26.43 6.73
N PHE A 760 12.39 25.46 6.42
CA PHE A 760 12.88 25.30 5.06
C PHE A 760 11.89 24.57 4.16
N LEU A 761 10.78 24.08 4.72
CA LEU A 761 9.78 23.37 3.92
C LEU A 761 9.15 24.23 2.82
N PRO A 762 8.74 25.50 3.04
CA PRO A 762 8.31 26.30 1.88
C PRO A 762 9.42 26.54 0.87
N LYS A 763 10.66 26.70 1.34
CA LYS A 763 11.79 26.82 0.43
C LYS A 763 12.00 25.55 -0.37
N MET A 764 11.61 24.40 0.18
CA MET A 764 11.64 23.17 -0.60
C MET A 764 10.57 23.16 -1.67
N GLU A 765 9.48 23.89 -1.48
CA GLU A 765 8.37 23.81 -2.41
C GLU A 765 8.66 24.56 -3.70
N ASP A 766 9.29 25.74 -3.61
CA ASP A 766 9.46 26.62 -4.76
C ASP A 766 10.81 26.43 -5.45
N GLY A 767 11.40 25.25 -5.33
CA GLY A 767 12.63 24.95 -6.04
C GLY A 767 13.85 25.74 -5.62
N THR A 768 13.97 26.04 -4.33
CA THR A 768 15.16 26.69 -3.80
C THR A 768 16.21 25.69 -3.33
N LEU A 769 15.90 24.39 -3.39
CA LEU A 769 16.84 23.35 -2.99
C LEU A 769 16.50 22.09 -3.78
N GLN A 770 17.25 21.85 -4.87
CA GLN A 770 17.05 20.68 -5.70
C GLN A 770 18.38 19.97 -5.91
N ALA A 771 18.31 18.67 -6.18
CA ALA A 771 19.53 17.88 -6.35
C ALA A 771 20.11 18.04 -7.75
N GLY A 772 19.37 17.62 -8.76
CA GLY A 772 19.79 17.65 -10.15
C GLY A 772 20.46 16.39 -10.69
N PRO A 773 21.73 16.16 -10.37
CA PRO A 773 22.36 14.87 -10.72
C PRO A 773 21.69 13.70 -10.01
N GLY A 774 21.58 12.59 -10.72
CA GLY A 774 20.76 11.49 -10.25
C GLY A 774 19.30 11.90 -10.26
N GLY A 775 18.76 12.11 -11.46
CA GLY A 775 17.47 12.78 -11.62
C GLY A 775 16.29 12.02 -11.04
N ALA A 776 16.43 10.72 -10.80
CA ALA A 776 15.33 9.95 -10.22
C ALA A 776 15.44 9.88 -8.69
N SER A 777 16.53 9.31 -8.18
CA SER A 777 16.65 9.06 -6.75
C SER A 777 17.22 10.25 -5.98
N GLY A 778 17.76 11.25 -6.67
CA GLY A 778 18.21 12.45 -6.02
C GLY A 778 17.06 13.28 -5.49
N PRO A 779 16.28 13.84 -6.40
CA PRO A 779 15.02 14.51 -6.01
C PRO A 779 13.85 13.54 -5.86
N ARG A 780 14.02 12.54 -5.01
CA ARG A 780 12.90 11.68 -4.62
C ARG A 780 12.68 11.65 -3.12
N ALA A 781 13.76 11.55 -2.34
CA ALA A 781 13.64 11.61 -0.89
C ALA A 781 13.19 13.00 -0.43
N LEU A 782 13.52 14.03 -1.20
CA LEU A 782 12.98 15.36 -0.95
C LEU A 782 11.46 15.35 -1.05
N GLU A 783 10.94 14.73 -2.10
CA GLU A 783 9.49 14.66 -2.29
C GLU A 783 8.84 13.80 -1.21
N ILE A 784 9.50 12.71 -0.81
CA ILE A 784 8.96 11.86 0.25
C ILE A 784 8.90 12.61 1.58
N ASN A 785 9.95 13.37 1.90
CA ASN A 785 9.96 14.16 3.13
C ASN A 785 8.89 15.24 3.10
N LYS A 786 8.77 15.95 1.97
CA LYS A 786 7.74 16.97 1.82
C LYS A 786 6.34 16.37 1.84
N MET A 787 6.20 15.08 1.53
CA MET A 787 4.91 14.43 1.66
C MET A 787 4.63 14.01 3.11
N ILE A 788 5.62 13.45 3.80
CA ILE A 788 5.37 12.82 5.09
C ILE A 788 5.56 13.81 6.22
N SER A 789 5.81 15.09 5.90
CA SER A 789 5.96 16.11 6.94
C SER A 789 4.72 16.20 7.83
N PHE A 790 3.53 16.22 7.23
CA PHE A 790 2.30 16.37 8.00
C PHE A 790 2.06 15.19 8.94
N TRP A 791 2.17 13.96 8.41
CA TRP A 791 1.88 12.81 9.26
C TRP A 791 2.98 12.60 10.29
N ARG A 792 4.24 12.89 9.95
CA ARG A 792 5.32 12.80 10.92
C ARG A 792 5.12 13.79 12.06
N ASN A 793 4.61 14.98 11.75
CA ASN A 793 4.37 15.95 12.82
C ASN A 793 3.13 15.62 13.63
N ALA A 794 2.10 15.03 13.04
CA ALA A 794 0.81 14.94 13.71
C ALA A 794 0.33 13.53 14.02
N HIS A 795 1.17 12.50 13.84
CA HIS A 795 0.69 11.15 14.06
C HIS A 795 0.46 10.86 15.53
N LYS A 796 1.26 11.45 16.42
CA LYS A 796 1.03 11.30 17.85
C LYS A 796 -0.29 11.94 18.25
N ARG A 797 -0.61 13.11 17.69
CA ARG A 797 -1.86 13.79 18.01
C ARG A 797 -3.05 13.01 17.49
N ILE A 798 -3.00 12.57 16.24
CA ILE A 798 -4.15 11.87 15.64
C ILE A 798 -4.35 10.51 16.29
N SER A 799 -3.27 9.80 16.60
CA SER A 799 -3.40 8.52 17.29
C SER A 799 -3.88 8.69 18.73
N SER A 800 -3.71 9.87 19.33
CA SER A 800 -4.08 10.08 20.72
C SER A 800 -5.54 10.46 20.90
N GLN A 801 -6.33 10.52 19.84
CA GLN A 801 -7.72 10.89 19.97
C GLN A 801 -8.50 9.82 20.74
N MET A 802 -9.42 10.27 21.59
CA MET A 802 -10.19 9.38 22.45
C MET A 802 -11.55 9.15 21.79
N VAL A 803 -11.55 8.27 20.79
CA VAL A 803 -12.80 7.92 20.11
C VAL A 803 -13.65 7.06 21.04
N VAL A 804 -14.92 7.42 21.18
CA VAL A 804 -15.83 6.70 22.06
C VAL A 804 -16.92 6.06 21.20
N TRP A 805 -17.01 4.72 21.28
CA TRP A 805 -17.86 3.95 20.36
C TRP A 805 -19.24 3.75 20.96
N LEU A 806 -20.24 4.26 20.27
CA LEU A 806 -21.60 4.33 20.82
C LEU A 806 -22.27 2.95 20.74
N PRO A 807 -22.83 2.47 21.85
CA PRO A 807 -23.66 1.26 21.77
C PRO A 807 -24.99 1.55 21.07
N ARG A 808 -25.55 0.51 20.46
CA ARG A 808 -26.76 0.67 19.67
C ARG A 808 -28.00 0.91 20.51
N SER A 809 -27.98 0.50 21.79
CA SER A 809 -29.18 0.59 22.62
C SER A 809 -29.58 2.04 22.87
N ALA A 810 -28.61 2.92 23.08
CA ALA A 810 -28.88 4.34 23.27
C ALA A 810 -28.79 5.13 21.97
N LEU A 811 -28.49 4.48 20.85
CA LEU A 811 -28.49 5.15 19.57
C LEU A 811 -29.92 5.57 19.18
N PRO A 812 -30.07 6.65 18.43
CA PRO A 812 -31.41 7.11 18.04
C PRO A 812 -32.11 6.10 17.14
N ARG A 813 -33.45 6.08 17.24
CA ARG A 813 -34.26 5.24 16.38
C ARG A 813 -34.29 5.72 14.94
N ALA A 814 -33.83 6.94 14.67
CA ALA A 814 -33.74 7.42 13.29
C ALA A 814 -32.78 6.58 12.47
N VAL A 815 -31.65 6.19 13.06
CA VAL A 815 -30.71 5.34 12.35
C VAL A 815 -31.07 3.86 12.51
N ILE A 816 -31.75 3.50 13.61
CA ILE A 816 -32.12 2.11 13.83
C ILE A 816 -33.19 1.66 12.85
N ARG A 817 -34.23 2.49 12.65
CA ARG A 817 -35.27 2.16 11.69
C ARG A 817 -34.80 2.37 10.26
N HIS A 818 -33.75 3.16 10.04
CA HIS A 818 -33.23 3.36 8.70
C HIS A 818 -32.49 2.11 8.23
N PRO A 819 -32.68 1.69 6.97
CA PRO A 819 -31.97 0.51 6.46
C PRO A 819 -30.48 0.73 6.23
N ASP A 820 -30.00 1.98 6.29
CA ASP A 820 -28.61 2.28 5.97
C ASP A 820 -27.66 2.06 7.14
N TYR A 821 -28.16 1.63 8.30
CA TYR A 821 -27.29 1.35 9.43
C TYR A 821 -26.43 0.12 9.15
N ASP A 822 -25.16 0.20 9.54
CA ASP A 822 -24.23 -0.92 9.40
C ASP A 822 -24.29 -1.75 10.68
N GLU A 823 -25.01 -2.88 10.63
CA GLU A 823 -25.18 -3.69 11.82
C GLU A 823 -23.93 -4.48 12.16
N GLU A 824 -23.08 -4.78 11.16
CA GLU A 824 -21.86 -5.52 11.42
C GLU A 824 -20.89 -4.72 12.28
N GLY A 825 -20.78 -3.42 12.02
CA GLY A 825 -19.91 -2.55 12.78
C GLY A 825 -20.68 -1.66 13.75
N LEU A 826 -19.95 -0.71 14.32
CA LEU A 826 -20.51 0.27 15.25
C LEU A 826 -20.11 1.67 14.80
N TYR A 827 -20.74 2.67 15.40
CA TYR A 827 -20.39 4.06 15.18
C TYR A 827 -19.76 4.62 16.45
N GLY A 828 -19.39 5.89 16.40
CA GLY A 828 -18.82 6.52 17.58
C GLY A 828 -18.72 8.01 17.40
N ALA A 829 -18.14 8.63 18.41
CA ALA A 829 -17.98 10.09 18.42
C ALA A 829 -16.54 10.44 18.81
N ILE A 830 -16.08 11.53 18.22
CA ILE A 830 -14.90 12.25 18.68
C ILE A 830 -15.40 13.57 19.23
N LEU A 831 -15.07 13.84 20.49
CA LEU A 831 -15.37 15.13 21.09
C LEU A 831 -14.13 15.99 20.94
N PRO A 832 -14.18 17.08 20.19
CA PRO A 832 -13.01 17.97 20.12
C PRO A 832 -12.71 18.60 21.46
N GLN A 833 -11.57 18.23 22.04
CA GLN A 833 -11.11 18.80 23.30
C GLN A 833 -10.47 20.16 23.04
N VAL A 834 -11.28 21.06 22.51
CA VAL A 834 -10.82 22.36 22.02
C VAL A 834 -11.06 23.40 23.10
N VAL A 835 -10.05 24.23 23.35
CA VAL A 835 -10.22 25.32 24.28
C VAL A 835 -11.05 26.41 23.61
N THR A 836 -12.23 26.68 24.15
CA THR A 836 -13.12 27.67 23.55
C THR A 836 -12.53 29.07 23.64
N ALA A 837 -12.08 29.46 24.84
CA ALA A 837 -11.35 30.71 25.04
C ALA A 837 -9.92 30.34 25.39
N GLY A 838 -9.10 30.15 24.35
CA GLY A 838 -7.73 29.74 24.55
C GLY A 838 -6.73 30.66 23.89
N THR A 839 -7.07 31.95 23.81
CA THR A 839 -6.18 32.96 23.25
C THR A 839 -6.35 34.24 24.05
N ILE A 840 -5.51 35.23 23.72
CA ILE A 840 -5.71 36.57 24.26
C ILE A 840 -7.01 37.15 23.74
N THR A 841 -7.35 36.86 22.49
CA THR A 841 -8.61 37.26 21.89
C THR A 841 -9.70 36.22 22.07
N ARG A 842 -9.40 35.14 22.81
CA ARG A 842 -10.31 34.01 23.03
C ARG A 842 -10.73 33.33 21.73
N ARG A 843 -9.86 33.39 20.71
CA ARG A 843 -10.11 32.68 19.48
C ARG A 843 -9.93 31.19 19.69
N ALA A 844 -10.75 30.39 19.01
CA ALA A 844 -10.68 28.94 19.15
C ALA A 844 -9.40 28.42 18.51
N VAL A 845 -8.35 28.30 19.31
CA VAL A 845 -7.03 27.88 18.83
C VAL A 845 -6.77 26.48 19.36
N GLU A 846 -6.48 25.55 18.45
CA GLU A 846 -6.18 24.19 18.79
C GLU A 846 -5.30 23.66 17.66
N PRO A 847 -4.14 23.08 17.96
CA PRO A 847 -3.18 22.75 16.90
C PRO A 847 -3.54 21.54 16.05
N THR A 848 -4.47 20.70 16.48
CA THR A 848 -4.73 19.45 15.76
C THR A 848 -5.88 19.59 14.76
N TRP A 849 -7.06 19.96 15.25
CA TRP A 849 -8.26 19.94 14.42
C TRP A 849 -8.50 21.25 13.70
N LEU A 850 -8.44 22.37 14.41
CA LEU A 850 -8.81 23.67 13.85
C LEU A 850 -7.68 24.31 13.05
N THR A 851 -6.65 23.56 12.66
CA THR A 851 -5.58 24.11 11.85
C THR A 851 -6.05 24.35 10.42
N ALA A 852 -5.44 25.34 9.77
CA ALA A 852 -5.82 25.74 8.41
C ALA A 852 -5.08 24.85 7.41
N SER A 853 -5.56 23.62 7.28
CA SER A 853 -5.00 22.66 6.33
C SER A 853 -6.13 21.97 5.59
N ASN A 854 -5.82 21.53 4.37
CA ASN A 854 -6.81 20.88 3.52
C ASN A 854 -6.18 19.66 2.87
N ALA A 855 -7.02 18.72 2.46
CA ALA A 855 -6.56 17.47 1.90
C ALA A 855 -5.94 17.68 0.52
N ARG A 856 -4.73 17.17 0.35
CA ARG A 856 -3.99 17.21 -0.91
C ARG A 856 -3.35 15.86 -1.13
N PRO A 857 -3.04 15.51 -2.38
CA PRO A 857 -2.24 14.31 -2.65
C PRO A 857 -0.75 14.47 -2.36
N ASP A 858 -0.33 15.56 -1.72
CA ASP A 858 1.07 15.82 -1.44
C ASP A 858 1.36 15.95 0.05
N ARG A 859 0.37 15.65 0.90
CA ARG A 859 0.58 15.53 2.34
C ARG A 859 0.05 14.17 2.77
N VAL A 860 0.86 13.43 3.51
CA VAL A 860 0.51 12.06 3.86
C VAL A 860 -0.52 12.06 4.98
N GLY A 861 -1.63 11.36 4.76
CA GLY A 861 -2.70 11.30 5.73
C GLY A 861 -3.40 12.62 5.95
N SER A 862 -3.58 13.41 4.89
CA SER A 862 -4.16 14.74 4.99
C SER A 862 -5.67 14.73 4.86
N GLU A 863 -6.32 13.57 4.94
CA GLU A 863 -7.77 13.50 4.88
C GLU A 863 -8.38 13.42 6.27
N LEU A 864 -7.77 14.16 7.20
CA LEU A 864 -8.21 14.19 8.60
C LEU A 864 -9.66 14.65 8.71
N LYS A 865 -10.05 15.66 7.93
CA LYS A 865 -11.42 16.11 7.93
C LYS A 865 -12.35 15.08 7.32
N ALA A 866 -11.85 14.25 6.40
CA ALA A 866 -12.70 13.47 5.52
C ALA A 866 -13.42 12.34 6.23
N MET A 867 -13.00 11.98 7.43
CA MET A 867 -13.68 10.92 8.18
C MET A 867 -14.74 11.47 9.11
N VAL A 868 -14.91 12.78 9.19
CA VAL A 868 -16.01 13.36 9.93
C VAL A 868 -17.24 13.26 9.04
N GLN A 869 -17.98 12.16 9.17
CA GLN A 869 -19.08 11.85 8.28
C GLN A 869 -20.34 11.62 9.09
N ALA A 870 -21.46 12.01 8.53
CA ALA A 870 -22.72 11.96 9.24
C ALA A 870 -23.24 10.53 9.35
N PRO A 871 -23.96 10.21 10.43
CA PRO A 871 -24.64 8.92 10.52
C PRO A 871 -25.77 8.85 9.52
N PRO A 872 -26.25 7.65 9.19
CA PRO A 872 -27.39 7.52 8.27
C PRO A 872 -28.63 8.23 8.78
N GLY A 873 -29.35 8.85 7.85
CA GLY A 873 -30.46 9.71 8.19
C GLY A 873 -30.08 11.11 8.62
N TYR A 874 -28.79 11.43 8.62
CA TYR A 874 -28.30 12.72 9.11
C TYR A 874 -27.32 13.31 8.11
N THR A 875 -27.09 14.61 8.24
CA THR A 875 -26.25 15.34 7.30
C THR A 875 -25.56 16.49 8.05
N LEU A 876 -24.72 17.21 7.32
CA LEU A 876 -24.03 18.38 7.86
C LEU A 876 -24.31 19.57 6.97
N VAL A 877 -24.66 20.69 7.58
CA VAL A 877 -24.87 21.95 6.88
C VAL A 877 -23.69 22.85 7.20
N GLY A 878 -22.97 23.28 6.17
CA GLY A 878 -21.80 24.09 6.35
C GLY A 878 -21.94 25.48 5.76
N ALA A 879 -21.56 26.48 6.56
CA ALA A 879 -21.50 27.87 6.11
C ALA A 879 -20.05 28.31 6.20
N ASP A 880 -19.45 28.60 5.05
CA ASP A 880 -18.13 29.20 5.00
C ASP A 880 -18.34 30.71 5.06
N VAL A 881 -18.04 31.30 6.21
CA VAL A 881 -18.23 32.73 6.39
C VAL A 881 -17.09 33.43 5.65
N ASP A 882 -17.37 33.84 4.41
CA ASP A 882 -16.33 34.37 3.54
C ASP A 882 -16.07 35.83 3.87
N SER A 883 -14.79 36.18 3.98
CA SER A 883 -14.32 37.54 4.28
C SER A 883 -14.95 38.08 5.56
N GLN A 884 -14.96 37.24 6.60
CA GLN A 884 -15.48 37.65 7.90
C GLN A 884 -14.62 38.77 8.49
N GLU A 885 -13.35 38.46 8.77
CA GLU A 885 -12.45 39.44 9.36
C GLU A 885 -12.16 40.60 8.42
N LEU A 886 -12.12 40.32 7.11
CA LEU A 886 -11.94 41.37 6.11
C LEU A 886 -13.08 42.38 6.18
N TRP A 887 -14.31 41.90 6.24
CA TRP A 887 -15.45 42.80 6.34
C TRP A 887 -15.48 43.50 7.69
N ILE A 888 -15.03 42.83 8.76
CA ILE A 888 -15.00 43.48 10.07
C ILE A 888 -14.05 44.68 10.05
N ALA A 889 -12.86 44.49 9.49
CA ALA A 889 -11.90 45.60 9.37
C ALA A 889 -12.44 46.69 8.45
N ALA A 890 -13.05 46.30 7.32
CA ALA A 890 -13.59 47.27 6.38
C ALA A 890 -14.72 48.08 6.99
N VAL A 891 -15.58 47.43 7.77
CA VAL A 891 -16.72 48.13 8.35
C VAL A 891 -16.29 48.96 9.54
N LEU A 892 -15.22 48.58 10.24
CA LEU A 892 -14.65 49.47 11.26
C LEU A 892 -14.09 50.73 10.62
N GLY A 893 -13.37 50.58 9.51
CA GLY A 893 -12.86 51.75 8.79
C GLY A 893 -13.96 52.64 8.25
N ASP A 894 -15.01 52.03 7.70
CA ASP A 894 -16.14 52.80 7.17
C ASP A 894 -16.91 53.50 8.29
N ALA A 895 -17.11 52.82 9.42
CA ALA A 895 -17.80 53.43 10.55
C ALA A 895 -17.01 54.58 11.13
N HIS A 896 -15.68 54.45 11.20
CA HIS A 896 -14.89 55.57 11.67
C HIS A 896 -14.71 56.66 10.63
N PHE A 897 -14.97 56.36 9.35
CA PHE A 897 -14.91 57.40 8.34
C PHE A 897 -16.20 58.21 8.29
N ALA A 898 -17.31 57.57 7.94
CA ALA A 898 -18.58 58.26 7.82
C ALA A 898 -19.77 57.48 8.34
N GLY A 899 -19.57 56.31 8.92
CA GLY A 899 -20.67 55.53 9.48
C GLY A 899 -21.65 54.98 8.48
N MET A 900 -21.17 54.52 7.33
CA MET A 900 -22.02 53.91 6.30
C MET A 900 -21.26 52.72 5.74
N HIS A 901 -21.70 52.22 4.59
CA HIS A 901 -21.04 51.13 3.89
C HIS A 901 -20.27 51.68 2.69
N GLY A 902 -19.02 51.27 2.57
CA GLY A 902 -18.19 51.75 1.48
C GLY A 902 -17.72 53.18 1.62
N CYS A 903 -17.49 53.63 2.86
CA CYS A 903 -17.08 55.01 3.09
C CYS A 903 -15.69 55.29 2.55
N THR A 904 -14.76 54.35 2.73
CA THR A 904 -13.42 54.48 2.22
C THR A 904 -13.29 53.74 0.89
N ALA A 905 -12.12 53.92 0.25
CA ALA A 905 -11.83 53.18 -0.98
C ALA A 905 -11.71 51.69 -0.70
N PHE A 906 -11.11 51.34 0.44
CA PHE A 906 -11.07 49.94 0.86
C PHE A 906 -12.46 49.41 1.16
N GLY A 907 -13.32 50.24 1.74
CA GLY A 907 -14.68 49.83 2.00
C GLY A 907 -15.48 49.62 0.73
N TRP A 908 -15.31 50.50 -0.26
CA TRP A 908 -15.96 50.29 -1.55
C TRP A 908 -15.39 49.09 -2.28
N MET A 909 -14.09 48.82 -2.13
CA MET A 909 -13.50 47.62 -2.69
C MET A 909 -14.07 46.37 -2.04
N THR A 910 -14.35 46.45 -0.74
CA THR A 910 -15.04 45.36 -0.06
C THR A 910 -16.46 45.18 -0.59
N LEU A 911 -17.16 46.30 -0.81
CA LEU A 911 -18.50 46.21 -1.40
C LEU A 911 -18.43 45.78 -2.85
N GLN A 912 -17.57 46.40 -3.65
CA GLN A 912 -17.39 46.06 -5.05
C GLN A 912 -16.05 45.34 -5.18
N GLY A 913 -16.06 44.02 -4.99
CA GLY A 913 -14.85 43.24 -5.12
C GLY A 913 -15.10 41.85 -5.65
N ARG A 914 -14.42 41.50 -6.74
CA ARG A 914 -14.52 40.17 -7.34
C ARG A 914 -13.13 39.64 -7.62
N LYS A 915 -12.86 38.42 -7.15
CA LYS A 915 -11.57 37.79 -7.40
C LYS A 915 -11.40 37.44 -8.87
N SER A 916 -12.49 37.04 -9.54
CA SER A 916 -12.43 36.75 -10.96
C SER A 916 -12.13 38.00 -11.78
N ARG A 917 -12.72 39.13 -11.41
CA ARG A 917 -12.43 40.38 -12.09
C ARG A 917 -11.14 41.04 -11.60
N GLY A 918 -10.59 40.58 -10.47
CA GLY A 918 -9.34 41.13 -9.97
C GLY A 918 -9.46 42.46 -9.29
N THR A 919 -10.68 42.91 -8.97
CA THR A 919 -10.91 44.21 -8.35
C THR A 919 -10.60 44.24 -6.87
N ASP A 920 -10.03 43.17 -6.31
CA ASP A 920 -9.65 43.14 -4.92
C ASP A 920 -8.31 43.86 -4.72
N LEU A 921 -7.87 43.93 -3.47
CA LEU A 921 -6.53 44.43 -3.18
C LEU A 921 -5.46 43.38 -3.42
N HIS A 922 -5.85 42.11 -3.51
CA HIS A 922 -4.88 41.03 -3.67
C HIS A 922 -4.19 41.10 -5.02
N SER A 923 -4.96 41.29 -6.10
CA SER A 923 -4.36 41.39 -7.43
C SER A 923 -3.49 42.63 -7.56
N LYS A 924 -3.95 43.75 -7.00
CA LYS A 924 -3.16 44.99 -7.05
C LYS A 924 -1.84 44.84 -6.28
N THR A 925 -1.89 44.20 -5.11
CA THR A 925 -0.66 43.98 -4.35
C THR A 925 0.25 42.99 -5.05
N ALA A 926 -0.32 41.98 -5.71
CA ALA A 926 0.49 41.02 -6.46
C ALA A 926 1.19 41.70 -7.64
N THR A 927 0.51 42.62 -8.30
CA THR A 927 1.15 43.40 -9.36
C THR A 927 2.21 44.33 -8.80
N THR A 928 1.93 44.95 -7.65
CA THR A 928 2.83 45.98 -7.11
C THR A 928 4.10 45.37 -6.52
N VAL A 929 3.98 44.29 -5.77
CA VAL A 929 5.11 43.73 -5.04
C VAL A 929 5.73 42.58 -5.84
N GLY A 930 4.90 41.61 -6.22
CA GLY A 930 5.40 40.47 -6.97
C GLY A 930 5.56 39.23 -6.11
N ILE A 931 4.60 38.97 -5.23
CA ILE A 931 4.65 37.81 -4.34
C ILE A 931 3.50 36.87 -4.68
N SER A 932 3.43 35.75 -3.98
CA SER A 932 2.40 34.76 -4.26
C SER A 932 1.07 35.18 -3.65
N ARG A 933 0.04 34.35 -3.90
CA ARG A 933 -1.30 34.64 -3.39
C ARG A 933 -1.35 34.50 -1.88
N GLU A 934 -0.77 33.43 -1.35
CA GLU A 934 -0.73 33.24 0.10
C GLU A 934 0.12 34.30 0.77
N HIS A 935 1.22 34.70 0.13
CA HIS A 935 2.05 35.77 0.68
C HIS A 935 1.30 37.09 0.75
N ALA A 936 0.53 37.40 -0.30
CA ALA A 936 -0.28 38.62 -0.30
C ALA A 936 -1.37 38.56 0.76
N LYS A 937 -2.01 37.40 0.92
CA LYS A 937 -3.04 37.26 1.95
C LYS A 937 -2.46 37.43 3.35
N ILE A 938 -1.28 36.84 3.60
CA ILE A 938 -0.63 36.97 4.90
C ILE A 938 -0.22 38.42 5.15
N PHE A 939 0.33 39.09 4.12
CA PHE A 939 0.75 40.48 4.26
C PHE A 939 -0.43 41.39 4.58
N ASN A 940 -1.54 41.22 3.84
CA ASN A 940 -2.72 42.04 4.07
C ASN A 940 -3.37 41.73 5.42
N TYR A 941 -3.34 40.46 5.84
CA TYR A 941 -3.87 40.10 7.15
C TYR A 941 -3.04 40.72 8.26
N GLY A 942 -1.71 40.64 8.16
CA GLY A 942 -0.86 41.21 9.19
C GLY A 942 -0.95 42.72 9.27
N ARG A 943 -1.06 43.38 8.11
CA ARG A 943 -1.33 44.81 8.11
C ARG A 943 -2.68 45.12 8.75
N ILE A 944 -3.68 44.30 8.47
CA ILE A 944 -4.95 44.38 9.19
C ILE A 944 -4.75 44.03 10.65
N TYR A 945 -3.94 42.99 10.93
CA TYR A 945 -3.64 42.63 12.31
C TYR A 945 -2.74 43.65 12.99
N GLY A 946 -2.11 44.55 12.24
CA GLY A 946 -1.31 45.60 12.83
C GLY A 946 0.19 45.42 12.67
N ALA A 947 0.62 44.97 11.49
CA ALA A 947 2.05 44.79 11.25
C ALA A 947 2.77 46.11 11.19
N GLY A 948 3.89 46.20 11.91
CA GLY A 948 4.74 47.37 11.84
C GLY A 948 5.67 47.32 10.65
N GLN A 949 6.42 48.41 10.47
CA GLN A 949 7.41 48.46 9.40
C GLN A 949 8.53 47.42 9.56
N PRO A 950 9.12 47.18 10.75
CA PRO A 950 10.01 46.01 10.86
C PRO A 950 9.30 44.68 10.65
N PHE A 951 8.02 44.58 11.02
CA PHE A 951 7.26 43.36 10.73
C PHE A 951 7.09 43.18 9.23
N ALA A 952 6.83 44.26 8.50
CA ALA A 952 6.76 44.18 7.04
C ALA A 952 8.11 43.82 6.45
N GLU A 953 9.20 44.34 7.04
CA GLU A 953 10.53 44.02 6.53
C GLU A 953 10.86 42.55 6.72
N ARG A 954 10.57 41.98 7.90
CA ARG A 954 10.85 40.56 8.10
C ARG A 954 9.88 39.68 7.32
N LEU A 955 8.66 40.18 7.06
CA LEU A 955 7.73 39.43 6.24
C LEU A 955 8.20 39.36 4.79
N LEU A 956 8.71 40.47 4.26
CA LEU A 956 9.29 40.46 2.93
C LEU A 956 10.57 39.63 2.88
N MET A 957 11.36 39.66 3.96
CA MET A 957 12.56 38.84 4.03
C MET A 957 12.24 37.35 4.07
N GLN A 958 11.09 36.98 4.64
CA GLN A 958 10.71 35.57 4.68
C GLN A 958 10.33 35.04 3.30
N PHE A 959 9.93 35.91 2.38
CA PHE A 959 9.43 35.52 1.08
C PHE A 959 10.59 35.45 0.09
N ASN A 960 10.28 35.43 -1.21
CA ASN A 960 11.27 35.28 -2.27
C ASN A 960 12.36 36.34 -2.19
N HIS A 961 13.61 35.91 -2.38
CA HIS A 961 14.80 36.73 -2.12
C HIS A 961 15.42 37.25 -3.40
N ARG A 962 14.61 37.63 -4.40
CA ARG A 962 15.16 38.31 -5.56
C ARG A 962 15.57 39.74 -5.28
N LEU A 963 15.22 40.27 -4.11
CA LEU A 963 15.59 41.62 -3.69
C LEU A 963 16.56 41.56 -2.53
N THR A 964 17.07 42.73 -2.16
CA THR A 964 17.97 42.90 -1.02
C THR A 964 17.20 43.57 0.12
N GLN A 965 17.94 43.90 1.19
CA GLN A 965 17.34 44.61 2.31
C GLN A 965 16.86 46.00 1.91
N GLN A 966 17.67 46.72 1.13
CA GLN A 966 17.32 48.09 0.75
C GLN A 966 16.13 48.12 -0.20
N GLU A 967 16.12 47.25 -1.21
CA GLU A 967 15.03 47.23 -2.17
C GLU A 967 13.71 46.80 -1.53
N ALA A 968 13.76 45.77 -0.68
CA ALA A 968 12.56 45.34 0.03
C ALA A 968 12.08 46.42 1.00
N ALA A 969 13.00 47.13 1.65
CA ALA A 969 12.62 48.22 2.55
C ALA A 969 11.95 49.35 1.78
N GLU A 970 12.49 49.70 0.61
CA GLU A 970 11.89 50.75 -0.21
C GLU A 970 10.51 50.34 -0.72
N LYS A 971 10.36 49.07 -1.13
CA LYS A 971 9.05 48.60 -1.59
C LYS A 971 8.05 48.57 -0.43
N ALA A 972 8.51 48.20 0.77
CA ALA A 972 7.63 48.22 1.94
C ALA A 972 7.22 49.64 2.30
N GLN A 973 8.13 50.60 2.18
CA GLN A 973 7.79 52.00 2.42
C GLN A 973 6.78 52.50 1.40
N GLN A 974 6.95 52.14 0.12
CA GLN A 974 6.01 52.55 -0.91
C GLN A 974 4.65 51.90 -0.70
N MET A 975 4.63 50.64 -0.26
CA MET A 975 3.36 49.97 0.05
C MET A 975 2.70 50.60 1.27
N TYR A 976 3.49 51.03 2.25
CA TYR A 976 2.97 51.68 3.44
C TYR A 976 2.40 53.07 3.12
N ALA A 977 2.97 53.75 2.13
CA ALA A 977 2.47 55.07 1.75
C ALA A 977 1.12 55.03 1.05
N ALA A 978 0.67 53.86 0.59
CA ALA A 978 -0.57 53.75 -0.17
C ALA A 978 -1.76 53.37 0.71
N THR A 979 -1.69 52.23 1.40
CA THR A 979 -2.84 51.72 2.13
C THR A 979 -3.10 52.55 3.39
N LYS A 980 -2.11 52.63 4.28
CA LYS A 980 -2.28 53.42 5.49
C LYS A 980 -2.24 54.91 5.22
N GLY A 981 -1.70 55.34 4.08
CA GLY A 981 -1.57 56.75 3.82
C GLY A 981 -0.45 57.37 4.64
N LEU A 982 -0.58 58.67 4.88
CA LEU A 982 0.40 59.42 5.67
C LEU A 982 0.10 59.22 7.16
N ARG A 983 0.44 58.02 7.64
CA ARG A 983 0.21 57.68 9.04
C ARG A 983 1.43 56.98 9.62
N GLY A 1042 -4.89 56.67 5.20
CA GLY A 1042 -5.29 56.76 3.81
C GLY A 1042 -6.49 55.91 3.47
N THR A 1043 -6.23 54.69 2.97
CA THR A 1043 -7.32 53.80 2.58
C THR A 1043 -7.98 53.14 3.79
N GLU A 1044 -7.19 52.81 4.82
CA GLU A 1044 -7.69 52.06 5.97
C GLU A 1044 -7.36 52.67 7.32
N SER A 1045 -6.71 53.84 7.36
CA SER A 1045 -6.22 54.38 8.62
C SER A 1045 -7.34 54.87 9.55
N GLU A 1046 -8.56 55.02 9.04
CA GLU A 1046 -9.69 55.36 9.92
C GLU A 1046 -9.97 54.24 10.90
N MET A 1047 -9.85 52.99 10.46
CA MET A 1047 -9.96 51.86 11.38
C MET A 1047 -8.86 51.90 12.44
N PHE A 1048 -7.64 52.26 12.02
CA PHE A 1048 -6.53 52.37 12.96
C PHE A 1048 -6.79 53.46 13.99
N ASN A 1049 -7.34 54.59 13.56
CA ASN A 1049 -7.68 55.65 14.51
C ASN A 1049 -8.83 55.24 15.43
N LYS A 1050 -9.76 54.43 14.92
CA LYS A 1050 -10.82 53.88 15.76
C LYS A 1050 -10.24 52.99 16.86
N LEU A 1051 -9.28 52.13 16.49
CA LEU A 1051 -8.66 51.26 17.48
C LEU A 1051 -7.80 52.05 18.46
N GLU A 1052 -7.15 53.12 17.99
CA GLU A 1052 -6.41 54.00 18.90
C GLU A 1052 -7.35 54.70 19.89
N SER A 1053 -8.53 55.11 19.42
CA SER A 1053 -9.51 55.71 20.31
C SER A 1053 -10.05 54.70 21.31
N ILE A 1054 -10.17 53.43 20.91
CA ILE A 1054 -10.51 52.37 21.86
C ILE A 1054 -9.41 52.22 22.90
N ALA A 1055 -8.15 52.23 22.45
CA ALA A 1055 -7.02 52.07 23.36
C ALA A 1055 -6.82 53.27 24.28
N THR A 1056 -7.33 54.45 23.90
CA THR A 1056 -7.18 55.63 24.74
C THR A 1056 -8.09 55.59 25.97
N SER A 1057 -9.13 54.76 25.95
CA SER A 1057 -10.05 54.68 27.07
C SER A 1057 -9.42 53.92 28.24
N ASP A 1058 -10.04 54.06 29.42
CA ASP A 1058 -9.54 53.37 30.60
C ASP A 1058 -9.73 51.86 30.48
N ILE A 1059 -10.90 51.43 30.06
CA ILE A 1059 -11.21 50.02 29.81
C ILE A 1059 -11.32 49.83 28.30
N PRO A 1060 -10.52 48.98 27.68
CA PRO A 1060 -10.64 48.77 26.23
C PRO A 1060 -11.90 47.99 25.89
N ARG A 1061 -12.89 48.69 25.35
CA ARG A 1061 -14.18 48.10 25.06
C ARG A 1061 -14.32 47.86 23.56
N THR A 1062 -14.77 46.66 23.20
CA THR A 1062 -14.97 46.33 21.81
C THR A 1062 -16.14 47.11 21.23
N PRO A 1063 -16.06 47.50 19.96
CA PRO A 1063 -17.24 48.12 19.32
C PRO A 1063 -18.43 47.19 19.22
N VAL A 1064 -18.19 45.88 19.11
CA VAL A 1064 -19.29 44.95 18.90
C VAL A 1064 -19.99 44.62 20.22
N LEU A 1065 -19.23 44.32 21.26
CA LEU A 1065 -19.84 43.88 22.51
C LEU A 1065 -19.33 44.60 23.75
N GLY A 1066 -18.19 45.29 23.68
CA GLY A 1066 -17.68 45.93 24.87
C GLY A 1066 -17.05 45.01 25.88
N CYS A 1067 -16.91 43.72 25.55
CA CYS A 1067 -16.32 42.76 26.47
C CYS A 1067 -14.81 43.01 26.53
N CYS A 1068 -14.33 43.43 27.70
CA CYS A 1068 -12.95 43.84 27.83
C CYS A 1068 -12.01 42.65 27.77
N ILE A 1069 -10.84 42.86 27.17
CA ILE A 1069 -9.80 41.85 27.06
C ILE A 1069 -9.17 41.66 28.44
N SER A 1070 -8.33 40.64 28.59
CA SER A 1070 -7.63 40.38 29.83
C SER A 1070 -6.79 41.57 30.26
N ARG A 1071 -6.54 41.67 31.57
CA ARG A 1071 -5.94 42.85 32.17
C ARG A 1071 -4.48 43.02 31.79
N ALA A 1072 -3.86 42.04 31.14
CA ALA A 1072 -2.47 42.20 30.70
C ALA A 1072 -2.32 43.26 29.62
N LEU A 1073 -3.36 43.45 28.79
CA LEU A 1073 -3.30 44.41 27.71
C LEU A 1073 -4.04 45.70 28.01
N GLU A 1074 -4.38 45.95 29.27
CA GLU A 1074 -4.92 47.25 29.66
C GLU A 1074 -3.81 48.30 29.59
N PRO A 1075 -4.08 49.48 29.01
CA PRO A 1075 -3.02 50.48 28.81
C PRO A 1075 -2.62 51.25 30.06
N SER A 1076 -3.06 50.84 31.25
CA SER A 1076 -2.68 51.55 32.47
C SER A 1076 -1.19 51.35 32.78
N ALA A 1077 -0.73 50.10 32.73
CA ALA A 1077 0.67 49.77 32.96
C ALA A 1077 1.44 49.52 31.66
N VAL A 1078 0.77 49.64 30.51
CA VAL A 1078 1.40 49.39 29.23
C VAL A 1078 1.55 50.65 28.39
N GLN A 1079 0.63 51.60 28.53
CA GLN A 1079 0.59 52.90 27.81
C GLN A 1079 0.49 52.60 26.31
N GLU A 1080 1.19 53.35 25.46
CA GLU A 1080 1.10 53.17 24.01
C GLU A 1080 2.11 52.11 23.57
N GLU A 1081 1.84 50.87 23.99
CA GLU A 1081 2.68 49.72 23.66
C GLU A 1081 1.77 48.53 23.38
N PHE A 1082 2.34 47.55 22.65
CA PHE A 1082 1.68 46.28 22.32
C PHE A 1082 0.38 46.52 21.55
N MET A 1083 0.42 47.45 20.59
CA MET A 1083 -0.77 47.83 19.85
C MET A 1083 -1.27 46.71 18.95
N THR A 1084 -0.35 45.95 18.35
CA THR A 1084 -0.70 44.97 17.32
C THR A 1084 -1.62 43.88 17.87
N SER A 1085 -1.36 43.43 19.10
CA SER A 1085 -2.20 42.40 19.72
C SER A 1085 -3.64 42.88 19.89
N ARG A 1086 -3.82 44.12 20.34
CA ARG A 1086 -5.17 44.67 20.50
C ARG A 1086 -5.82 44.95 19.15
N VAL A 1087 -5.04 45.35 18.16
CA VAL A 1087 -5.56 45.59 16.81
C VAL A 1087 -6.10 44.29 16.22
N ASN A 1088 -5.36 43.20 16.39
CA ASN A 1088 -5.89 41.88 16.03
C ASN A 1088 -7.08 41.50 16.91
N TRP A 1089 -7.02 41.87 18.19
CA TRP A 1089 -8.00 41.42 19.17
C TRP A 1089 -9.38 41.98 18.90
N VAL A 1090 -9.47 43.24 18.43
CA VAL A 1090 -10.78 43.82 18.14
C VAL A 1090 -11.49 43.02 17.06
N VAL A 1091 -10.78 42.72 15.97
CA VAL A 1091 -11.35 41.96 14.87
C VAL A 1091 -11.68 40.53 15.31
N GLN A 1092 -10.78 39.90 16.08
CA GLN A 1092 -11.01 38.51 16.46
C GLN A 1092 -12.12 38.38 17.51
N SER A 1093 -12.25 39.36 18.40
CA SER A 1093 -13.39 39.36 19.32
C SER A 1093 -14.68 39.62 18.59
N SER A 1094 -14.64 40.44 17.54
CA SER A 1094 -15.81 40.59 16.67
C SER A 1094 -16.17 39.27 16.00
N ALA A 1095 -15.16 38.50 15.61
CA ALA A 1095 -15.41 37.18 15.04
C ALA A 1095 -16.00 36.23 16.09
N VAL A 1096 -15.53 36.33 17.34
CA VAL A 1096 -16.08 35.53 18.43
C VAL A 1096 -17.55 35.87 18.65
N ASP A 1097 -17.87 37.15 18.64
CA ASP A 1097 -19.25 37.58 18.76
C ASP A 1097 -20.08 37.13 17.56
N TYR A 1098 -19.48 37.13 16.37
CA TYR A 1098 -20.16 36.67 15.16
C TYR A 1098 -20.55 35.21 15.28
N LEU A 1099 -19.60 34.37 15.73
CA LEU A 1099 -19.87 32.94 15.88
C LEU A 1099 -20.88 32.69 16.99
N HIS A 1100 -20.77 33.43 18.10
CA HIS A 1100 -21.72 33.30 19.19
C HIS A 1100 -23.12 33.69 18.74
N LEU A 1101 -23.24 34.78 17.98
CA LEU A 1101 -24.54 35.22 17.48
C LEU A 1101 -25.11 34.22 16.49
N MET A 1102 -24.25 33.63 15.66
CA MET A 1102 -24.70 32.63 14.69
C MET A 1102 -25.24 31.39 15.39
N LEU A 1103 -24.53 30.90 16.40
CA LEU A 1103 -24.99 29.74 17.14
C LEU A 1103 -26.25 30.06 17.95
N VAL A 1104 -26.32 31.27 18.50
CA VAL A 1104 -27.49 31.70 19.26
C VAL A 1104 -28.71 31.75 18.35
N ALA A 1105 -28.55 32.32 17.16
CA ALA A 1105 -29.66 32.41 16.22
C ALA A 1105 -30.09 31.03 15.74
N MET A 1106 -29.13 30.11 15.53
CA MET A 1106 -29.49 28.76 15.13
C MET A 1106 -30.28 28.05 16.23
N LYS A 1107 -29.85 28.19 17.48
CA LYS A 1107 -30.58 27.59 18.60
C LYS A 1107 -31.95 28.21 18.77
N TRP A 1108 -32.05 29.53 18.59
CA TRP A 1108 -33.32 30.23 18.73
C TRP A 1108 -34.30 29.81 17.63
N LEU A 1109 -33.83 29.67 16.40
CA LEU A 1109 -34.72 29.24 15.32
C LEU A 1109 -35.06 27.75 15.42
N PHE A 1110 -34.15 26.95 15.99
CA PHE A 1110 -34.49 25.56 16.27
C PHE A 1110 -35.59 25.47 17.33
N GLU A 1111 -35.48 26.28 18.39
CA GLU A 1111 -36.51 26.27 19.41
C GLU A 1111 -37.77 27.00 18.97
N GLU A 1112 -37.69 27.82 17.92
CA GLU A 1112 -38.83 28.57 17.43
C GLU A 1112 -39.66 27.79 16.41
N PHE A 1113 -39.00 27.10 15.47
CA PHE A 1113 -39.70 26.38 14.42
C PHE A 1113 -39.56 24.87 14.55
N ALA A 1114 -39.14 24.39 15.73
CA ALA A 1114 -39.06 22.96 16.06
C ALA A 1114 -38.17 22.19 15.08
N ILE A 1115 -37.07 22.82 14.68
CA ILE A 1115 -36.16 22.24 13.70
C ILE A 1115 -35.07 21.46 14.42
N ASP A 1116 -34.85 20.22 14.01
CA ASP A 1116 -33.84 19.38 14.64
C ASP A 1116 -32.44 19.82 14.25
N GLY A 1117 -31.45 19.26 14.94
CA GLY A 1117 -30.06 19.55 14.63
C GLY A 1117 -29.18 19.65 15.86
N ARG A 1118 -27.88 19.76 15.64
CA ARG A 1118 -26.91 19.84 16.73
C ARG A 1118 -25.68 20.58 16.21
N PHE A 1119 -25.08 21.40 17.07
CA PHE A 1119 -23.85 22.09 16.71
C PHE A 1119 -22.72 21.09 16.55
N CYS A 1120 -22.09 21.08 15.36
CA CYS A 1120 -21.04 20.11 15.09
C CYS A 1120 -19.66 20.67 15.42
N ILE A 1121 -19.25 21.75 14.75
CA ILE A 1121 -17.92 22.32 14.95
C ILE A 1121 -17.91 23.74 14.40
N SER A 1122 -17.00 24.57 14.91
CA SER A 1122 -16.81 25.93 14.43
C SER A 1122 -15.32 26.09 14.18
N ILE A 1123 -14.88 25.74 12.96
CA ILE A 1123 -13.46 25.79 12.67
C ILE A 1123 -13.10 27.21 12.28
N HIS A 1124 -12.74 28.03 13.28
CA HIS A 1124 -12.28 29.40 13.11
C HIS A 1124 -13.25 30.23 12.31
N ASP A 1125 -13.16 30.13 10.98
CA ASP A 1125 -14.03 30.85 10.08
C ASP A 1125 -15.30 30.07 9.74
N GLU A 1126 -15.15 28.81 9.33
CA GLU A 1126 -16.29 28.03 8.88
C GLU A 1126 -17.11 27.53 10.07
N VAL A 1127 -18.40 27.30 9.84
CA VAL A 1127 -19.27 26.71 10.85
C VAL A 1127 -19.99 25.53 10.24
N ARG A 1128 -19.92 24.38 10.90
CA ARG A 1128 -20.60 23.17 10.47
C ARG A 1128 -21.60 22.76 11.54
N TYR A 1129 -22.83 22.49 11.13
CA TYR A 1129 -23.90 22.07 12.03
C TYR A 1129 -24.37 20.67 11.64
N LEU A 1130 -24.50 19.80 12.63
CA LEU A 1130 -24.95 18.44 12.40
C LEU A 1130 -26.48 18.43 12.49
N VAL A 1131 -27.14 18.16 11.37
CA VAL A 1131 -28.59 18.22 11.28
C VAL A 1131 -29.10 16.85 10.85
N ARG A 1132 -30.42 16.67 10.95
CA ARG A 1132 -31.07 15.52 10.36
C ARG A 1132 -31.37 15.81 8.89
N GLU A 1133 -31.62 14.74 8.13
CA GLU A 1133 -31.76 14.86 6.68
C GLU A 1133 -33.00 15.65 6.30
N GLU A 1134 -34.16 15.28 6.85
CA GLU A 1134 -35.44 15.78 6.35
C GLU A 1134 -35.63 17.28 6.56
N ASP A 1135 -34.82 17.92 7.39
CA ASP A 1135 -34.93 19.34 7.64
C ASP A 1135 -33.84 20.16 6.97
N ARG A 1136 -33.03 19.55 6.08
CA ARG A 1136 -31.76 20.14 5.65
C ARG A 1136 -31.95 21.51 5.01
N TYR A 1137 -32.83 21.59 4.01
CA TYR A 1137 -33.08 22.87 3.36
C TYR A 1137 -33.66 23.88 4.34
N ARG A 1138 -34.57 23.42 5.20
CA ARG A 1138 -35.12 24.29 6.23
C ARG A 1138 -34.02 24.81 7.13
N ALA A 1139 -33.10 23.91 7.53
CA ALA A 1139 -31.97 24.34 8.35
C ALA A 1139 -31.14 25.37 7.60
N ALA A 1140 -30.89 25.11 6.30
CA ALA A 1140 -30.12 26.03 5.49
C ALA A 1140 -30.81 27.38 5.41
N LEU A 1141 -32.15 27.37 5.32
CA LEU A 1141 -32.90 28.62 5.26
C LEU A 1141 -32.65 29.45 6.50
N ALA A 1142 -32.66 28.81 7.66
CA ALA A 1142 -32.43 29.52 8.92
C ALA A 1142 -31.07 30.17 8.90
N LEU A 1143 -30.06 29.44 8.40
CA LEU A 1143 -28.70 29.95 8.38
C LEU A 1143 -28.62 31.23 7.57
N GLN A 1144 -29.34 31.27 6.44
CA GLN A 1144 -29.35 32.47 5.61
C GLN A 1144 -29.82 33.67 6.40
N ILE A 1145 -30.97 33.53 7.07
CA ILE A 1145 -31.52 34.65 7.85
C ILE A 1145 -30.55 35.02 8.95
N THR A 1146 -29.93 33.99 9.56
CA THR A 1146 -28.99 34.20 10.65
C THR A 1146 -27.86 35.10 10.19
N ASN A 1147 -27.31 34.84 9.00
CA ASN A 1147 -26.21 35.62 8.49
C ASN A 1147 -26.62 37.07 8.34
N LEU A 1148 -27.82 37.28 7.79
CA LEU A 1148 -28.37 38.63 7.65
C LEU A 1148 -28.42 39.32 8.99
N LEU A 1149 -29.02 38.65 9.98
CA LEU A 1149 -29.14 39.22 11.32
C LEU A 1149 -27.77 39.51 11.90
N THR A 1150 -26.81 38.62 11.65
CA THR A 1150 -25.46 38.81 12.15
C THR A 1150 -24.87 40.09 11.59
N ARG A 1151 -24.96 40.27 10.27
CA ARG A 1151 -24.51 41.51 9.66
C ARG A 1151 -25.31 42.68 10.21
N CYS A 1152 -26.62 42.48 10.35
CA CYS A 1152 -27.48 43.53 10.91
C CYS A 1152 -27.06 43.86 12.33
N MET A 1153 -26.71 42.84 13.12
CA MET A 1153 -26.27 43.11 14.48
C MET A 1153 -24.97 43.89 14.47
N PHE A 1154 -24.06 43.56 13.55
CA PHE A 1154 -22.85 44.36 13.38
C PHE A 1154 -23.21 45.79 12.99
N ALA A 1155 -24.19 45.94 12.08
CA ALA A 1155 -24.70 47.26 11.78
C ALA A 1155 -25.31 47.89 13.02
N TYR A 1156 -26.06 47.11 13.79
CA TYR A 1156 -26.64 47.64 15.01
C TYR A 1156 -25.61 47.80 16.11
N LYS A 1157 -24.39 47.29 15.93
CA LYS A 1157 -23.31 47.61 16.84
C LYS A 1157 -22.30 48.56 16.21
N LEU A 1158 -22.69 49.24 15.13
CA LEU A 1158 -21.88 50.32 14.57
C LEU A 1158 -22.72 51.53 14.20
N GLY A 1159 -24.01 51.53 14.50
CA GLY A 1159 -24.86 52.66 14.19
C GLY A 1159 -25.19 52.83 12.72
N LEU A 1160 -24.93 51.82 11.90
CA LEU A 1160 -25.23 51.91 10.48
C LEU A 1160 -26.73 51.87 10.24
N ASN A 1161 -27.19 52.68 9.30
CA ASN A 1161 -28.62 52.81 9.02
C ASN A 1161 -29.06 52.03 7.79
N ASP A 1162 -28.17 51.22 7.21
CA ASP A 1162 -28.50 50.43 6.03
C ASP A 1162 -27.59 49.22 6.01
N LEU A 1163 -27.73 48.40 4.95
CA LEU A 1163 -26.93 47.19 4.81
C LEU A 1163 -26.92 46.78 3.35
N PRO A 1164 -25.77 46.37 2.80
CA PRO A 1164 -25.73 45.96 1.40
C PRO A 1164 -26.43 44.63 1.19
N GLN A 1165 -26.87 44.43 -0.06
CA GLN A 1165 -27.56 43.19 -0.41
C GLN A 1165 -26.60 42.01 -0.48
N SER A 1166 -25.43 42.21 -1.09
CA SER A 1166 -24.50 41.11 -1.32
C SER A 1166 -23.76 40.69 -0.05
N VAL A 1167 -23.45 41.65 0.83
CA VAL A 1167 -22.66 41.35 2.02
C VAL A 1167 -23.44 40.47 2.98
N ALA A 1168 -24.73 40.76 3.16
CA ALA A 1168 -25.54 40.05 4.15
C ALA A 1168 -25.76 38.58 3.82
N PHE A 1169 -25.54 38.19 2.57
CA PHE A 1169 -25.75 36.81 2.14
C PHE A 1169 -24.42 36.19 1.74
N PHE A 1170 -24.23 34.94 2.14
CA PHE A 1170 -23.09 34.19 1.67
C PHE A 1170 -23.29 33.82 0.20
N SER A 1171 -22.18 33.45 -0.45
CA SER A 1171 -22.26 33.01 -1.83
C SER A 1171 -23.07 31.72 -1.96
N ALA A 1172 -22.86 30.78 -1.04
CA ALA A 1172 -23.60 29.54 -1.03
C ALA A 1172 -23.54 28.95 0.37
N VAL A 1173 -24.43 27.98 0.61
CA VAL A 1173 -24.43 27.14 1.80
C VAL A 1173 -24.38 25.70 1.34
N ASP A 1174 -23.53 24.90 1.98
CA ASP A 1174 -23.31 23.53 1.55
C ASP A 1174 -24.09 22.56 2.43
N ILE A 1175 -24.65 21.53 1.81
CA ILE A 1175 -25.29 20.43 2.53
C ILE A 1175 -24.63 19.15 2.07
N ASP A 1176 -24.09 18.37 3.01
CA ASP A 1176 -23.25 17.24 2.63
C ASP A 1176 -23.46 16.09 3.60
N ARG A 1177 -22.95 14.93 3.21
CA ARG A 1177 -22.89 13.75 4.06
C ARG A 1177 -21.49 13.51 4.62
N CYS A 1178 -20.53 14.38 4.32
CA CYS A 1178 -19.18 14.25 4.83
C CYS A 1178 -18.58 15.65 4.95
N LEU A 1179 -17.55 15.76 5.79
CA LEU A 1179 -16.96 17.06 6.09
C LEU A 1179 -15.82 17.34 5.12
N ARG A 1180 -15.88 18.50 4.48
CA ARG A 1180 -14.84 18.98 3.58
C ARG A 1180 -15.04 20.47 3.38
N LYS A 1181 -14.02 21.13 2.81
CA LYS A 1181 -14.13 22.55 2.53
C LYS A 1181 -15.16 22.82 1.44
N GLU A 1182 -15.10 22.06 0.35
CA GLU A 1182 -16.02 22.22 -0.77
C GLU A 1182 -16.53 20.85 -1.20
N VAL A 1183 -17.66 20.87 -1.91
CA VAL A 1183 -18.36 19.64 -2.26
C VAL A 1183 -17.91 19.16 -3.64
N THR A 1184 -16.77 19.67 -4.10
CA THR A 1184 -16.19 19.26 -5.37
C THR A 1184 -14.91 18.46 -5.21
N MET A 1185 -14.31 18.44 -4.02
CA MET A 1185 -13.05 17.77 -3.78
C MET A 1185 -13.27 16.45 -3.04
N ASP A 1186 -12.68 15.38 -3.55
CA ASP A 1186 -12.88 14.03 -3.03
C ASP A 1186 -11.75 13.59 -2.10
N CYS A 1187 -10.81 14.48 -1.79
CA CYS A 1187 -9.68 14.22 -0.89
C CYS A 1187 -8.84 13.03 -1.37
N LYS A 1188 -8.30 13.17 -2.58
CA LYS A 1188 -7.37 12.18 -3.11
C LYS A 1188 -5.99 12.42 -2.49
N THR A 1189 -5.54 11.45 -1.71
CA THR A 1189 -4.35 11.54 -0.89
C THR A 1189 -3.55 10.27 -1.08
N PRO A 1190 -2.25 10.28 -0.72
CA PRO A 1190 -1.51 9.01 -0.71
C PRO A 1190 -2.07 7.98 0.25
N SER A 1191 -2.63 8.39 1.38
CA SER A 1191 -3.18 7.45 2.35
C SER A 1191 -4.60 7.01 2.00
N ASN A 1192 -5.31 7.78 1.18
CA ASN A 1192 -6.62 7.41 0.65
C ASN A 1192 -6.51 7.50 -0.86
N PRO A 1193 -5.93 6.48 -1.51
CA PRO A 1193 -5.58 6.61 -2.92
C PRO A 1193 -6.78 6.54 -3.85
N THR A 1194 -7.73 5.67 -3.53
CA THR A 1194 -8.94 5.58 -4.36
C THR A 1194 -9.83 6.79 -4.15
N GLY A 1195 -10.02 7.20 -2.89
CA GLY A 1195 -10.87 8.31 -2.56
C GLY A 1195 -12.13 7.85 -1.84
N MET A 1196 -12.94 8.85 -1.45
CA MET A 1196 -14.20 8.54 -0.78
C MET A 1196 -15.21 7.94 -1.75
N GLU A 1197 -15.13 8.29 -3.03
CA GLU A 1197 -16.11 7.84 -4.01
C GLU A 1197 -15.93 6.37 -4.39
N ARG A 1198 -14.77 5.79 -4.10
CA ARG A 1198 -14.49 4.40 -4.44
C ARG A 1198 -14.37 3.50 -3.22
N ARG A 1199 -13.52 3.87 -2.26
CA ARG A 1199 -13.35 3.06 -1.06
C ARG A 1199 -14.57 3.14 -0.14
N TYR A 1200 -15.21 4.31 -0.08
CA TYR A 1200 -16.31 4.52 0.85
C TYR A 1200 -17.65 4.82 0.18
N GLY A 1201 -17.66 5.12 -1.12
CA GLY A 1201 -18.90 5.32 -1.85
C GLY A 1201 -19.75 6.48 -1.38
N ILE A 1202 -19.13 7.50 -0.80
CA ILE A 1202 -19.86 8.62 -0.23
C ILE A 1202 -20.40 9.50 -1.34
N PRO A 1203 -21.70 9.76 -1.40
CA PRO A 1203 -22.24 10.69 -2.39
C PRO A 1203 -21.77 12.11 -2.12
N GLN A 1204 -21.57 12.86 -3.20
CA GLN A 1204 -21.09 14.23 -3.08
C GLN A 1204 -22.21 15.14 -2.57
N GLY A 1205 -21.80 16.30 -2.04
CA GLY A 1205 -22.72 17.24 -1.47
C GLY A 1205 -23.36 18.14 -2.50
N GLU A 1206 -24.24 19.01 -2.01
CA GLU A 1206 -24.93 19.98 -2.85
C GLU A 1206 -24.71 21.38 -2.27
N ALA A 1207 -24.81 22.37 -3.15
CA ALA A 1207 -24.63 23.77 -2.78
C ALA A 1207 -25.89 24.54 -3.14
N LEU A 1208 -26.27 25.48 -2.28
CA LEU A 1208 -27.49 26.24 -2.48
C LEU A 1208 -27.21 27.73 -2.30
N ASP A 1209 -28.00 28.54 -2.99
CA ASP A 1209 -28.03 29.98 -2.79
C ASP A 1209 -29.36 30.37 -2.18
N ILE A 1210 -29.51 31.67 -1.89
CA ILE A 1210 -30.74 32.16 -1.29
C ILE A 1210 -31.91 31.98 -2.24
N TYR A 1211 -31.69 32.18 -3.53
CA TYR A 1211 -32.74 31.97 -4.52
C TYR A 1211 -33.13 30.50 -4.63
N GLN A 1212 -32.13 29.60 -4.61
CA GLN A 1212 -32.42 28.17 -4.66
C GLN A 1212 -33.14 27.69 -3.41
N ILE A 1213 -32.72 28.19 -2.24
CA ILE A 1213 -33.39 27.82 -0.98
C ILE A 1213 -34.83 28.32 -0.97
N ILE A 1214 -35.05 29.56 -1.44
CA ILE A 1214 -36.40 30.11 -1.49
C ILE A 1214 -37.26 29.33 -2.48
N GLU A 1215 -36.69 28.96 -3.63
CA GLU A 1215 -37.43 28.17 -4.63
C GLU A 1215 -37.80 26.79 -4.09
N LEU A 1216 -36.89 26.16 -3.34
CA LEU A 1216 -37.18 24.84 -2.79
C LEU A 1216 -38.15 24.89 -1.62
N THR A 1217 -38.13 25.97 -0.83
CA THR A 1217 -38.90 26.03 0.41
C THR A 1217 -40.12 26.94 0.34
N LYS A 1218 -40.31 27.66 -0.78
CA LYS A 1218 -41.42 28.59 -1.01
C LYS A 1218 -41.49 29.71 0.04
N GLY A 1219 -40.40 29.97 0.75
CA GLY A 1219 -40.43 30.92 1.84
C GLY A 1219 -41.20 30.47 3.06
N SER A 1220 -41.54 29.17 3.14
CA SER A 1220 -42.34 28.66 4.24
C SER A 1220 -41.50 28.49 5.49
N LEU A 1221 -42.09 28.83 6.64
CA LEU A 1221 -41.42 28.70 7.92
C LEU A 1221 -41.75 27.40 8.64
N GLU A 1222 -42.64 26.58 8.08
CA GLU A 1222 -43.07 25.33 8.70
C GLU A 1222 -42.98 24.21 7.67
N LYS A 1223 -43.17 22.98 8.15
CA LYS A 1223 -43.21 21.83 7.28
C LYS A 1223 -44.47 21.87 6.43
N ARG A 1224 -44.33 21.51 5.16
CA ARG A 1224 -45.44 21.55 4.21
C ARG A 1224 -46.45 20.44 4.49
N GLY B 52 15.13 7.16 -26.09
CA GLY B 52 14.97 5.79 -25.65
C GLY B 52 16.16 4.91 -25.96
N GLU B 53 17.33 5.54 -26.09
CA GLU B 53 18.55 4.78 -26.34
C GLU B 53 18.92 3.90 -25.16
N GLY B 54 18.75 4.42 -23.93
CA GLY B 54 19.04 3.63 -22.75
C GLY B 54 18.14 2.41 -22.60
N SER B 55 16.90 2.51 -23.07
CA SER B 55 16.04 1.34 -23.16
C SER B 55 16.61 0.32 -24.14
N GLU B 56 17.12 0.79 -25.27
CA GLU B 56 17.80 -0.10 -26.22
C GLU B 56 19.17 -0.51 -25.71
N ALA B 57 19.87 0.39 -25.00
CA ALA B 57 21.15 0.04 -24.42
C ALA B 57 21.01 -1.02 -23.33
N LEU B 58 19.89 -1.00 -22.61
CA LEU B 58 19.59 -2.12 -21.71
C LEU B 58 19.31 -3.39 -22.50
N LEU B 59 18.63 -3.25 -23.64
CA LEU B 59 18.23 -4.42 -24.42
C LEU B 59 19.44 -5.15 -24.99
N GLU B 60 20.46 -4.40 -25.41
CA GLU B 60 21.67 -5.05 -25.92
C GLU B 60 22.44 -5.73 -24.79
N ILE B 61 22.36 -5.20 -23.57
CA ILE B 61 22.92 -5.89 -22.42
C ILE B 61 22.09 -7.12 -22.09
N CYS B 62 20.76 -6.99 -22.13
CA CYS B 62 19.87 -8.12 -21.89
C CYS B 62 19.97 -9.18 -22.99
N GLN B 63 20.50 -8.83 -24.16
CA GLN B 63 20.77 -9.80 -25.19
C GLN B 63 22.16 -10.40 -25.06
N ARG B 64 23.15 -9.58 -24.72
CA ARG B 64 24.54 -10.03 -24.69
C ARG B 64 24.77 -11.04 -23.56
N ARG B 65 24.37 -10.70 -22.35
CA ARG B 65 24.70 -11.47 -21.18
C ARG B 65 23.65 -12.52 -20.83
N HIS B 66 22.93 -13.00 -21.83
CA HIS B 66 22.05 -14.17 -21.72
C HIS B 66 20.93 -13.94 -20.71
N PHE B 67 20.09 -12.96 -21.01
CA PHE B 67 18.84 -12.77 -20.30
C PHE B 67 17.63 -13.07 -21.15
N LEU B 68 17.56 -12.50 -22.36
CA LEU B 68 16.49 -12.78 -23.30
C LEU B 68 17.10 -13.36 -24.57
N SER B 69 16.61 -14.52 -24.98
CA SER B 69 17.17 -15.22 -26.14
C SER B 69 16.65 -14.61 -27.43
N GLY B 70 17.51 -14.61 -28.44
CA GLY B 70 17.17 -14.13 -29.76
C GLY B 70 18.26 -13.24 -30.32
N SER B 71 17.94 -12.56 -31.41
CA SER B 71 18.85 -11.63 -32.05
C SER B 71 18.23 -10.23 -32.05
N LYS B 72 18.97 -9.27 -32.60
CA LYS B 72 18.59 -7.86 -32.50
C LYS B 72 17.34 -7.55 -33.31
N GLN B 73 17.13 -8.26 -34.42
CA GLN B 73 15.98 -7.97 -35.30
C GLN B 73 14.67 -8.23 -34.58
N GLN B 74 14.59 -9.30 -33.80
CA GLN B 74 13.41 -9.55 -32.99
C GLN B 74 13.46 -8.85 -31.64
N LEU B 75 14.51 -8.05 -31.38
CA LEU B 75 14.60 -7.24 -30.17
C LEU B 75 13.77 -5.96 -30.32
N SER B 76 12.47 -6.14 -30.47
CA SER B 76 11.53 -5.04 -30.59
C SER B 76 10.61 -5.04 -29.38
N ARG B 77 10.08 -3.86 -29.05
CA ARG B 77 9.31 -3.68 -27.82
C ARG B 77 8.04 -4.52 -27.83
N ASP B 78 7.33 -4.53 -28.97
CA ASP B 78 6.08 -5.29 -29.05
C ASP B 78 6.32 -6.78 -29.00
N SER B 79 7.44 -7.26 -29.53
CA SER B 79 7.72 -8.70 -29.50
C SER B 79 7.94 -9.19 -28.07
N LEU B 80 8.68 -8.43 -27.27
CA LEU B 80 8.90 -8.82 -25.88
C LEU B 80 7.67 -8.56 -25.02
N LEU B 81 6.96 -7.47 -25.28
CA LEU B 81 5.81 -7.10 -24.46
C LEU B 81 4.56 -7.89 -24.79
N SER B 82 4.49 -8.53 -25.96
CA SER B 82 3.26 -9.14 -26.43
C SER B 82 3.17 -10.62 -26.11
N GLY B 83 4.14 -11.17 -25.39
CA GLY B 83 4.09 -12.58 -25.04
C GLY B 83 4.53 -13.53 -26.13
N CYS B 84 4.80 -13.03 -27.34
CA CYS B 84 5.33 -13.85 -28.42
C CYS B 84 6.84 -13.75 -28.51
N HIS B 85 7.50 -13.62 -27.36
CA HIS B 85 8.94 -13.42 -27.31
C HIS B 85 9.66 -14.66 -27.84
N PRO B 86 10.86 -14.49 -28.39
CA PRO B 86 11.59 -15.64 -28.93
C PRO B 86 12.32 -16.46 -27.87
N GLY B 87 11.98 -16.26 -26.61
CA GLY B 87 12.58 -17.00 -25.52
C GLY B 87 13.51 -16.14 -24.69
N PHE B 88 13.75 -16.59 -23.47
CA PHE B 88 14.67 -15.93 -22.55
C PHE B 88 15.92 -16.77 -22.38
N GLY B 89 16.95 -16.14 -21.83
CA GLY B 89 18.19 -16.81 -21.58
C GLY B 89 18.10 -17.72 -20.37
N PRO B 90 19.21 -18.34 -20.00
CA PRO B 90 19.18 -19.19 -18.80
C PRO B 90 19.04 -18.38 -17.52
N LEU B 91 19.69 -17.22 -17.45
CA LEU B 91 19.53 -16.34 -16.31
C LEU B 91 18.12 -15.77 -16.25
N GLY B 92 17.50 -15.54 -17.41
CA GLY B 92 16.10 -15.14 -17.43
C GLY B 92 15.18 -16.22 -16.89
N VAL B 93 15.48 -17.48 -17.19
CA VAL B 93 14.67 -18.58 -16.68
C VAL B 93 14.84 -18.69 -15.17
N GLU B 94 16.07 -18.47 -14.68
CA GLU B 94 16.26 -18.49 -13.24
C GLU B 94 15.60 -17.31 -12.56
N LEU B 95 15.51 -16.16 -13.23
CA LEU B 95 14.78 -15.02 -12.68
C LEU B 95 13.28 -15.30 -12.63
N ARG B 96 12.77 -15.97 -13.66
CA ARG B 96 11.38 -16.42 -13.62
C ARG B 96 11.14 -17.39 -12.47
N LYS B 97 12.09 -18.29 -12.23
CA LYS B 97 11.95 -19.25 -11.14
C LYS B 97 12.01 -18.56 -9.78
N ASN B 98 12.86 -17.54 -9.65
CA ASN B 98 12.94 -16.79 -8.40
C ASN B 98 11.65 -16.01 -8.14
N LEU B 99 11.10 -15.39 -9.18
CA LEU B 99 9.82 -14.69 -9.03
C LEU B 99 8.71 -15.68 -8.66
N ALA B 100 8.71 -16.85 -9.28
CA ALA B 100 7.71 -17.86 -8.97
C ALA B 100 7.85 -18.37 -7.54
N ALA B 101 9.09 -18.52 -7.07
CA ALA B 101 9.30 -18.98 -5.70
C ALA B 101 8.85 -17.93 -4.69
N GLU B 102 9.13 -16.65 -4.96
CA GLU B 102 8.67 -15.60 -4.06
C GLU B 102 7.14 -15.50 -4.05
N TRP B 103 6.51 -15.66 -5.23
CA TRP B 103 5.06 -15.67 -5.29
C TRP B 103 4.48 -16.86 -4.53
N TRP B 104 5.15 -18.01 -4.62
CA TRP B 104 4.66 -19.20 -3.94
C TRP B 104 4.80 -19.08 -2.44
N THR B 105 5.85 -18.41 -1.97
CA THR B 105 5.95 -18.11 -0.54
C THR B 105 4.86 -17.15 -0.12
N SER B 106 4.66 -16.07 -0.88
CA SER B 106 3.73 -15.02 -0.48
C SER B 106 2.28 -15.49 -0.50
N VAL B 107 1.93 -16.42 -1.37
CA VAL B 107 0.53 -16.76 -1.62
C VAL B 107 0.12 -18.04 -0.91
N VAL B 108 0.90 -19.11 -1.09
CA VAL B 108 0.50 -20.43 -0.60
C VAL B 108 1.14 -20.74 0.74
N VAL B 109 2.43 -20.44 0.90
CA VAL B 109 3.15 -20.86 2.10
C VAL B 109 2.67 -20.09 3.32
N PHE B 110 2.57 -18.77 3.20
CA PHE B 110 2.27 -17.93 4.36
C PHE B 110 0.78 -17.68 4.56
N ARG B 111 -0.08 -18.28 3.74
CA ARG B 111 -1.53 -18.20 3.93
C ARG B 111 -2.06 -19.60 4.14
N GLU B 112 -2.91 -19.76 5.16
CA GLU B 112 -3.30 -21.10 5.59
C GLU B 112 -4.31 -21.71 4.62
N GLN B 113 -5.27 -20.93 4.15
CA GLN B 113 -6.42 -21.46 3.44
C GLN B 113 -6.17 -21.68 1.96
N VAL B 114 -5.03 -21.27 1.43
CA VAL B 114 -4.75 -21.40 0.00
C VAL B 114 -4.26 -22.82 -0.26
N PHE B 115 -5.06 -23.61 -0.96
CA PHE B 115 -4.64 -24.95 -1.38
C PHE B 115 -4.44 -24.92 -2.89
N PRO B 116 -3.21 -24.90 -3.38
CA PRO B 116 -2.98 -24.72 -4.81
C PRO B 116 -3.39 -25.96 -5.61
N VAL B 117 -3.92 -25.70 -6.81
CA VAL B 117 -4.43 -26.77 -7.66
C VAL B 117 -3.86 -26.57 -9.06
N ASP B 118 -3.90 -27.65 -9.85
CA ASP B 118 -3.39 -27.64 -11.22
C ASP B 118 -4.46 -28.21 -12.14
N ALA B 119 -4.91 -27.38 -13.09
CA ALA B 119 -5.88 -27.79 -14.09
C ALA B 119 -5.17 -28.16 -15.38
N LEU B 120 -5.85 -28.94 -16.22
CA LEU B 120 -5.27 -29.44 -17.46
C LEU B 120 -4.92 -28.29 -18.40
N HIS B 121 -3.91 -28.53 -19.24
CA HIS B 121 -3.38 -27.46 -20.06
C HIS B 121 -4.34 -27.01 -21.15
N HIS B 122 -5.12 -27.94 -21.70
CA HIS B 122 -6.05 -27.63 -22.76
C HIS B 122 -7.48 -27.86 -22.28
N LYS B 123 -8.39 -27.00 -22.70
CA LYS B 123 -9.79 -27.18 -22.40
C LYS B 123 -10.42 -28.05 -23.47
N PRO B 124 -10.93 -29.24 -23.15
CA PRO B 124 -11.50 -30.11 -24.17
C PRO B 124 -12.88 -29.65 -24.59
N GLY B 125 -13.27 -30.06 -25.78
CA GLY B 125 -14.53 -29.66 -26.35
C GLY B 125 -15.70 -30.35 -25.67
N PRO B 126 -16.93 -29.92 -25.98
CA PRO B 126 -17.31 -28.88 -26.94
C PRO B 126 -17.10 -27.46 -26.42
N LEU B 127 -17.21 -26.48 -27.30
CA LEU B 127 -17.08 -25.08 -26.91
C LEU B 127 -18.39 -24.33 -27.14
N ALA B 133 -10.61 -18.08 -29.12
CA ALA B 133 -9.18 -18.23 -28.84
C ALA B 133 -8.48 -18.94 -29.99
N PHE B 134 -8.09 -20.19 -29.75
CA PHE B 134 -7.42 -21.00 -30.75
C PHE B 134 -7.93 -22.43 -30.65
N ARG B 135 -7.80 -23.15 -31.75
CA ARG B 135 -8.21 -24.54 -31.83
C ARG B 135 -7.03 -25.39 -32.26
N LEU B 136 -7.15 -26.69 -32.02
N LEU B 136 -7.13 -26.68 -31.97
CA LEU B 136 -6.09 -27.64 -32.33
CA LEU B 136 -6.06 -27.63 -32.24
C LEU B 136 -6.61 -28.71 -33.26
C LEU B 136 -6.59 -28.72 -33.14
N VAL B 137 -5.81 -29.09 -34.25
N VAL B 137 -5.81 -29.10 -34.15
CA VAL B 137 -6.17 -30.15 -35.19
CA VAL B 137 -6.22 -30.13 -35.10
C VAL B 137 -5.02 -31.13 -35.31
C VAL B 137 -5.06 -31.07 -35.35
N SER B 138 -5.30 -32.41 -35.12
N SER B 138 -5.32 -32.37 -35.26
CA SER B 138 -4.28 -33.45 -35.20
CA SER B 138 -4.45 -33.35 -35.88
C SER B 138 -3.79 -33.64 -36.62
C SER B 138 -4.75 -33.36 -37.38
N ALA B 139 -2.51 -33.99 -36.74
N ALA B 139 -3.72 -33.11 -38.20
CA ALA B 139 -1.90 -34.18 -38.06
CA ALA B 139 -3.89 -32.68 -39.58
C ALA B 139 -2.33 -35.49 -38.70
C ALA B 139 -4.41 -33.75 -40.53
N GLU B 140 -2.51 -36.55 -37.88
N GLU B 140 -4.66 -34.97 -40.06
CA GLU B 140 -2.82 -37.86 -38.43
CA GLU B 140 -5.12 -36.03 -40.94
C GLU B 140 -4.20 -37.87 -39.10
C GLU B 140 -6.42 -35.65 -41.63
N THR B 141 -5.20 -37.30 -38.43
N THR B 141 -7.39 -35.15 -40.87
CA THR B 141 -6.54 -37.25 -39.01
CA THR B 141 -8.68 -34.79 -41.43
C THR B 141 -6.55 -36.40 -40.28
C THR B 141 -8.57 -33.60 -42.38
N LEU B 142 -5.83 -35.27 -40.26
N LEU B 142 -7.72 -32.62 -42.04
CA LEU B 142 -5.74 -34.44 -41.46
CA LEU B 142 -7.53 -31.49 -42.93
C LEU B 142 -5.11 -35.20 -42.60
C LEU B 142 -6.94 -31.92 -44.26
N ARG B 143 -4.05 -35.96 -42.33
N ARG B 143 -5.94 -32.81 -44.23
CA ARG B 143 -3.41 -36.76 -43.36
CA ARG B 143 -5.38 -33.35 -45.46
C ARG B 143 -4.36 -37.82 -43.91
C ARG B 143 -6.44 -34.13 -46.23
N GLU B 144 -5.12 -38.48 -43.02
N GLU B 144 -7.23 -34.94 -45.53
CA GLU B 144 -6.06 -39.51 -43.47
CA GLU B 144 -8.27 -35.74 -46.19
C GLU B 144 -7.15 -38.92 -44.34
C GLU B 144 -9.28 -34.86 -46.91
N ILE B 145 -7.66 -37.74 -43.97
N ILE B 145 -9.69 -33.76 -46.26
CA ILE B 145 -8.71 -37.08 -44.76
CA ILE B 145 -10.64 -32.85 -46.90
C ILE B 145 -8.17 -36.63 -46.11
C ILE B 145 -9.99 -32.14 -48.07
N LEU B 146 -6.99 -35.99 -46.11
N LEU B 146 -8.79 -31.59 -47.88
CA LEU B 146 -6.44 -35.47 -47.36
CA LEU B 146 -8.12 -30.85 -48.95
C LEU B 146 -6.05 -36.59 -48.31
C LEU B 146 -7.73 -31.74 -50.12
N GLN B 147 -5.49 -37.68 -47.78
N GLN B 147 -7.76 -33.07 -49.96
CA GLN B 147 -5.05 -38.78 -48.63
CA GLN B 147 -7.47 -33.97 -51.06
C GLN B 147 -6.20 -39.56 -49.25
C GLN B 147 -8.45 -33.78 -52.22
N ASP B 148 -7.41 -39.45 -48.68
N ASP B 148 -9.74 -33.64 -51.91
CA ASP B 148 -8.57 -40.17 -49.20
CA ASP B 148 -10.77 -33.47 -52.92
C ASP B 148 -9.13 -39.37 -50.37
C ASP B 148 -11.54 -32.18 -52.67
N LYS B 149 -8.63 -39.68 -51.57
N LYS B 149 -11.89 -31.47 -53.74
CA LYS B 149 -9.08 -39.00 -52.78
CA LYS B 149 -12.62 -30.21 -53.64
C LYS B 149 -10.52 -39.34 -53.14
C LYS B 149 -13.95 -30.25 -54.39
N GLU B 150 -11.05 -40.45 -52.61
N GLU B 150 -14.51 -31.45 -54.58
CA GLU B 150 -12.44 -40.81 -52.86
CA GLU B 150 -15.80 -31.56 -55.27
C GLU B 150 -13.42 -39.84 -52.22
C GLU B 150 -16.92 -30.95 -54.44
N LEU B 151 -12.97 -39.01 -51.28
N LEU B 151 -16.82 -31.02 -53.12
CA LEU B 151 -13.86 -38.07 -50.62
CA LEU B 151 -17.84 -30.43 -52.27
C LEU B 151 -14.33 -36.98 -51.57
C LEU B 151 -17.79 -28.91 -52.38
N SER B 152 -15.60 -36.63 -51.47
N SER B 152 -18.95 -28.27 -52.31
CA SER B 152 -16.20 -35.58 -52.28
CA SER B 152 -19.09 -26.87 -52.67
C SER B 152 -16.19 -34.27 -51.51
C SER B 152 -18.57 -25.97 -51.56
N LYS B 153 -16.79 -33.24 -52.10
N LYS B 153 -18.82 -24.66 -51.70
CA LYS B 153 -16.85 -31.94 -51.45
CA LYS B 153 -18.47 -23.70 -50.65
C LYS B 153 -17.65 -31.98 -50.16
C LYS B 153 -19.24 -23.99 -49.38
N GLU B 154 -18.80 -32.65 -50.18
N GLU B 154 -20.52 -24.34 -49.50
CA GLU B 154 -19.71 -32.60 -49.03
CA GLU B 154 -21.37 -24.57 -48.34
C GLU B 154 -19.10 -33.27 -47.80
C GLU B 154 -20.86 -25.75 -47.51
N GLN B 155 -18.43 -34.40 -47.99
N GLN B 155 -20.46 -26.84 -48.17
CA GLN B 155 -17.82 -35.10 -46.85
CA GLN B 155 -19.97 -28.00 -47.44
C GLN B 155 -16.72 -34.27 -46.22
C GLN B 155 -18.64 -27.71 -46.76
N LEU B 156 -15.90 -33.62 -47.04
N LEU B 156 -17.77 -26.92 -47.41
CA LEU B 156 -14.85 -32.74 -46.52
CA LEU B 156 -16.51 -26.53 -46.78
C LEU B 156 -15.46 -31.57 -45.76
C LEU B 156 -16.76 -25.72 -45.52
N VAL B 157 -16.54 -30.99 -46.28
N VAL B 157 -17.68 -24.76 -45.59
CA VAL B 157 -17.20 -29.89 -45.58
CA VAL B 157 -18.02 -23.97 -44.41
C VAL B 157 -17.74 -30.36 -44.24
C VAL B 157 -18.63 -24.86 -43.33
N ALA B 158 -18.34 -31.55 -44.21
N ALA B 158 -19.47 -25.82 -43.74
CA ALA B 158 -18.87 -32.08 -42.95
CA ALA B 158 -20.12 -26.70 -42.79
C ALA B 158 -17.77 -32.33 -41.94
C ALA B 158 -19.12 -27.56 -42.03
N PHE B 159 -16.64 -32.87 -42.40
N PHE B 159 -18.13 -28.11 -42.73
CA PHE B 159 -15.51 -33.09 -41.51
CA PHE B 159 -17.14 -28.91 -42.01
C PHE B 159 -14.97 -31.78 -40.95
C PHE B 159 -16.17 -28.05 -41.23
N LEU B 160 -14.87 -30.76 -41.80
N LEU B 160 -15.95 -26.80 -41.67
CA LEU B 160 -14.37 -29.46 -41.33
CA LEU B 160 -15.26 -25.84 -40.82
C LEU B 160 -15.32 -28.84 -40.32
C LEU B 160 -15.99 -25.69 -39.50
N GLU B 161 -16.64 -28.93 -40.56
N GLU B 161 -17.32 -25.54 -39.56
CA GLU B 161 -17.62 -28.41 -39.61
CA GLU B 161 -18.11 -25.44 -38.34
C GLU B 161 -17.52 -29.14 -38.28
C GLU B 161 -18.04 -26.72 -37.51
N ASN B 162 -17.40 -30.47 -38.33
N ASN B 162 -18.02 -27.88 -38.17
CA ASN B 162 -17.26 -31.23 -37.10
CA ASN B 162 -17.93 -29.15 -37.44
C ASN B 162 -16.00 -30.84 -36.35
C ASN B 162 -16.62 -29.25 -36.68
N VAL B 163 -14.90 -30.60 -37.08
N VAL B 163 -15.51 -28.94 -37.34
CA VAL B 163 -13.66 -30.20 -36.43
CA VAL B 163 -14.21 -28.93 -36.67
C VAL B 163 -13.82 -28.86 -35.75
C VAL B 163 -14.22 -27.92 -35.53
N LEU B 164 -14.43 -27.90 -36.45
N LEU B 164 -14.82 -26.74 -35.78
CA LEU B 164 -14.66 -26.58 -35.85
CA LEU B 164 -14.90 -25.71 -34.74
C LEU B 164 -15.58 -26.67 -34.64
C LEU B 164 -15.66 -26.21 -33.53
N LYS B 165 -16.49 -27.64 -34.62
N LYS B 165 -16.72 -26.99 -33.75
CA LYS B 165 -17.42 -27.77 -33.50
CA LYS B 165 -17.54 -27.51 -32.68
C LYS B 165 -16.95 -28.70 -32.41
C LYS B 165 -16.96 -28.75 -32.02
N THR B 166 -15.82 -29.39 -32.58
N THR B 166 -15.96 -29.39 -32.62
CA THR B 166 -15.34 -30.36 -31.61
CA THR B 166 -15.35 -30.57 -32.04
C THR B 166 -13.86 -30.17 -31.33
C THR B 166 -13.97 -30.33 -31.45
N SER B 167 -13.42 -28.93 -31.29
N SER B 167 -13.55 -29.08 -31.32
CA SER B 167 -12.02 -28.59 -31.11
CA SER B 167 -12.17 -28.75 -31.00
C SER B 167 -11.78 -28.14 -29.67
C SER B 167 -11.98 -28.50 -29.51
N GLY B 168 -10.75 -28.70 -29.06
CA GLY B 168 -10.33 -28.20 -27.77
C GLY B 168 -9.61 -26.89 -27.96
N LYS B 169 -9.48 -26.14 -26.87
CA LYS B 169 -8.81 -24.84 -26.93
C LYS B 169 -7.75 -24.79 -25.84
N LEU B 170 -6.57 -24.33 -26.21
CA LEU B 170 -5.59 -23.96 -25.20
C LEU B 170 -6.15 -22.83 -24.36
N ARG B 171 -6.00 -22.96 -23.04
CA ARG B 171 -6.68 -22.10 -22.09
C ARG B 171 -6.14 -20.68 -22.13
N GLU B 172 -7.00 -19.73 -21.73
CA GLU B 172 -6.61 -18.34 -21.52
C GLU B 172 -6.76 -17.94 -20.06
N ASN B 173 -7.95 -18.10 -19.48
CA ASN B 173 -8.21 -17.72 -18.09
C ASN B 173 -8.34 -18.97 -17.25
N LEU B 174 -7.67 -18.97 -16.11
CA LEU B 174 -7.59 -20.14 -15.25
C LEU B 174 -8.76 -20.23 -14.28
N LEU B 175 -9.72 -19.31 -14.37
CA LEU B 175 -10.89 -19.34 -13.50
C LEU B 175 -11.68 -20.63 -13.68
N HIS B 176 -11.74 -21.13 -14.93
CA HIS B 176 -12.49 -22.35 -15.21
C HIS B 176 -11.90 -23.56 -14.52
N GLY B 177 -10.58 -23.57 -14.29
CA GLY B 177 -9.97 -24.68 -13.57
C GLY B 177 -10.44 -24.76 -12.13
N ALA B 178 -10.48 -23.61 -11.45
CA ALA B 178 -11.01 -23.58 -10.09
C ALA B 178 -12.51 -23.87 -10.09
N LEU B 179 -13.24 -23.39 -11.09
CA LEU B 179 -14.65 -23.69 -11.19
C LEU B 179 -14.91 -25.17 -11.45
N GLU B 180 -13.93 -25.89 -11.99
CA GLU B 180 -14.02 -27.33 -12.12
C GLU B 180 -13.65 -28.05 -10.81
N HIS B 181 -12.60 -27.60 -10.14
CA HIS B 181 -12.11 -28.31 -8.96
C HIS B 181 -12.75 -27.84 -7.66
N TYR B 182 -13.72 -26.92 -7.72
CA TYR B 182 -14.24 -26.29 -6.50
C TYR B 182 -14.95 -27.28 -5.59
N VAL B 183 -15.72 -28.21 -6.15
CA VAL B 183 -16.48 -29.13 -5.30
C VAL B 183 -15.53 -30.08 -4.57
N ASN B 184 -14.51 -30.58 -5.29
CA ASN B 184 -13.51 -31.43 -4.67
C ASN B 184 -12.75 -30.70 -3.58
N CYS B 185 -12.38 -29.44 -3.83
CA CYS B 185 -11.64 -28.70 -2.82
C CYS B 185 -12.52 -28.25 -1.66
N LEU B 186 -13.84 -28.11 -1.89
CA LEU B 186 -14.77 -27.90 -0.79
C LEU B 186 -14.84 -29.14 0.08
N ASP B 187 -14.77 -30.32 -0.52
CA ASP B 187 -14.61 -31.55 0.25
C ASP B 187 -13.27 -31.56 0.98
N LEU B 188 -12.25 -30.95 0.39
CA LEU B 188 -10.91 -30.96 0.99
C LEU B 188 -10.85 -30.13 2.28
N VAL B 189 -11.37 -28.91 2.24
CA VAL B 189 -11.11 -27.94 3.30
C VAL B 189 -12.06 -28.13 4.47
N ASN B 190 -12.86 -29.22 4.42
CA ASN B 190 -13.90 -29.50 5.42
C ASN B 190 -14.88 -28.33 5.53
N LYS B 191 -15.22 -27.75 4.39
CA LYS B 191 -16.17 -26.64 4.26
C LYS B 191 -15.78 -25.44 5.11
N ARG B 192 -14.48 -25.16 5.18
CA ARG B 192 -13.98 -23.97 5.84
C ARG B 192 -13.87 -22.85 4.82
N LEU B 193 -14.53 -21.73 5.10
CA LEU B 193 -14.59 -20.63 4.15
C LEU B 193 -14.15 -19.35 4.85
N PRO B 194 -13.49 -18.43 4.14
CA PRO B 194 -13.10 -18.46 2.73
C PRO B 194 -11.85 -19.27 2.45
N TYR B 195 -11.61 -19.63 1.19
CA TYR B 195 -10.38 -20.29 0.77
C TYR B 195 -10.21 -20.04 -0.72
N GLY B 196 -9.14 -20.60 -1.27
CA GLY B 196 -8.84 -20.38 -2.68
C GLY B 196 -7.87 -21.42 -3.22
N LEU B 197 -7.81 -21.49 -4.55
CA LEU B 197 -6.95 -22.42 -5.26
C LEU B 197 -6.01 -21.63 -6.17
N ALA B 198 -4.71 -21.90 -6.04
CA ALA B 198 -3.69 -21.12 -6.73
C ALA B 198 -2.95 -21.99 -7.75
N GLN B 199 -2.31 -21.32 -8.70
CA GLN B 199 -1.56 -21.99 -9.76
C GLN B 199 -0.73 -20.96 -10.52
N ILE B 200 0.49 -21.34 -10.88
CA ILE B 200 1.29 -20.59 -11.83
C ILE B 200 1.42 -21.42 -13.08
N GLY B 201 1.56 -20.76 -14.22
CA GLY B 201 1.73 -21.45 -15.47
C GLY B 201 1.63 -20.49 -16.62
N VAL B 202 1.93 -21.02 -17.80
CA VAL B 202 1.88 -20.25 -19.04
C VAL B 202 0.49 -20.37 -19.63
N CYS B 203 -0.10 -19.24 -19.99
CA CYS B 203 -1.38 -19.20 -20.67
C CYS B 203 -1.16 -18.79 -22.12
N PHE B 204 -2.22 -18.94 -22.92
CA PHE B 204 -2.14 -18.71 -24.35
C PHE B 204 -3.09 -17.60 -24.75
N HIS B 205 -2.61 -16.66 -25.55
CA HIS B 205 -3.34 -15.46 -25.89
C HIS B 205 -3.25 -15.18 -27.37
N PRO B 206 -4.29 -14.60 -27.96
CA PRO B 206 -4.16 -14.13 -29.34
C PRO B 206 -3.24 -12.93 -29.43
N VAL B 207 -2.59 -12.80 -30.57
CA VAL B 207 -1.74 -11.65 -30.86
C VAL B 207 -2.44 -10.81 -31.91
N PHE B 208 -2.77 -9.58 -31.56
CA PHE B 208 -3.45 -8.67 -32.49
C PHE B 208 -2.41 -7.95 -33.35
N ASP B 209 -1.81 -8.73 -34.25
CA ASP B 209 -0.74 -8.22 -35.09
C ASP B 209 -1.29 -7.28 -36.16
N THR B 210 -0.59 -6.16 -36.36
CA THR B 210 -0.94 -5.21 -37.40
C THR B 210 -0.27 -5.53 -38.73
N LYS B 211 0.57 -6.55 -38.78
CA LYS B 211 1.25 -6.93 -40.02
C LYS B 211 0.31 -7.73 -40.93
N LYS B 218 -3.62 -15.39 -35.82
CA LYS B 218 -2.43 -16.01 -36.40
C LYS B 218 -1.38 -16.32 -35.34
N SER B 219 -0.65 -15.28 -34.92
CA SER B 219 0.45 -15.47 -33.99
C SER B 219 -0.05 -15.82 -32.60
N ILE B 220 0.71 -16.68 -31.91
CA ILE B 220 0.38 -17.12 -30.56
C ILE B 220 1.44 -16.58 -29.61
N GLY B 221 1.00 -15.85 -28.59
CA GLY B 221 1.89 -15.30 -27.59
C GLY B 221 1.74 -16.05 -26.27
N GLU B 222 2.86 -16.50 -25.73
CA GLU B 222 2.87 -17.30 -24.52
C GLU B 222 3.24 -16.42 -23.34
N LYS B 223 2.33 -16.31 -22.38
CA LYS B 223 2.53 -15.49 -21.19
C LYS B 223 2.36 -16.37 -19.95
N THR B 224 3.31 -16.27 -19.02
CA THR B 224 3.25 -17.03 -17.78
C THR B 224 2.40 -16.27 -16.77
N GLU B 225 1.39 -16.92 -16.22
CA GLU B 225 0.41 -16.27 -15.37
C GLU B 225 0.24 -17.02 -14.07
N ALA B 226 0.17 -16.27 -12.97
CA ALA B 226 -0.06 -16.84 -11.64
C ALA B 226 -1.43 -16.38 -11.18
N SER B 227 -2.31 -17.32 -10.88
CA SER B 227 -3.70 -17.01 -10.63
C SER B 227 -4.18 -17.71 -9.38
N LEU B 228 -5.22 -17.13 -8.77
CA LEU B 228 -5.82 -17.64 -7.55
C LEU B 228 -7.26 -17.18 -7.49
N VAL B 229 -8.16 -18.11 -7.20
CA VAL B 229 -9.58 -17.81 -7.18
C VAL B 229 -10.04 -17.91 -5.73
N TRP B 230 -10.13 -16.77 -5.05
CA TRP B 230 -10.43 -16.72 -3.63
C TRP B 230 -11.93 -16.84 -3.44
N PHE B 231 -12.40 -18.05 -3.16
CA PHE B 231 -13.80 -18.27 -2.86
C PHE B 231 -14.12 -17.70 -1.48
N THR B 232 -14.98 -16.69 -1.43
CA THR B 232 -15.22 -15.89 -0.25
C THR B 232 -16.71 -15.76 0.01
N PRO B 233 -17.11 -15.51 1.26
CA PRO B 233 -18.50 -15.15 1.53
C PRO B 233 -18.85 -13.82 0.88
N PRO B 234 -20.09 -13.63 0.43
CA PRO B 234 -20.45 -12.39 -0.25
C PRO B 234 -20.55 -11.18 0.66
N ARG B 235 -20.76 -11.39 1.97
CA ARG B 235 -20.85 -10.28 2.90
C ARG B 235 -19.53 -9.52 2.97
N THR B 236 -18.42 -10.26 3.05
CA THR B 236 -17.09 -9.69 3.20
C THR B 236 -16.30 -9.73 1.90
N SER B 237 -16.98 -9.50 0.77
CA SER B 237 -16.31 -9.61 -0.53
C SER B 237 -15.29 -8.50 -0.73
N ASN B 238 -15.75 -7.24 -0.68
CA ASN B 238 -14.88 -6.10 -0.95
C ASN B 238 -13.81 -5.93 0.12
N GLN B 239 -14.05 -6.42 1.35
CA GLN B 239 -13.00 -6.42 2.36
C GLN B 239 -11.82 -7.28 1.93
N TRP B 240 -12.12 -8.49 1.46
CA TRP B 240 -11.06 -9.36 0.92
C TRP B 240 -10.45 -8.78 -0.33
N LEU B 241 -11.23 -8.04 -1.13
CA LEU B 241 -10.68 -7.43 -2.33
C LEU B 241 -9.65 -6.37 -1.97
N ASP B 242 -9.96 -5.51 -1.01
CA ASP B 242 -9.01 -4.49 -0.57
C ASP B 242 -7.79 -5.14 0.09
N PHE B 243 -8.01 -6.20 0.88
CA PHE B 243 -6.89 -6.89 1.54
C PHE B 243 -5.95 -7.51 0.53
N TRP B 244 -6.50 -8.16 -0.50
CA TRP B 244 -5.64 -8.79 -1.51
C TRP B 244 -4.96 -7.76 -2.39
N LEU B 245 -5.62 -6.63 -2.67
CA LEU B 245 -4.94 -5.56 -3.39
C LEU B 245 -3.76 -5.03 -2.60
N ARG B 246 -3.95 -4.81 -1.29
CA ARG B 246 -2.85 -4.34 -0.45
C ARG B 246 -1.71 -5.35 -0.41
N HIS B 247 -2.03 -6.63 -0.20
CA HIS B 247 -0.99 -7.65 -0.08
C HIS B 247 -0.22 -7.83 -1.39
N ARG B 248 -0.92 -7.91 -2.53
CA ARG B 248 -0.23 -8.16 -3.77
C ARG B 248 0.49 -6.92 -4.29
N LEU B 249 -0.02 -5.72 -4.02
CA LEU B 249 0.76 -4.53 -4.36
C LEU B 249 1.98 -4.42 -3.47
N GLN B 250 1.90 -4.88 -2.22
CA GLN B 250 3.10 -4.94 -1.40
C GLN B 250 4.09 -5.95 -1.93
N TRP B 251 3.60 -7.06 -2.48
CA TRP B 251 4.51 -8.03 -3.08
C TRP B 251 5.18 -7.48 -4.33
N TRP B 252 4.45 -6.75 -5.16
CA TRP B 252 5.05 -6.16 -6.34
C TRP B 252 5.89 -4.93 -6.03
N ARG B 253 5.76 -4.36 -4.83
CA ARG B 253 6.62 -3.27 -4.40
C ARG B 253 7.75 -3.72 -3.49
N LYS B 254 7.80 -5.01 -3.14
CA LYS B 254 8.78 -5.48 -2.17
C LYS B 254 10.18 -5.56 -2.77
N PHE B 255 10.29 -5.80 -4.07
CA PHE B 255 11.56 -6.11 -4.72
C PHE B 255 11.95 -5.06 -5.74
N ALA B 256 11.76 -3.79 -5.43
CA ALA B 256 11.95 -2.75 -6.43
C ALA B 256 12.91 -1.68 -5.94
N MET B 257 13.61 -1.07 -6.90
CA MET B 257 14.42 0.09 -6.59
C MET B 257 13.55 1.32 -6.32
N SER B 258 12.48 1.49 -7.10
CA SER B 258 11.63 2.67 -7.00
C SER B 258 10.19 2.23 -7.17
N PRO B 259 9.50 1.85 -6.08
CA PRO B 259 8.11 1.40 -6.21
C PRO B 259 7.11 2.51 -6.49
N SER B 260 7.59 3.73 -6.69
CA SER B 260 6.72 4.79 -7.18
C SER B 260 6.28 4.53 -8.62
N ASN B 261 7.13 3.87 -9.40
CA ASN B 261 6.76 3.52 -10.77
C ASN B 261 5.66 2.47 -10.80
N PHE B 262 5.49 1.70 -9.73
CA PHE B 262 4.34 0.82 -9.61
C PHE B 262 3.14 1.64 -9.19
N SER B 263 2.06 1.55 -9.96
CA SER B 263 0.88 2.37 -9.73
C SER B 263 -0.31 1.47 -9.41
N SER B 264 -1.49 2.10 -9.34
CA SER B 264 -2.72 1.38 -9.02
C SER B 264 -3.90 2.19 -9.52
N SER B 265 -4.85 1.51 -10.16
CA SER B 265 -6.06 2.15 -10.63
C SER B 265 -7.20 1.15 -10.51
N ASP B 266 -8.43 1.66 -10.55
CA ASP B 266 -9.61 0.83 -10.40
C ASP B 266 -10.43 0.86 -11.69
N CYS B 267 -11.08 -0.27 -11.98
CA CYS B 267 -11.90 -0.40 -13.17
C CYS B 267 -13.23 -1.02 -12.80
N GLN B 268 -14.24 -0.74 -13.62
CA GLN B 268 -15.61 -1.17 -13.36
C GLN B 268 -16.08 -2.08 -14.49
N ASP B 269 -16.58 -3.26 -14.12
CA ASP B 269 -17.10 -4.20 -15.11
C ASP B 269 -18.45 -3.71 -15.63
N GLU B 270 -18.89 -4.34 -16.72
CA GLU B 270 -20.16 -3.96 -17.34
C GLU B 270 -21.35 -4.27 -16.46
N GLU B 271 -21.26 -5.30 -15.63
CA GLU B 271 -22.35 -5.70 -14.73
C GLU B 271 -22.28 -4.98 -13.38
N GLY B 272 -21.50 -3.91 -13.28
CA GLY B 272 -21.39 -3.15 -12.05
C GLY B 272 -20.30 -3.60 -11.12
N ARG B 273 -19.61 -4.70 -11.43
CA ARG B 273 -18.51 -5.16 -10.59
C ARG B 273 -17.30 -4.25 -10.76
N LYS B 274 -16.55 -4.08 -9.67
CA LYS B 274 -15.41 -3.16 -9.65
C LYS B 274 -14.17 -3.91 -9.23
N GLY B 275 -13.09 -3.74 -10.01
CA GLY B 275 -11.82 -4.36 -9.68
C GLY B 275 -10.68 -3.37 -9.90
N ASN B 276 -9.52 -3.73 -9.35
CA ASN B 276 -8.36 -2.86 -9.39
C ASN B 276 -7.34 -3.37 -10.40
N LYS B 277 -6.62 -2.42 -11.00
CA LYS B 277 -5.59 -2.70 -11.98
C LYS B 277 -4.27 -2.09 -11.55
N LEU B 278 -3.18 -2.84 -11.75
CA LEU B 278 -1.84 -2.40 -11.41
C LEU B 278 -1.02 -2.22 -12.67
N TYR B 279 -0.13 -1.23 -12.67
CA TYR B 279 0.69 -0.91 -13.83
C TYR B 279 2.12 -0.63 -13.38
N TYR B 280 3.00 -0.48 -14.36
CA TYR B 280 4.38 -0.06 -14.11
C TYR B 280 4.71 1.06 -15.08
N ASN B 281 5.30 2.14 -14.56
CA ASN B 281 5.66 3.29 -15.38
C ASN B 281 6.93 2.95 -16.17
N PHE B 282 6.73 2.25 -17.28
CA PHE B 282 7.80 1.98 -18.22
C PHE B 282 8.28 3.28 -18.85
N PRO B 283 9.46 3.29 -19.47
CA PRO B 283 9.90 4.51 -20.17
C PRO B 283 9.14 4.80 -21.47
N TRP B 284 8.07 4.06 -21.76
CA TRP B 284 7.24 4.36 -22.91
C TRP B 284 5.75 4.21 -22.62
N GLY B 285 5.34 4.27 -21.36
CA GLY B 285 3.95 4.16 -21.00
C GLY B 285 3.65 2.87 -20.25
N LYS B 286 2.53 2.89 -19.54
CA LYS B 286 2.20 1.81 -18.62
C LYS B 286 1.82 0.53 -19.36
N GLU B 287 2.04 -0.59 -18.68
CA GLU B 287 1.58 -1.91 -19.12
C GLU B 287 0.89 -2.58 -17.96
N LEU B 288 -0.16 -3.34 -18.27
CA LEU B 288 -0.96 -3.99 -17.23
C LEU B 288 -0.18 -5.16 -16.66
N ILE B 289 0.11 -5.10 -15.36
CA ILE B 289 0.93 -6.12 -14.72
C ILE B 289 0.11 -7.10 -13.88
N GLU B 290 -1.04 -6.67 -13.36
CA GLU B 290 -1.94 -7.60 -12.67
C GLU B 290 -3.35 -7.02 -12.73
N THR B 291 -4.33 -7.91 -12.63
CA THR B 291 -5.73 -7.50 -12.73
C THR B 291 -6.52 -8.21 -11.65
N LEU B 292 -7.59 -7.58 -11.19
CA LEU B 292 -8.51 -8.17 -10.22
C LEU B 292 -9.94 -7.91 -10.67
N TRP B 293 -10.79 -8.93 -10.49
CA TRP B 293 -12.20 -8.82 -10.87
C TRP B 293 -13.02 -9.72 -9.95
N ASN B 294 -13.75 -9.11 -9.03
CA ASN B 294 -14.64 -9.86 -8.15
C ASN B 294 -15.88 -10.28 -8.92
N LEU B 295 -15.81 -11.43 -9.58
CA LEU B 295 -16.84 -11.83 -10.53
C LEU B 295 -18.11 -12.35 -9.86
N GLY B 296 -18.25 -12.20 -8.55
CA GLY B 296 -19.49 -12.54 -7.89
C GLY B 296 -19.76 -14.02 -7.83
N ASP B 297 -20.94 -14.44 -8.31
CA ASP B 297 -21.30 -15.85 -8.29
C ASP B 297 -21.98 -16.29 -9.59
N HIS B 298 -21.91 -15.49 -10.65
CA HIS B 298 -22.54 -15.88 -11.91
C HIS B 298 -21.79 -17.01 -12.59
N GLU B 299 -20.46 -16.98 -12.53
CA GLU B 299 -19.66 -17.96 -13.24
C GLU B 299 -19.78 -19.35 -12.60
N LEU B 300 -19.78 -19.41 -11.27
CA LEU B 300 -19.89 -20.69 -10.59
C LEU B 300 -21.28 -21.29 -10.78
N LEU B 301 -22.32 -20.46 -10.75
CA LEU B 301 -23.67 -20.95 -11.03
C LEU B 301 -23.78 -21.42 -12.47
N HIS B 302 -23.15 -20.71 -13.40
CA HIS B 302 -23.15 -21.13 -14.79
C HIS B 302 -22.37 -22.42 -14.99
N MET B 303 -21.37 -22.69 -14.15
CA MET B 303 -20.55 -23.87 -14.31
C MET B 303 -21.16 -25.13 -13.70
N TYR B 304 -22.23 -25.00 -12.92
CA TYR B 304 -22.93 -26.16 -12.36
C TYR B 304 -24.41 -25.83 -12.26
N PRO B 305 -25.15 -26.00 -13.35
CA PRO B 305 -26.60 -25.79 -13.31
C PRO B 305 -27.29 -26.88 -12.51
N GLY B 306 -28.47 -26.53 -11.98
CA GLY B 306 -29.23 -27.47 -11.18
C GLY B 306 -29.34 -27.06 -9.73
N ASN B 307 -29.25 -28.04 -8.82
CA ASN B 307 -29.39 -27.77 -7.40
C ASN B 307 -28.14 -27.10 -6.85
N VAL B 308 -28.32 -26.31 -5.80
CA VAL B 308 -27.22 -25.64 -5.14
C VAL B 308 -26.82 -26.36 -3.84
N SER B 309 -27.12 -27.66 -3.74
CA SER B 309 -26.74 -28.43 -2.57
C SER B 309 -25.22 -28.54 -2.46
N LYS B 310 -24.57 -28.92 -3.56
CA LYS B 310 -23.10 -28.94 -3.58
C LYS B 310 -22.53 -27.52 -3.55
N LEU B 311 -23.13 -26.62 -4.34
CA LEU B 311 -22.64 -25.25 -4.46
C LEU B 311 -23.15 -24.44 -3.28
N HIS B 312 -22.43 -24.55 -2.17
CA HIS B 312 -22.70 -23.76 -0.97
C HIS B 312 -21.45 -23.79 -0.09
N GLY B 313 -21.56 -23.22 1.11
CA GLY B 313 -20.47 -23.29 2.07
C GLY B 313 -20.93 -22.70 3.40
N ARG B 314 -20.03 -22.72 4.36
CA ARG B 314 -20.30 -22.24 5.71
C ARG B 314 -19.35 -21.10 6.06
N ASP B 315 -19.90 -19.98 6.49
CA ASP B 315 -19.14 -18.84 6.98
C ASP B 315 -19.57 -18.59 8.42
N GLY B 316 -18.67 -18.86 9.37
CA GLY B 316 -19.02 -18.78 10.78
C GLY B 316 -20.06 -19.81 11.14
N ARG B 317 -21.29 -19.34 11.37
CA ARG B 317 -22.43 -20.22 11.61
C ARG B 317 -23.49 -20.11 10.52
N LYS B 318 -23.25 -19.35 9.45
CA LYS B 318 -24.25 -19.09 8.43
C LYS B 318 -23.85 -19.79 7.14
N ASN B 319 -24.76 -20.62 6.61
CA ASN B 319 -24.52 -21.26 5.32
C ASN B 319 -24.84 -20.27 4.20
N VAL B 320 -23.87 -20.01 3.34
CA VAL B 320 -24.02 -19.03 2.27
C VAL B 320 -23.43 -19.59 0.97
N VAL B 321 -23.94 -19.10 -0.14
CA VAL B 321 -23.33 -19.36 -1.45
C VAL B 321 -21.98 -18.64 -1.52
N PRO B 322 -20.94 -19.25 -2.08
CA PRO B 322 -19.65 -18.55 -2.17
C PRO B 322 -19.61 -17.45 -3.21
N CYS B 323 -18.45 -16.82 -3.36
CA CYS B 323 -18.25 -15.76 -4.33
C CYS B 323 -16.94 -16.00 -5.07
N VAL B 324 -16.62 -15.12 -6.02
CA VAL B 324 -15.47 -15.27 -6.89
C VAL B 324 -14.61 -14.01 -6.81
N LEU B 325 -13.33 -14.19 -6.49
CA LEU B 325 -12.30 -13.18 -6.67
C LEU B 325 -11.26 -13.75 -7.62
N SER B 326 -10.57 -12.89 -8.35
CA SER B 326 -9.59 -13.35 -9.33
C SER B 326 -8.35 -12.47 -9.32
N VAL B 327 -7.20 -13.09 -9.60
CA VAL B 327 -5.96 -12.40 -9.85
C VAL B 327 -5.31 -13.00 -11.09
N ASN B 328 -4.76 -12.13 -11.95
CA ASN B 328 -4.09 -12.55 -13.18
C ASN B 328 -2.74 -11.83 -13.23
N GLY B 329 -1.67 -12.54 -12.88
CA GLY B 329 -0.37 -11.90 -12.84
C GLY B 329 0.56 -12.33 -13.97
N ASP B 330 0.77 -11.43 -14.93
CA ASP B 330 1.67 -11.73 -16.04
C ASP B 330 3.11 -11.66 -15.56
N LEU B 331 3.68 -12.82 -15.20
CA LEU B 331 5.01 -12.84 -14.58
C LEU B 331 6.11 -12.45 -15.55
N ASP B 332 5.93 -12.74 -16.85
CA ASP B 332 6.92 -12.29 -17.83
C ASP B 332 6.95 -10.77 -17.95
N ARG B 333 5.77 -10.16 -17.92
CA ARG B 333 5.69 -8.70 -17.94
C ARG B 333 6.37 -8.12 -16.71
N GLY B 334 6.15 -8.74 -15.55
CA GLY B 334 6.81 -8.28 -14.35
C GLY B 334 8.31 -8.53 -14.37
N MET B 335 8.74 -9.57 -15.07
CA MET B 335 10.17 -9.86 -15.18
C MET B 335 10.86 -8.79 -15.99
N LEU B 336 10.30 -8.44 -17.15
CA LEU B 336 10.85 -7.33 -17.91
C LEU B 336 10.71 -6.01 -17.17
N ALA B 337 9.65 -5.86 -16.37
CA ALA B 337 9.47 -4.66 -15.58
C ALA B 337 10.58 -4.52 -14.54
N TYR B 338 10.90 -5.62 -13.86
CA TYR B 338 11.98 -5.59 -12.87
C TYR B 338 13.32 -5.40 -13.53
N LEU B 339 13.47 -5.90 -14.77
CA LEU B 339 14.67 -5.59 -15.54
C LEU B 339 14.80 -4.09 -15.76
N TYR B 340 13.70 -3.44 -16.11
CA TYR B 340 13.75 -1.99 -16.30
C TYR B 340 13.86 -1.25 -14.98
N ASP B 341 13.44 -1.88 -13.88
CA ASP B 341 13.57 -1.26 -12.56
C ASP B 341 15.01 -1.35 -12.06
N SER B 342 15.71 -2.42 -12.42
CA SER B 342 17.09 -2.60 -11.96
C SER B 342 18.01 -1.55 -12.58
N PHE B 343 17.95 -1.37 -13.89
CA PHE B 343 18.78 -0.40 -14.57
C PHE B 343 18.08 0.94 -14.59
N GLN B 344 18.74 1.96 -14.07
CA GLN B 344 18.22 3.33 -14.06
C GLN B 344 19.16 4.21 -14.87
N LEU B 345 18.60 4.93 -15.83
CA LEU B 345 19.40 5.78 -16.70
C LEU B 345 19.60 7.16 -16.11
N ASN B 355 31.06 12.79 -14.13
CA ASN B 355 30.94 11.41 -13.66
C ASN B 355 31.11 10.42 -14.81
N LEU B 356 31.37 9.16 -14.47
CA LEU B 356 31.54 8.09 -15.44
C LEU B 356 30.45 7.05 -15.23
N HIS B 357 29.78 6.69 -16.31
CA HIS B 357 28.70 5.71 -16.24
C HIS B 357 29.24 4.32 -15.96
N ARG B 358 28.44 3.51 -15.27
CA ARG B 358 28.83 2.14 -14.93
C ARG B 358 27.64 1.26 -15.25
N LYS B 359 27.73 0.52 -16.35
CA LYS B 359 26.61 -0.28 -16.82
C LYS B 359 26.43 -1.50 -15.93
N VAL B 360 25.71 -1.34 -14.81
CA VAL B 360 25.59 -2.39 -13.80
C VAL B 360 24.12 -2.57 -13.48
N LEU B 361 23.64 -3.81 -13.59
CA LEU B 361 22.23 -4.12 -13.33
C LEU B 361 22.04 -4.35 -11.84
N LYS B 362 21.25 -3.48 -11.21
CA LYS B 362 21.09 -3.50 -9.76
C LYS B 362 19.83 -4.26 -9.35
N LEU B 363 19.82 -5.55 -9.64
CA LEU B 363 18.71 -6.38 -9.21
C LEU B 363 18.72 -6.54 -7.70
N HIS B 364 17.53 -6.74 -7.14
CA HIS B 364 17.38 -6.87 -5.71
C HIS B 364 17.99 -8.20 -5.25
N PRO B 365 18.64 -8.23 -4.08
CA PRO B 365 19.33 -9.45 -3.62
C PRO B 365 18.41 -10.55 -3.08
N CYS B 366 17.31 -10.79 -3.78
CA CYS B 366 16.57 -12.04 -3.61
C CYS B 366 16.15 -12.66 -4.93
N LEU B 367 16.07 -11.89 -6.01
CA LEU B 367 15.64 -12.40 -7.30
C LEU B 367 16.75 -12.49 -8.32
N ALA B 368 17.93 -11.94 -8.02
CA ALA B 368 19.06 -12.03 -8.94
C ALA B 368 19.45 -13.49 -9.13
N PRO B 369 19.65 -13.95 -10.35
CA PRO B 369 19.64 -15.39 -10.62
C PRO B 369 20.85 -16.14 -10.09
N ILE B 370 22.02 -15.50 -10.09
CA ILE B 370 23.24 -16.10 -9.59
C ILE B 370 23.83 -15.19 -8.53
N LYS B 371 24.08 -15.75 -7.34
CA LYS B 371 24.46 -14.95 -6.18
C LYS B 371 25.97 -14.82 -6.03
N VAL B 372 26.67 -15.93 -5.96
CA VAL B 372 28.11 -15.92 -5.70
C VAL B 372 28.86 -16.04 -7.02
N ALA B 373 29.95 -15.30 -7.15
CA ALA B 373 30.88 -15.43 -8.26
C ALA B 373 32.22 -15.91 -7.72
N LEU B 374 32.73 -16.99 -8.28
CA LEU B 374 33.94 -17.63 -7.80
C LEU B 374 34.94 -17.73 -8.93
N ASP B 375 36.18 -17.30 -8.67
CA ASP B 375 37.21 -17.22 -9.70
C ASP B 375 38.51 -17.80 -9.15
N VAL B 376 39.60 -17.59 -9.87
CA VAL B 376 40.89 -18.15 -9.51
C VAL B 376 41.97 -17.30 -10.18
N GLY B 377 43.19 -17.40 -9.67
CA GLY B 377 44.32 -16.70 -10.22
C GLY B 377 45.40 -17.67 -10.70
N ARG B 378 46.46 -17.08 -11.25
CA ARG B 378 47.60 -17.87 -11.73
C ARG B 378 48.37 -18.44 -10.55
N GLY B 379 48.86 -19.67 -10.71
CA GLY B 379 49.66 -20.30 -9.69
C GLY B 379 49.44 -21.79 -9.57
N PRO B 380 49.41 -22.30 -8.33
CA PRO B 380 49.23 -23.74 -8.12
C PRO B 380 47.81 -24.17 -8.47
N THR B 381 47.58 -24.41 -9.76
CA THR B 381 46.23 -24.62 -10.26
C THR B 381 45.58 -25.89 -9.72
N LEU B 382 46.37 -26.90 -9.36
CA LEU B 382 45.79 -28.12 -8.78
C LEU B 382 45.16 -27.84 -7.42
N GLU B 383 45.93 -27.22 -6.51
CA GLU B 383 45.42 -26.97 -5.17
C GLU B 383 44.34 -25.88 -5.19
N LEU B 384 44.55 -24.85 -6.01
CA LEU B 384 43.55 -23.80 -6.15
C LEU B 384 42.25 -24.36 -6.71
N ARG B 385 42.33 -25.26 -7.69
CA ARG B 385 41.12 -25.84 -8.25
C ARG B 385 40.44 -26.76 -7.24
N GLN B 386 41.21 -27.47 -6.42
CA GLN B 386 40.62 -28.28 -5.37
C GLN B 386 39.85 -27.43 -4.38
N VAL B 387 40.46 -26.32 -3.95
CA VAL B 387 39.83 -25.42 -2.98
C VAL B 387 38.57 -24.80 -3.58
N CYS B 388 38.64 -24.35 -4.83
CA CYS B 388 37.48 -23.74 -5.48
C CYS B 388 36.35 -24.74 -5.68
N GLN B 389 36.67 -25.97 -6.10
CA GLN B 389 35.64 -26.99 -6.27
C GLN B 389 34.98 -27.34 -4.95
N GLY B 390 35.77 -27.45 -3.88
CA GLY B 390 35.19 -27.71 -2.58
C GLY B 390 34.29 -26.59 -2.10
N LEU B 391 34.71 -25.34 -2.32
CA LEU B 391 33.91 -24.19 -1.93
C LEU B 391 32.60 -24.15 -2.72
N PHE B 392 32.68 -24.47 -4.01
CA PHE B 392 31.50 -24.53 -4.86
C PHE B 392 30.51 -25.57 -4.36
N ASN B 393 31.01 -26.77 -4.03
CA ASN B 393 30.13 -27.82 -3.53
C ASN B 393 29.56 -27.47 -2.15
N GLU B 394 30.35 -26.82 -1.31
CA GLU B 394 29.88 -26.42 0.01
C GLU B 394 28.76 -25.40 -0.09
N LEU B 395 28.91 -24.41 -0.97
CA LEU B 395 27.85 -23.42 -1.17
C LEU B 395 26.62 -24.06 -1.81
N LEU B 396 26.81 -25.00 -2.74
CA LEU B 396 25.69 -25.66 -3.37
C LEU B 396 24.90 -26.50 -2.37
N GLU B 397 25.56 -27.09 -1.39
CA GLU B 397 24.84 -27.83 -0.35
C GLU B 397 23.98 -26.93 0.52
N ASN B 398 24.24 -25.61 0.51
CA ASN B 398 23.50 -24.66 1.33
C ASN B 398 22.51 -23.83 0.52
N GLY B 399 22.16 -24.28 -0.68
CA GLY B 399 21.05 -23.72 -1.42
C GLY B 399 21.37 -22.51 -2.28
N ILE B 400 22.53 -21.88 -2.09
CA ILE B 400 22.91 -20.73 -2.90
C ILE B 400 23.29 -21.21 -4.30
N SER B 401 23.37 -20.28 -5.25
CA SER B 401 23.76 -20.58 -6.61
C SER B 401 25.00 -19.78 -6.97
N VAL B 402 26.03 -20.46 -7.46
CA VAL B 402 27.31 -19.87 -7.76
C VAL B 402 27.57 -20.02 -9.25
N TRP B 403 28.24 -19.04 -9.83
CA TRP B 403 28.66 -19.12 -11.22
C TRP B 403 30.07 -19.66 -11.26
N PRO B 404 30.28 -20.88 -11.74
CA PRO B 404 31.63 -21.47 -11.72
C PRO B 404 32.56 -20.80 -12.72
N GLY B 405 33.02 -19.60 -12.38
CA GLY B 405 33.94 -18.87 -13.23
C GLY B 405 35.40 -19.18 -12.99
N TYR B 406 35.71 -20.17 -12.18
CA TYR B 406 37.11 -20.49 -11.89
C TYR B 406 37.77 -21.28 -13.02
N LEU B 407 37.00 -21.80 -13.96
CA LEU B 407 37.56 -22.55 -15.07
C LEU B 407 38.00 -21.66 -16.22
N GLU B 408 37.98 -20.34 -16.04
CA GLU B 408 38.34 -19.43 -17.12
C GLU B 408 39.85 -19.39 -17.31
N THR B 409 40.37 -20.33 -18.11
CA THR B 409 41.79 -20.35 -18.42
C THR B 409 42.18 -19.15 -19.29
N MET B 410 41.26 -18.68 -20.12
CA MET B 410 41.49 -17.49 -20.94
C MET B 410 41.51 -16.28 -20.04
N GLN B 411 42.71 -15.84 -19.67
CA GLN B 411 42.89 -14.84 -18.61
C GLN B 411 42.35 -13.49 -19.06
N SER B 412 41.22 -13.10 -18.50
CA SER B 412 40.67 -11.78 -18.71
C SER B 412 41.02 -10.90 -17.52
N SER B 413 41.07 -9.59 -17.78
CA SER B 413 41.43 -8.64 -16.73
C SER B 413 40.33 -8.58 -15.68
N LEU B 414 40.73 -8.22 -14.45
CA LEU B 414 39.77 -8.10 -13.36
C LEU B 414 38.76 -7.00 -13.64
N GLU B 415 39.15 -5.96 -14.37
CA GLU B 415 38.21 -4.93 -14.77
C GLU B 415 37.13 -5.50 -15.69
N GLN B 416 37.54 -6.24 -16.72
CA GLN B 416 36.58 -6.79 -17.66
C GLN B 416 35.77 -7.92 -17.03
N LEU B 417 36.41 -8.73 -16.18
CA LEU B 417 35.68 -9.79 -15.48
C LEU B 417 34.63 -9.21 -14.55
N TYR B 418 35.00 -8.15 -13.82
CA TYR B 418 34.03 -7.49 -12.94
C TYR B 418 32.93 -6.83 -13.74
N SER B 419 33.25 -6.24 -14.90
CA SER B 419 32.21 -5.62 -15.72
C SER B 419 31.22 -6.66 -16.23
N LYS B 420 31.72 -7.81 -16.68
CA LYS B 420 30.83 -8.88 -17.11
C LYS B 420 30.00 -9.40 -15.95
N TYR B 421 30.62 -9.61 -14.79
CA TYR B 421 29.91 -10.14 -13.64
C TYR B 421 29.02 -9.11 -12.95
N ASP B 422 29.14 -7.85 -13.31
CA ASP B 422 28.24 -6.82 -12.79
C ASP B 422 27.13 -6.48 -13.76
N GLU B 423 27.32 -6.74 -15.05
CA GLU B 423 26.17 -6.70 -15.95
C GLU B 423 25.23 -7.87 -15.71
N MET B 424 25.75 -8.97 -15.18
CA MET B 424 24.97 -10.19 -14.99
C MET B 424 24.17 -10.19 -13.71
N SER B 425 24.25 -9.12 -12.92
CA SER B 425 23.55 -8.97 -11.64
C SER B 425 23.92 -10.10 -10.68
N ILE B 426 25.21 -10.15 -10.36
CA ILE B 426 25.74 -11.12 -9.41
C ILE B 426 26.02 -10.38 -8.11
N LEU B 427 25.63 -11.00 -6.99
CA LEU B 427 25.67 -10.32 -5.70
C LEU B 427 27.10 -10.02 -5.27
N PHE B 428 27.94 -11.04 -5.19
CA PHE B 428 29.30 -10.86 -4.71
C PHE B 428 30.27 -11.65 -5.58
N THR B 429 31.47 -11.09 -5.75
CA THR B 429 32.54 -11.76 -6.46
C THR B 429 33.61 -12.18 -5.46
N VAL B 430 33.90 -13.48 -5.41
CA VAL B 430 34.88 -14.05 -4.50
C VAL B 430 36.11 -14.42 -5.30
N LEU B 431 37.25 -13.85 -4.93
CA LEU B 431 38.51 -14.08 -5.62
C LEU B 431 39.42 -14.90 -4.72
N VAL B 432 39.84 -16.07 -5.22
CA VAL B 432 40.70 -16.99 -4.49
C VAL B 432 42.08 -16.89 -5.14
N THR B 433 43.02 -16.27 -4.43
CA THR B 433 44.37 -16.09 -4.91
C THR B 433 45.31 -17.09 -4.23
N GLU B 434 46.62 -16.93 -4.47
CA GLU B 434 47.60 -17.77 -3.79
C GLU B 434 47.65 -17.48 -2.30
N THR B 435 47.31 -16.25 -1.91
CA THR B 435 47.36 -15.87 -0.50
C THR B 435 46.34 -16.64 0.33
N THR B 436 45.28 -17.16 -0.29
CA THR B 436 44.39 -18.09 0.39
C THR B 436 45.13 -19.36 0.78
N LEU B 437 45.98 -19.86 -0.11
CA LEU B 437 46.84 -20.97 0.25
C LEU B 437 48.01 -20.55 1.12
N GLU B 438 48.24 -19.24 1.26
CA GLU B 438 49.33 -18.80 2.14
C GLU B 438 48.87 -18.79 3.60
N ASN B 439 47.95 -17.89 3.97
CA ASN B 439 47.47 -17.87 5.36
C ASN B 439 45.97 -18.05 5.50
N GLY B 440 45.15 -17.08 5.12
CA GLY B 440 43.71 -17.20 5.33
C GLY B 440 42.76 -16.39 4.48
N LEU B 441 43.26 -15.67 3.48
CA LEU B 441 42.55 -14.51 2.95
C LEU B 441 42.00 -14.77 1.56
N ILE B 442 40.74 -14.43 1.36
CA ILE B 442 40.12 -14.38 0.04
C ILE B 442 39.59 -12.96 -0.18
N HIS B 443 39.68 -12.49 -1.42
CA HIS B 443 39.10 -11.21 -1.78
C HIS B 443 37.60 -11.36 -1.98
N LEU B 444 36.87 -10.30 -1.66
CA LEU B 444 35.43 -10.28 -1.80
C LEU B 444 35.01 -8.88 -2.20
N ARG B 445 34.45 -8.75 -3.39
CA ARG B 445 33.96 -7.47 -3.87
C ARG B 445 32.45 -7.52 -3.98
N SER B 446 31.78 -6.54 -3.37
CA SER B 446 30.34 -6.45 -3.38
C SER B 446 29.88 -5.66 -4.59
N ARG B 447 28.79 -6.12 -5.20
CA ARG B 447 28.22 -5.43 -6.36
C ARG B 447 27.71 -4.05 -5.97
N ASP B 448 27.15 -3.92 -4.76
CA ASP B 448 26.57 -2.66 -4.35
C ASP B 448 27.62 -1.57 -4.13
N THR B 449 28.83 -1.95 -3.71
CA THR B 449 29.83 -0.97 -3.34
C THR B 449 31.04 -0.94 -4.25
N THR B 450 31.36 -2.05 -4.93
CA THR B 450 32.56 -2.21 -5.75
C THR B 450 33.82 -1.89 -4.96
N MET B 451 33.88 -2.36 -3.72
CA MET B 451 35.05 -2.17 -2.88
C MET B 451 35.48 -3.51 -2.31
N LYS B 452 36.79 -3.67 -2.16
CA LYS B 452 37.36 -4.95 -1.80
C LYS B 452 37.14 -5.26 -0.32
N GLU B 453 37.28 -6.53 0.01
CA GLU B 453 37.22 -6.99 1.39
C GLU B 453 38.04 -8.27 1.47
N MET B 454 38.52 -8.59 2.66
CA MET B 454 39.24 -9.83 2.89
C MET B 454 38.42 -10.68 3.85
N MET B 455 38.47 -11.99 3.67
CA MET B 455 37.75 -12.86 4.59
C MET B 455 38.41 -14.22 4.66
N HIS B 456 38.16 -14.91 5.76
CA HIS B 456 38.45 -16.32 5.85
C HIS B 456 37.31 -17.11 5.20
N ILE B 457 37.63 -18.34 4.78
CA ILE B 457 36.62 -19.17 4.13
C ILE B 457 35.54 -19.57 5.12
N SER B 458 35.93 -19.93 6.35
CA SER B 458 35.01 -20.57 7.29
C SER B 458 33.88 -19.64 7.71
N LYS B 459 34.16 -18.34 7.83
CA LYS B 459 33.09 -17.40 8.12
C LYS B 459 32.22 -17.12 6.90
N LEU B 460 32.85 -17.12 5.71
CA LEU B 460 32.29 -16.43 4.54
C LEU B 460 30.93 -16.98 4.15
N LYS B 461 30.78 -18.31 4.19
CA LYS B 461 29.53 -18.98 3.85
C LYS B 461 28.37 -18.40 4.63
N ASP B 462 28.53 -18.32 5.96
CA ASP B 462 27.45 -17.84 6.81
C ASP B 462 27.10 -16.39 6.48
N PHE B 463 28.12 -15.58 6.14
CA PHE B 463 27.87 -14.20 5.72
C PHE B 463 26.88 -14.17 4.58
N LEU B 464 27.14 -14.98 3.56
CA LEU B 464 26.28 -15.01 2.38
C LEU B 464 24.87 -15.39 2.76
N ILE B 465 24.71 -16.42 3.62
CA ILE B 465 23.35 -16.90 3.84
C ILE B 465 22.58 -15.87 4.65
N LYS B 466 23.25 -15.17 5.58
CA LYS B 466 22.49 -14.21 6.36
C LYS B 466 22.14 -13.01 5.50
N TYR B 467 22.96 -12.73 4.48
CA TYR B 467 22.64 -11.68 3.53
C TYR B 467 21.34 -12.00 2.81
N ILE B 468 21.18 -13.25 2.38
CA ILE B 468 19.93 -13.66 1.77
C ILE B 468 18.81 -13.58 2.79
N SER B 469 19.08 -14.01 4.02
CA SER B 469 18.08 -13.95 5.06
C SER B 469 17.75 -12.52 5.45
N SER B 470 18.61 -11.57 5.09
CA SER B 470 18.33 -10.17 5.39
C SER B 470 17.74 -9.44 4.19
N ALA B 471 17.30 -10.18 3.18
CA ALA B 471 16.65 -9.55 2.03
C ALA B 471 15.38 -8.82 2.44
N LYS B 472 14.60 -9.42 3.33
CA LYS B 472 13.42 -8.75 3.87
C LYS B 472 13.82 -7.70 4.89
N PRO C 49 -5.87 -59.45 -8.62
CA PRO C 49 -7.13 -59.64 -7.89
C PRO C 49 -7.34 -58.58 -6.82
N GLY C 50 -6.96 -58.90 -5.58
CA GLY C 50 -7.10 -57.95 -4.49
C GLY C 50 -6.12 -56.81 -4.54
N SER C 51 -5.01 -56.96 -5.27
CA SER C 51 -4.07 -55.86 -5.44
C SER C 51 -4.69 -54.71 -6.22
N GLY C 52 -5.45 -55.01 -7.27
CA GLY C 52 -6.16 -53.98 -8.00
C GLY C 52 -7.23 -53.30 -7.16
N GLU C 53 -7.92 -54.08 -6.31
CA GLU C 53 -8.88 -53.49 -5.40
C GLU C 53 -8.21 -52.58 -4.37
N GLY C 54 -7.04 -52.97 -3.88
CA GLY C 54 -6.29 -52.10 -2.99
C GLY C 54 -5.79 -50.84 -3.68
N SER C 55 -5.41 -50.96 -4.95
CA SER C 55 -5.04 -49.78 -5.74
C SER C 55 -6.23 -48.87 -5.94
N GLU C 56 -7.41 -49.43 -6.19
CA GLU C 56 -8.61 -48.62 -6.31
C GLU C 56 -8.97 -47.96 -4.98
N ALA C 57 -8.72 -48.65 -3.87
CA ALA C 57 -8.89 -48.04 -2.56
C ALA C 57 -7.91 -46.90 -2.36
N LEU C 58 -6.69 -47.05 -2.87
CA LEU C 58 -5.72 -45.97 -2.84
C LEU C 58 -6.19 -44.78 -3.68
N LEU C 59 -6.78 -45.06 -4.84
CA LEU C 59 -7.33 -44.00 -5.67
C LEU C 59 -8.52 -43.33 -5.01
N GLU C 60 -9.31 -44.08 -4.24
CA GLU C 60 -10.41 -43.49 -3.49
C GLU C 60 -9.89 -42.64 -2.34
N ILE C 61 -8.77 -43.03 -1.74
CA ILE C 61 -8.08 -42.16 -0.80
C ILE C 61 -7.60 -40.90 -1.50
N CYS C 62 -7.06 -41.05 -2.71
CA CYS C 62 -6.59 -39.92 -3.51
C CYS C 62 -7.73 -38.98 -3.85
N GLN C 63 -8.93 -39.52 -4.05
CA GLN C 63 -10.11 -38.67 -4.19
C GLN C 63 -10.45 -38.02 -2.86
N ARG C 64 -10.34 -38.78 -1.76
CA ARG C 64 -10.69 -38.27 -0.44
C ARG C 64 -9.62 -37.31 0.08
N ARG C 65 -8.34 -37.66 -0.09
CA ARG C 65 -7.25 -36.86 0.43
C ARG C 65 -6.63 -35.97 -0.64
N HIS C 66 -7.23 -35.91 -1.82
CA HIS C 66 -6.95 -34.91 -2.85
C HIS C 66 -5.51 -34.99 -3.37
N PHE C 67 -5.03 -36.22 -3.52
CA PHE C 67 -3.85 -36.48 -4.32
C PHE C 67 -4.19 -36.51 -5.81
N LEU C 68 -5.15 -37.36 -6.19
CA LEU C 68 -5.61 -37.48 -7.56
C LEU C 68 -7.12 -37.22 -7.58
N SER C 69 -7.55 -36.31 -8.45
CA SER C 69 -8.95 -35.92 -8.54
C SER C 69 -9.59 -36.52 -9.78
N GLY C 70 -10.91 -36.73 -9.71
CA GLY C 70 -11.65 -37.29 -10.82
C GLY C 70 -12.95 -37.94 -10.42
N SER C 71 -13.17 -39.17 -10.90
CA SER C 71 -14.39 -39.90 -10.59
C SER C 71 -14.13 -41.39 -10.69
N LYS C 72 -15.04 -42.18 -10.13
CA LYS C 72 -14.89 -43.64 -10.12
C LYS C 72 -14.99 -44.23 -11.52
N GLN C 73 -15.77 -43.60 -12.40
CA GLN C 73 -15.80 -44.02 -13.80
C GLN C 73 -14.46 -43.77 -14.48
N GLN C 74 -13.75 -42.73 -14.07
CA GLN C 74 -12.45 -42.41 -14.65
C GLN C 74 -11.32 -43.24 -14.07
N LEU C 75 -11.60 -44.10 -13.08
CA LEU C 75 -10.56 -44.92 -12.46
C LEU C 75 -10.26 -46.12 -13.36
N SER C 76 -9.51 -45.85 -14.42
CA SER C 76 -9.03 -46.87 -15.33
C SER C 76 -7.50 -46.84 -15.36
N ARG C 77 -6.90 -48.03 -15.34
CA ARG C 77 -5.45 -48.15 -15.22
C ARG C 77 -4.74 -47.52 -16.43
N ASP C 78 -5.21 -47.81 -17.63
CA ASP C 78 -4.61 -47.21 -18.82
C ASP C 78 -4.96 -45.73 -18.93
N SER C 79 -6.11 -45.32 -18.41
CA SER C 79 -6.44 -43.91 -18.37
C SER C 79 -5.49 -43.14 -17.45
N LEU C 80 -5.07 -43.78 -16.35
CA LEU C 80 -4.00 -43.22 -15.55
C LEU C 80 -2.68 -43.25 -16.31
N LEU C 81 -2.42 -44.33 -17.05
CA LEU C 81 -1.10 -44.52 -17.65
C LEU C 81 -0.82 -43.52 -18.78
N SER C 82 -1.77 -43.37 -19.70
CA SER C 82 -1.52 -42.54 -20.88
C SER C 82 -1.55 -41.06 -20.53
N GLY C 83 -2.49 -40.65 -19.69
CA GLY C 83 -2.65 -39.25 -19.38
C GLY C 83 -4.03 -38.73 -19.73
N CYS C 84 -5.01 -39.63 -19.74
CA CYS C 84 -6.39 -39.27 -20.00
C CYS C 84 -7.13 -38.82 -18.75
N HIS C 85 -6.45 -38.80 -17.60
CA HIS C 85 -7.07 -38.41 -16.35
C HIS C 85 -7.41 -36.91 -16.37
N PRO C 86 -8.44 -36.50 -15.61
CA PRO C 86 -8.75 -35.07 -15.53
C PRO C 86 -7.78 -34.26 -14.70
N GLY C 87 -6.77 -34.89 -14.09
CA GLY C 87 -5.77 -34.14 -13.36
C GLY C 87 -5.67 -34.54 -11.89
N PHE C 88 -4.47 -34.46 -11.35
CA PHE C 88 -4.24 -34.82 -9.96
C PHE C 88 -4.72 -33.71 -9.04
N GLY C 89 -5.00 -34.08 -7.79
CA GLY C 89 -5.41 -33.12 -6.79
C GLY C 89 -4.23 -32.36 -6.22
N PRO C 90 -4.53 -31.45 -5.27
CA PRO C 90 -3.48 -30.60 -4.70
C PRO C 90 -2.35 -31.35 -4.02
N LEU C 91 -2.66 -32.45 -3.33
CA LEU C 91 -1.59 -33.24 -2.73
C LEU C 91 -0.74 -33.91 -3.80
N GLY C 92 -1.34 -34.31 -4.91
CA GLY C 92 -0.57 -34.75 -6.05
C GLY C 92 0.25 -33.65 -6.68
N VAL C 93 -0.26 -32.42 -6.66
CA VAL C 93 0.52 -31.28 -7.15
C VAL C 93 1.76 -31.09 -6.29
N GLU C 94 1.61 -31.23 -4.97
CA GLU C 94 2.76 -31.14 -4.08
C GLU C 94 3.74 -32.28 -4.32
N LEU C 95 3.23 -33.48 -4.59
CA LEU C 95 4.09 -34.62 -4.88
C LEU C 95 4.90 -34.40 -6.15
N ARG C 96 4.24 -33.91 -7.20
CA ARG C 96 4.95 -33.60 -8.44
C ARG C 96 5.96 -32.49 -8.25
N LYS C 97 5.61 -31.48 -7.45
CA LYS C 97 6.53 -30.36 -7.23
C LYS C 97 7.77 -30.82 -6.46
N ASN C 98 7.59 -31.70 -5.48
CA ASN C 98 8.74 -32.25 -4.77
C ASN C 98 9.60 -33.11 -5.68
N LEU C 99 8.96 -33.91 -6.55
CA LEU C 99 9.71 -34.73 -7.49
C LEU C 99 10.53 -33.87 -8.45
N ALA C 100 9.92 -32.78 -8.93
CA ALA C 100 10.62 -31.88 -9.83
C ALA C 100 11.77 -31.17 -9.12
N ALA C 101 11.57 -30.81 -7.85
CA ALA C 101 12.66 -30.22 -7.08
C ALA C 101 13.81 -31.19 -6.90
N GLU C 102 13.50 -32.46 -6.65
CA GLU C 102 14.54 -33.47 -6.51
C GLU C 102 15.31 -33.66 -7.81
N TRP C 103 14.60 -33.64 -8.94
CA TRP C 103 15.26 -33.73 -10.24
C TRP C 103 16.18 -32.53 -10.46
N TRP C 104 15.68 -31.33 -10.17
CA TRP C 104 16.47 -30.13 -10.42
C TRP C 104 17.70 -30.07 -9.54
N THR C 105 17.59 -30.56 -8.30
CA THR C 105 18.75 -30.69 -7.45
C THR C 105 19.72 -31.70 -8.01
N SER C 106 19.21 -32.80 -8.58
CA SER C 106 20.08 -33.84 -9.12
C SER C 106 20.87 -33.34 -10.33
N VAL C 107 20.22 -32.62 -11.23
CA VAL C 107 20.81 -32.39 -12.55
C VAL C 107 21.45 -31.01 -12.67
N VAL C 108 20.66 -29.96 -12.53
CA VAL C 108 21.12 -28.63 -12.92
C VAL C 108 21.91 -27.93 -11.83
N VAL C 109 21.73 -28.32 -10.57
CA VAL C 109 22.35 -27.59 -9.47
C VAL C 109 23.84 -27.91 -9.39
N PHE C 110 24.17 -29.20 -9.26
CA PHE C 110 25.53 -29.62 -8.94
C PHE C 110 26.39 -29.86 -10.18
N ARG C 111 26.11 -29.18 -11.29
CA ARG C 111 26.92 -29.32 -12.48
C ARG C 111 27.31 -27.93 -12.99
N GLU C 112 28.59 -27.76 -13.28
CA GLU C 112 29.10 -26.50 -13.80
C GLU C 112 28.89 -26.36 -15.29
N GLN C 113 28.46 -27.42 -15.97
CA GLN C 113 28.31 -27.39 -17.42
C GLN C 113 26.88 -27.62 -17.88
N VAL C 114 25.92 -27.66 -16.96
CA VAL C 114 24.51 -27.89 -17.30
C VAL C 114 23.73 -26.64 -16.92
N PHE C 115 23.05 -26.05 -17.90
CA PHE C 115 22.35 -24.80 -17.76
C PHE C 115 20.86 -25.01 -18.05
N PRO C 116 19.98 -24.17 -17.51
CA PRO C 116 18.54 -24.39 -17.74
C PRO C 116 17.99 -23.65 -18.95
N VAL C 117 17.11 -24.31 -19.71
CA VAL C 117 16.48 -23.72 -20.88
C VAL C 117 14.98 -23.97 -20.78
N ASP C 118 14.22 -23.20 -21.56
CA ASP C 118 12.76 -23.30 -21.53
C ASP C 118 12.24 -23.14 -22.96
N ALA C 119 11.89 -24.26 -23.58
CA ALA C 119 11.34 -24.23 -24.93
C ALA C 119 9.86 -23.91 -24.89
N LEU C 120 9.40 -23.14 -25.88
CA LEU C 120 8.03 -22.68 -25.92
C LEU C 120 7.07 -23.84 -26.13
N HIS C 121 5.81 -23.60 -25.84
CA HIS C 121 4.80 -24.63 -26.04
C HIS C 121 4.34 -24.72 -27.48
N HIS C 122 4.87 -23.88 -28.36
CA HIS C 122 4.51 -23.88 -29.76
C HIS C 122 5.77 -23.79 -30.62
N LYS C 123 5.66 -24.31 -31.85
CA LYS C 123 6.69 -24.13 -32.84
C LYS C 123 6.08 -23.40 -34.02
N PRO C 124 6.60 -22.24 -34.39
CA PRO C 124 6.01 -21.45 -35.46
C PRO C 124 6.26 -22.05 -36.83
N GLY C 125 5.43 -21.64 -37.78
CA GLY C 125 5.51 -22.11 -39.13
C GLY C 125 6.33 -21.18 -40.03
N PRO C 126 6.49 -21.57 -41.29
CA PRO C 126 6.02 -22.82 -41.92
C PRO C 126 6.88 -24.01 -41.53
N LEU C 127 6.28 -25.17 -41.27
CA LEU C 127 6.98 -26.33 -40.75
C LEU C 127 6.95 -27.47 -41.77
N LEU C 128 7.61 -28.57 -41.40
CA LEU C 128 7.63 -29.76 -42.24
C LEU C 128 6.37 -30.58 -42.03
N ALA C 133 1.57 -34.71 -32.78
CA ALA C 133 1.21 -33.35 -32.41
C ALA C 133 0.05 -32.85 -33.25
N PHE C 134 -0.75 -31.97 -32.66
CA PHE C 134 -1.87 -31.37 -33.36
C PHE C 134 -1.37 -30.16 -34.14
N ARG C 135 -2.30 -29.35 -34.65
CA ARG C 135 -1.92 -28.12 -35.34
C ARG C 135 -2.70 -26.96 -34.75
N LEU C 136 -1.97 -25.92 -34.37
CA LEU C 136 -2.59 -24.71 -33.84
C LEU C 136 -3.41 -24.03 -34.92
N VAL C 137 -4.65 -23.66 -34.57
N VAL C 137 -4.65 -23.68 -34.58
CA VAL C 137 -5.59 -23.06 -35.52
CA VAL C 137 -5.57 -23.05 -35.52
C VAL C 137 -6.20 -21.82 -34.89
C VAL C 137 -6.02 -21.72 -34.94
N SER C 138 -6.12 -20.69 -35.60
N SER C 138 -5.78 -20.64 -35.67
CA SER C 138 -6.95 -19.54 -35.29
CA SER C 138 -6.24 -19.32 -35.24
C SER C 138 -8.36 -19.82 -35.81
C SER C 138 -7.76 -19.28 -35.33
N ALA C 139 -9.36 -19.75 -34.91
N ALA C 139 -8.42 -19.50 -34.19
CA ALA C 139 -10.67 -20.32 -35.21
CA ALA C 139 -9.88 -19.59 -34.18
C ALA C 139 -11.47 -19.44 -36.18
C ALA C 139 -10.54 -18.27 -34.56
N GLU C 140 -11.49 -18.13 -35.94
N GLU C 140 -10.03 -17.16 -34.03
CA GLU C 140 -12.43 -17.26 -36.65
CA GLU C 140 -10.61 -15.86 -34.34
C GLU C 140 -12.21 -17.31 -38.14
C GLU C 140 -10.44 -15.52 -35.82
N THR C 141 -10.95 -17.35 -38.57
N THR C 141 -9.28 -15.87 -36.40
CA THR C 141 -10.66 -17.43 -39.99
CA THR C 141 -9.04 -15.56 -37.81
C THR C 141 -11.21 -18.71 -40.59
C THR C 141 -9.99 -16.35 -38.71
N LEU C 142 -11.02 -19.84 -39.91
N LEU C 142 -10.12 -17.65 -38.48
CA LEU C 142 -11.53 -21.11 -40.42
CA LEU C 142 -11.05 -18.44 -39.27
C LEU C 142 -13.04 -21.12 -40.48
C LEU C 142 -12.48 -17.99 -39.03
N ARG C 143 -13.70 -20.54 -39.47
N ARG C 143 -12.79 -17.57 -37.80
CA ARG C 143 -15.16 -20.47 -39.49
CA ARG C 143 -14.12 -17.07 -37.49
C ARG C 143 -15.66 -19.64 -40.67
C ARG C 143 -14.42 -15.81 -38.30
N GLU C 144 -15.03 -18.47 -40.88
N GLU C 144 -13.47 -14.88 -38.36
CA GLU C 144 -15.42 -17.61 -41.99
CA GLU C 144 -13.66 -13.68 -39.15
C GLU C 144 -15.23 -18.31 -43.33
C GLU C 144 -13.76 -14.00 -40.64
N ILE C 145 -14.12 -19.04 -43.49
N ILE C 145 -12.97 -14.97 -41.11
CA ILE C 145 -13.89 -19.79 -44.72
CA ILE C 145 -13.05 -15.38 -42.51
C ILE C 145 -14.92 -20.89 -44.88
C ILE C 145 -14.44 -15.91 -42.83
N LEU C 146 -15.23 -21.61 -43.80
N LEU C 146 -14.99 -16.74 -41.94
CA LEU C 146 -16.22 -22.68 -43.86
CA LEU C 146 -16.35 -17.22 -42.15
C LEU C 146 -17.62 -22.15 -44.17
C LEU C 146 -17.37 -16.11 -42.00
N GLN C 147 -17.86 -20.86 -43.93
N GLN C 147 -17.06 -15.07 -41.23
CA GLN C 147 -19.16 -20.29 -44.26
CA GLN C 147 -17.95 -13.91 -41.13
C GLN C 147 -19.47 -20.31 -45.76
C GLN C 147 -18.06 -13.18 -42.47
N ASP C 148 -18.48 -20.53 -46.61
N ASP C 148 -16.94 -13.02 -43.17
CA ASP C 148 -18.67 -20.52 -48.05
CA ASP C 148 -16.95 -12.30 -44.44
C ASP C 148 -18.64 -21.95 -48.60
C ASP C 148 -17.61 -13.14 -45.51
N LYS C 149 -19.62 -22.28 -49.43
N LYS C 149 -18.71 -12.63 -46.07
CA LYS C 149 -19.65 -23.53 -50.16
CA LYS C 149 -19.48 -13.36 -47.07
C LYS C 149 -19.45 -23.32 -51.66
C LYS C 149 -19.06 -13.04 -48.50
N GLU C 150 -19.19 -22.09 -52.09
N GLU C 150 -18.12 -12.11 -48.69
CA GLU C 150 -19.01 -21.84 -53.52
CA GLU C 150 -17.67 -11.76 -50.03
C GLU C 150 -17.76 -22.51 -54.05
C GLU C 150 -16.64 -12.72 -50.59
N LEU C 151 -16.69 -22.53 -53.25
N LEU C 151 -16.05 -13.58 -49.75
CA LEU C 151 -15.44 -23.13 -53.69
CA LEU C 151 -15.06 -14.54 -50.22
C LEU C 151 -15.63 -24.63 -53.88
C LEU C 151 -15.73 -15.66 -51.00
N SER C 152 -15.05 -25.16 -54.95
N SER C 152 -15.01 -16.17 -52.00
CA SER C 152 -15.20 -26.56 -55.30
CA SER C 152 -15.50 -17.23 -52.87
C SER C 152 -14.35 -27.43 -54.37
C SER C 152 -15.01 -18.60 -52.40
N LYS C 153 -14.36 -28.75 -54.63
N LYS C 153 -15.57 -19.65 -53.00
CA LYS C 153 -13.62 -29.68 -53.79
CA LYS C 153 -15.21 -21.01 -52.63
C LYS C 153 -12.13 -29.41 -53.83
C LYS C 153 -13.73 -21.29 -52.88
N GLU C 154 -11.59 -29.17 -55.02
N GLU C 154 -13.21 -20.82 -54.01
CA GLU C 154 -10.16 -28.91 -55.16
CA GLU C 154 -11.80 -21.03 -54.32
C GLU C 154 -9.77 -27.63 -54.44
C GLU C 154 -10.91 -20.31 -53.31
N GLN C 155 -10.59 -26.59 -54.53
N GLN C 155 -11.29 -19.11 -52.90
CA GLN C 155 -10.29 -25.34 -53.85
CA GLN C 155 -10.53 -18.39 -51.88
C GLN C 155 -10.28 -25.52 -52.34
C GLN C 155 -10.55 -19.14 -50.56
N LEU C 156 -11.24 -26.29 -51.81
N LEU C 156 -11.69 -19.75 -50.21
CA LEU C 156 -11.28 -26.53 -50.38
CA LEU C 156 -11.76 -20.57 -49.00
C LEU C 156 -10.05 -27.27 -49.91
C LEU C 156 -10.84 -21.77 -49.10
N VAL C 157 -9.66 -28.33 -50.63
N VAL C 157 -10.81 -22.42 -50.26
CA VAL C 157 -8.47 -29.08 -50.26
CA VAL C 157 -9.92 -23.58 -50.45
C VAL C 157 -7.23 -28.20 -50.34
C VAL C 157 -8.47 -23.16 -50.28
N ALA C 158 -7.13 -27.38 -51.38
N ALA C 158 -8.09 -22.03 -50.90
CA ALA C 158 -5.97 -26.52 -51.56
CA ALA C 158 -6.71 -21.54 -50.79
C ALA C 158 -5.86 -25.50 -50.44
C ALA C 158 -6.36 -21.19 -49.35
N PHE C 159 -6.97 -24.88 -50.04
N PHE C 159 -7.29 -20.55 -48.63
CA PHE C 159 -6.86 -23.88 -48.97
CA PHE C 159 -7.04 -20.23 -47.23
C PHE C 159 -6.66 -24.53 -47.61
C PHE C 159 -6.88 -21.48 -46.39
N LEU C 160 -7.19 -25.74 -47.41
N LEU C 160 -7.71 -22.49 -46.62
CA LEU C 160 -6.84 -26.47 -46.20
CA LEU C 160 -7.58 -23.75 -45.87
C LEU C 160 -5.35 -26.73 -46.13
C LEU C 160 -6.24 -24.40 -46.14
N GLU C 161 -4.74 -27.11 -47.26
N GLU C 161 -5.82 -24.43 -47.41
CA GLU C 161 -3.30 -27.25 -47.30
CA GLU C 161 -4.53 -25.02 -47.72
C GLU C 161 -2.60 -25.92 -47.04
C GLU C 161 -3.40 -24.25 -47.06
N ASN C 162 -3.13 -24.84 -47.61
N ASN C 162 -3.44 -22.93 -47.11
CA ASN C 162 -2.49 -23.53 -47.45
CA ASN C 162 -2.39 -22.12 -46.49
C ASN C 162 -2.48 -23.09 -45.99
C ASN C 162 -2.34 -22.33 -44.99
N VAL C 163 -3.59 -23.31 -45.29
N VAL C 163 -3.51 -22.42 -44.36
CA VAL C 163 -3.61 -23.07 -43.86
CA VAL C 163 -3.56 -22.66 -42.92
C VAL C 163 -2.64 -24.01 -43.15
C VAL C 163 -2.96 -24.01 -42.58
N LEU C 164 -2.64 -25.29 -43.55
N LEU C 164 -3.35 -25.05 -43.34
CA LEU C 164 -1.86 -26.30 -42.86
CA LEU C 164 -2.83 -26.38 -43.07
C LEU C 164 -0.37 -26.00 -42.92
C LEU C 164 -1.32 -26.44 -43.27
N LYS C 165 0.09 -25.44 -44.03
N LYS C 165 -0.81 -25.67 -44.22
CA LYS C 165 1.51 -25.15 -44.19
CA LYS C 165 0.62 -25.70 -44.51
C LYS C 165 1.98 -23.97 -43.36
C LYS C 165 1.42 -24.71 -43.68
N THR C 166 1.08 -23.19 -42.79
N THR C 166 0.79 -23.82 -42.93
CA THR C 166 1.44 -22.04 -41.98
CA THR C 166 1.50 -22.78 -42.19
C THR C 166 0.93 -22.20 -40.56
C THR C 166 0.98 -22.67 -40.76
N SER C 167 0.97 -23.42 -40.05
N SER C 167 0.84 -23.80 -40.09
CA SER C 167 0.29 -23.77 -38.80
CA SER C 167 0.23 -23.83 -38.77
C SER C 167 1.32 -24.15 -37.74
C SER C 167 1.26 -24.22 -37.72
N GLY C 168 1.27 -23.48 -36.61
CA GLY C 168 2.16 -23.79 -35.52
C GLY C 168 1.78 -25.09 -34.85
N LYS C 169 2.67 -25.56 -33.99
CA LYS C 169 2.44 -26.86 -33.35
C LYS C 169 2.70 -26.82 -31.86
N LEU C 170 1.80 -27.43 -31.11
CA LEU C 170 2.12 -27.82 -29.75
C LEU C 170 3.26 -28.83 -29.79
N ARG C 171 4.19 -28.71 -28.86
CA ARG C 171 5.42 -29.48 -28.95
C ARG C 171 5.20 -30.93 -28.51
N GLU C 172 6.14 -31.79 -28.92
CA GLU C 172 6.17 -33.19 -28.54
C GLU C 172 7.29 -33.50 -27.57
N ASN C 173 8.49 -33.02 -27.83
CA ASN C 173 9.61 -33.12 -26.92
C ASN C 173 10.07 -31.72 -26.52
N LEU C 174 11.17 -31.66 -25.78
CA LEU C 174 11.78 -30.40 -25.40
C LEU C 174 13.11 -30.18 -26.10
N LEU C 175 13.39 -30.93 -27.16
CA LEU C 175 14.70 -30.90 -27.78
C LEU C 175 14.92 -29.62 -28.57
N HIS C 176 13.90 -29.19 -29.33
CA HIS C 176 14.13 -28.24 -30.41
C HIS C 176 14.47 -26.84 -29.89
N GLY C 177 13.95 -26.47 -28.73
CA GLY C 177 14.34 -25.19 -28.14
C GLY C 177 15.81 -25.14 -27.77
N ALA C 178 16.30 -26.22 -27.16
CA ALA C 178 17.73 -26.30 -26.85
C ALA C 178 18.56 -26.37 -28.10
N LEU C 179 18.07 -27.08 -29.12
CA LEU C 179 18.79 -27.17 -30.38
C LEU C 179 18.91 -25.81 -31.05
N GLU C 180 17.84 -25.00 -30.97
CA GLU C 180 17.91 -23.64 -31.48
C GLU C 180 18.82 -22.75 -30.64
N HIS C 181 18.85 -22.96 -29.33
CA HIS C 181 19.67 -22.14 -28.44
C HIS C 181 21.11 -22.63 -28.34
N TYR C 182 21.45 -23.70 -29.07
CA TYR C 182 22.81 -24.25 -29.03
C TYR C 182 23.86 -23.24 -29.45
N VAL C 183 23.55 -22.39 -30.43
CA VAL C 183 24.53 -21.41 -30.92
C VAL C 183 24.84 -20.39 -29.82
N ASN C 184 23.79 -19.87 -29.17
CA ASN C 184 23.96 -18.92 -28.09
C ASN C 184 24.68 -19.55 -26.92
N CYS C 185 24.34 -20.79 -26.57
CA CYS C 185 24.97 -21.42 -25.42
C CYS C 185 26.41 -21.82 -25.70
N LEU C 186 26.73 -22.18 -26.94
CA LEU C 186 28.11 -22.45 -27.33
C LEU C 186 28.94 -21.17 -27.29
N ASP C 187 28.35 -20.04 -27.68
CA ASP C 187 29.04 -18.76 -27.52
C ASP C 187 29.19 -18.40 -26.04
N LEU C 188 28.23 -18.82 -25.20
CA LEU C 188 28.26 -18.50 -23.78
C LEU C 188 29.35 -19.26 -23.05
N VAL C 189 29.45 -20.58 -23.29
CA VAL C 189 30.35 -21.41 -22.50
C VAL C 189 31.75 -21.52 -23.08
N ASN C 190 32.01 -20.86 -24.21
CA ASN C 190 33.30 -20.89 -24.92
C ASN C 190 33.71 -22.32 -25.28
N LYS C 191 32.74 -23.07 -25.81
CA LYS C 191 32.94 -24.32 -26.53
C LYS C 191 33.54 -25.44 -25.70
N ARG C 192 33.54 -25.33 -24.37
CA ARG C 192 34.15 -26.34 -23.51
C ARG C 192 33.24 -27.56 -23.45
N LEU C 193 33.31 -28.36 -24.50
CA LEU C 193 32.54 -29.58 -24.58
C LEU C 193 33.00 -30.56 -23.50
N PRO C 194 32.09 -31.37 -22.95
CA PRO C 194 30.64 -31.40 -23.16
C PRO C 194 29.93 -30.32 -22.36
N TYR C 195 28.72 -29.91 -22.76
CA TYR C 195 27.89 -29.07 -21.91
C TYR C 195 26.43 -29.39 -22.21
N GLY C 196 25.57 -29.07 -21.27
CA GLY C 196 24.20 -29.54 -21.30
C GLY C 196 23.19 -28.45 -21.07
N LEU C 197 22.00 -28.67 -21.61
CA LEU C 197 20.82 -27.87 -21.36
C LEU C 197 19.74 -28.77 -20.78
N ALA C 198 18.77 -28.16 -20.10
CA ALA C 198 17.76 -28.97 -19.43
C ALA C 198 16.45 -28.21 -19.37
N GLN C 199 15.37 -28.96 -19.19
CA GLN C 199 14.04 -28.38 -19.04
C GLN C 199 13.10 -29.41 -18.45
N ILE C 200 12.31 -29.00 -17.45
CA ILE C 200 11.21 -29.78 -16.93
C ILE C 200 9.93 -29.07 -17.32
N GLY C 201 9.02 -29.79 -17.97
CA GLY C 201 7.80 -29.14 -18.42
C GLY C 201 6.90 -30.12 -19.12
N VAL C 202 5.74 -29.64 -19.50
CA VAL C 202 4.70 -30.53 -20.00
C VAL C 202 4.86 -30.67 -21.51
N CYS C 203 4.37 -31.79 -22.03
CA CYS C 203 4.37 -32.10 -23.45
C CYS C 203 3.09 -32.82 -23.79
N PHE C 204 2.54 -32.52 -24.96
CA PHE C 204 1.26 -33.04 -25.39
C PHE C 204 1.45 -34.13 -26.43
N HIS C 205 0.68 -35.20 -26.32
CA HIS C 205 0.76 -36.32 -27.24
C HIS C 205 -0.62 -36.88 -27.52
N PRO C 206 -0.85 -37.41 -28.72
CA PRO C 206 -2.17 -37.93 -29.06
C PRO C 206 -2.37 -39.38 -28.64
N VAL C 207 -3.60 -39.68 -28.22
CA VAL C 207 -3.98 -41.01 -27.74
C VAL C 207 -5.12 -41.51 -28.60
N PHE C 208 -4.95 -42.72 -29.15
CA PHE C 208 -5.99 -43.35 -29.95
C PHE C 208 -6.98 -44.10 -29.07
N SER C 219 -7.74 -38.47 -28.29
CA SER C 219 -7.67 -37.20 -27.57
C SER C 219 -6.22 -36.74 -27.45
N ILE C 220 -6.02 -35.63 -26.74
CA ILE C 220 -4.70 -35.05 -26.52
C ILE C 220 -4.42 -35.10 -25.02
N GLY C 221 -3.31 -35.75 -24.65
CA GLY C 221 -2.94 -35.87 -23.26
C GLY C 221 -1.64 -35.16 -22.98
N GLU C 222 -1.60 -34.40 -21.90
CA GLU C 222 -0.41 -33.65 -21.51
C GLU C 222 0.28 -34.37 -20.36
N LYS C 223 1.58 -34.58 -20.48
CA LYS C 223 2.37 -35.23 -19.44
C LYS C 223 3.63 -34.42 -19.21
N THR C 224 3.97 -34.21 -17.95
CA THR C 224 5.18 -33.47 -17.60
C THR C 224 6.37 -34.40 -17.70
N GLU C 225 7.38 -33.99 -18.46
CA GLU C 225 8.59 -34.77 -18.64
C GLU C 225 9.80 -33.90 -18.35
N ALA C 226 10.91 -34.58 -18.10
CA ALA C 226 12.19 -33.94 -17.86
C ALA C 226 13.14 -34.31 -18.99
N SER C 227 13.75 -33.30 -19.59
CA SER C 227 14.61 -33.49 -20.74
C SER C 227 15.97 -32.84 -20.50
N LEU C 228 17.02 -33.62 -20.71
CA LEU C 228 18.40 -33.16 -20.62
C LEU C 228 19.09 -33.42 -21.94
N VAL C 229 19.67 -32.37 -22.52
CA VAL C 229 20.36 -32.44 -23.79
C VAL C 229 21.84 -32.27 -23.53
N TRP C 230 22.63 -33.23 -23.97
CA TRP C 230 24.05 -33.33 -23.66
C TRP C 230 24.84 -33.20 -24.96
N PHE C 231 25.49 -32.06 -25.14
CA PHE C 231 26.36 -31.85 -26.30
C PHE C 231 27.76 -32.28 -25.90
N THR C 232 28.19 -33.42 -26.42
CA THR C 232 29.40 -34.11 -26.00
C THR C 232 30.35 -34.30 -27.16
N PRO C 233 31.65 -34.42 -26.91
CA PRO C 233 32.57 -34.87 -27.96
C PRO C 233 32.22 -36.28 -28.37
N PRO C 234 32.41 -36.62 -29.65
CA PRO C 234 32.11 -37.99 -30.11
C PRO C 234 32.95 -39.05 -29.43
N ARG C 235 34.18 -38.72 -29.05
CA ARG C 235 35.06 -39.70 -28.42
C ARG C 235 34.52 -40.12 -27.04
N THR C 236 34.11 -39.16 -26.22
CA THR C 236 33.65 -39.42 -24.87
C THR C 236 32.17 -39.75 -24.80
N SER C 237 31.57 -40.14 -25.94
CA SER C 237 30.13 -40.34 -26.01
C SER C 237 29.68 -41.49 -25.12
N ASN C 238 30.33 -42.66 -25.25
CA ASN C 238 29.94 -43.80 -24.44
C ASN C 238 30.26 -43.60 -22.97
N GLN C 239 31.35 -42.88 -22.66
CA GLN C 239 31.71 -42.63 -21.27
C GLN C 239 30.68 -41.75 -20.58
N TRP C 240 30.31 -40.63 -21.20
CA TRP C 240 29.28 -39.78 -20.62
C TRP C 240 27.92 -40.46 -20.61
N LEU C 241 27.65 -41.31 -21.61
CA LEU C 241 26.41 -42.08 -21.62
C LEU C 241 26.33 -43.04 -20.44
N ASP C 242 27.42 -43.73 -20.16
CA ASP C 242 27.45 -44.64 -19.01
C ASP C 242 27.33 -43.88 -17.71
N PHE C 243 27.98 -42.71 -17.61
CA PHE C 243 27.87 -41.89 -16.41
C PHE C 243 26.44 -41.45 -16.16
N TRP C 244 25.78 -40.94 -17.20
CA TRP C 244 24.40 -40.47 -17.05
C TRP C 244 23.46 -41.62 -16.76
N LEU C 245 23.69 -42.79 -17.38
CA LEU C 245 22.84 -43.95 -17.13
C LEU C 245 22.95 -44.42 -15.69
N ARG C 246 24.18 -44.52 -15.18
CA ARG C 246 24.37 -44.95 -13.80
C ARG C 246 23.78 -43.95 -12.82
N HIS C 247 23.99 -42.65 -13.05
CA HIS C 247 23.45 -41.64 -12.15
C HIS C 247 21.92 -41.62 -12.18
N ARG C 248 21.34 -41.77 -13.37
CA ARG C 248 19.89 -41.80 -13.50
C ARG C 248 19.28 -43.01 -12.81
N LEU C 249 19.89 -44.19 -13.01
CA LEU C 249 19.37 -45.40 -12.38
C LEU C 249 19.48 -45.33 -10.86
N GLN C 250 20.61 -44.83 -10.36
CA GLN C 250 20.77 -44.68 -8.91
C GLN C 250 19.77 -43.67 -8.35
N TRP C 251 19.54 -42.57 -9.07
CA TRP C 251 18.61 -41.55 -8.60
C TRP C 251 17.18 -42.08 -8.56
N TRP C 252 16.82 -42.91 -9.53
CA TRP C 252 15.47 -43.48 -9.49
C TRP C 252 15.36 -44.57 -8.43
N ARG C 253 16.45 -45.30 -8.16
CA ARG C 253 16.45 -46.28 -7.09
C ARG C 253 16.59 -45.65 -5.71
N LYS C 254 16.83 -44.34 -5.65
CA LYS C 254 17.20 -43.67 -4.41
C LYS C 254 16.09 -43.71 -3.37
N PHE C 255 14.85 -43.49 -3.79
CA PHE C 255 13.77 -43.25 -2.83
C PHE C 255 12.85 -44.42 -2.61
N ALA C 256 12.71 -45.32 -3.59
CA ALA C 256 11.72 -46.38 -3.51
C ALA C 256 12.13 -47.43 -2.47
N MET C 257 11.14 -48.19 -2.02
CA MET C 257 11.38 -49.23 -1.02
C MET C 257 12.06 -50.45 -1.62
N SER C 258 11.86 -50.71 -2.91
CA SER C 258 12.40 -51.90 -3.57
C SER C 258 13.14 -51.46 -4.82
N PRO C 259 14.43 -51.11 -4.70
CA PRO C 259 15.19 -50.61 -5.86
C PRO C 259 15.38 -51.63 -6.97
N SER C 260 15.19 -52.92 -6.69
CA SER C 260 15.34 -53.95 -7.72
C SER C 260 14.24 -53.91 -8.76
N ASN C 261 13.12 -53.22 -8.49
CA ASN C 261 12.02 -53.17 -9.44
C ASN C 261 12.33 -52.25 -10.61
N PHE C 262 13.18 -51.25 -10.42
CA PHE C 262 13.62 -50.36 -11.50
C PHE C 262 14.53 -51.15 -12.44
N SER C 263 14.01 -51.53 -13.59
CA SER C 263 14.74 -52.37 -14.54
C SER C 263 15.28 -51.50 -15.68
N SER C 264 16.58 -51.57 -15.91
CA SER C 264 17.25 -50.82 -16.97
C SER C 264 17.68 -51.78 -18.06
N SER C 265 17.35 -51.44 -19.30
CA SER C 265 17.69 -52.29 -20.44
C SER C 265 18.28 -51.45 -21.55
N ASP C 266 19.39 -51.92 -22.12
CA ASP C 266 19.99 -51.26 -23.26
C ASP C 266 19.17 -51.52 -24.51
N CYS C 267 19.29 -50.61 -25.47
CA CYS C 267 18.53 -50.71 -26.71
C CYS C 267 19.24 -49.91 -27.80
N GLN C 268 18.88 -50.22 -29.04
CA GLN C 268 19.37 -49.47 -30.19
C GLN C 268 18.24 -49.33 -31.20
N ASP C 269 18.15 -48.16 -31.82
CA ASP C 269 17.03 -47.83 -32.69
C ASP C 269 17.30 -48.36 -34.10
N GLU C 270 16.45 -48.00 -35.05
CA GLU C 270 16.63 -48.44 -36.44
C GLU C 270 17.80 -47.72 -37.11
N GLU C 271 18.09 -46.50 -36.67
CA GLU C 271 19.21 -45.73 -37.22
C GLU C 271 20.52 -46.04 -36.52
N GLY C 272 20.59 -47.12 -35.78
CA GLY C 272 21.80 -47.46 -35.02
C GLY C 272 22.08 -46.49 -33.91
N ARG C 273 21.05 -46.05 -33.18
CA ARG C 273 21.19 -45.04 -32.15
C ARG C 273 21.08 -45.73 -30.79
N LYS C 274 22.20 -45.81 -30.07
CA LYS C 274 22.23 -46.52 -28.81
C LYS C 274 21.54 -45.73 -27.71
N GLY C 275 21.03 -46.45 -26.72
CA GLY C 275 20.36 -45.79 -25.61
C GLY C 275 19.90 -46.82 -24.59
N ASN C 276 19.13 -46.35 -23.62
CA ASN C 276 18.67 -47.20 -22.53
C ASN C 276 17.23 -46.85 -22.16
N LYS C 277 16.56 -47.79 -21.52
CA LYS C 277 15.17 -47.64 -21.12
C LYS C 277 15.02 -48.10 -19.68
N LEU C 278 14.29 -47.31 -18.89
CA LEU C 278 13.99 -47.63 -17.50
C LEU C 278 12.52 -47.98 -17.36
N TYR C 279 12.23 -49.04 -16.60
CA TYR C 279 10.87 -49.47 -16.37
C TYR C 279 10.64 -49.69 -14.89
N TYR C 280 9.42 -49.45 -14.45
CA TYR C 280 8.97 -49.81 -13.12
C TYR C 280 7.88 -50.88 -13.22
N ASN C 281 7.88 -51.79 -12.27
CA ASN C 281 7.01 -52.97 -12.32
C ASN C 281 5.74 -52.71 -11.52
N PHE C 282 4.69 -52.32 -12.22
CA PHE C 282 3.35 -52.39 -11.67
C PHE C 282 2.90 -53.84 -11.60
N PRO C 283 1.89 -54.14 -10.78
CA PRO C 283 1.33 -55.50 -10.77
C PRO C 283 0.74 -55.93 -12.11
N TRP C 284 0.42 -55.01 -13.00
CA TRP C 284 -0.01 -55.37 -14.34
C TRP C 284 1.13 -55.43 -15.34
N GLY C 285 2.37 -55.31 -14.89
CA GLY C 285 3.53 -55.44 -15.75
C GLY C 285 4.44 -54.24 -15.69
N LYS C 286 5.41 -54.22 -16.60
CA LYS C 286 6.38 -53.13 -16.64
C LYS C 286 5.81 -51.93 -17.38
N GLU C 287 6.22 -50.74 -16.93
CA GLU C 287 5.84 -49.50 -17.59
C GLU C 287 7.05 -48.58 -17.67
N LEU C 288 7.07 -47.75 -18.71
CA LEU C 288 8.23 -46.90 -18.98
C LEU C 288 8.28 -45.73 -18.00
N ILE C 289 9.47 -45.46 -17.46
CA ILE C 289 9.69 -44.34 -16.58
C ILE C 289 10.62 -43.31 -17.21
N GLU C 290 11.69 -43.75 -17.85
CA GLU C 290 12.69 -42.85 -18.41
C GLU C 290 13.41 -43.55 -19.54
N THR C 291 13.83 -42.77 -20.52
CA THR C 291 14.56 -43.26 -21.68
C THR C 291 15.79 -42.40 -21.91
N LEU C 292 16.81 -43.03 -22.48
CA LEU C 292 18.01 -42.34 -22.92
C LEU C 292 18.26 -42.73 -24.37
N TRP C 293 18.78 -41.78 -25.15
CA TRP C 293 19.06 -42.04 -26.55
C TRP C 293 20.23 -41.20 -27.01
N ASN C 294 20.81 -41.61 -28.14
CA ASN C 294 21.74 -40.79 -28.89
C ASN C 294 21.02 -40.13 -30.05
N LEU C 295 21.66 -39.13 -30.63
CA LEU C 295 21.14 -38.47 -31.82
C LEU C 295 22.13 -38.46 -32.98
N GLY C 296 23.42 -38.51 -32.72
CA GLY C 296 24.39 -38.43 -33.79
C GLY C 296 24.75 -36.99 -34.08
N ASP C 297 24.84 -36.64 -35.36
CA ASP C 297 25.25 -35.30 -35.74
C ASP C 297 24.49 -34.68 -36.90
N HIS C 298 23.47 -35.35 -37.45
CA HIS C 298 22.72 -34.75 -38.55
C HIS C 298 21.64 -33.79 -38.07
N GLU C 299 21.31 -33.80 -36.78
CA GLU C 299 20.28 -32.91 -36.27
C GLU C 299 20.75 -31.47 -36.22
N LEU C 300 21.99 -31.25 -35.79
CA LEU C 300 22.55 -29.90 -35.74
C LEU C 300 22.69 -29.32 -37.14
N LEU C 301 23.11 -30.14 -38.11
CA LEU C 301 23.18 -29.68 -39.49
C LEU C 301 21.79 -29.43 -40.07
N HIS C 302 20.80 -30.24 -39.67
CA HIS C 302 19.44 -30.00 -40.15
C HIS C 302 18.88 -28.70 -39.59
N MET C 303 19.15 -28.41 -38.31
CA MET C 303 18.68 -27.16 -37.73
C MET C 303 19.54 -25.98 -38.19
N TYR C 304 20.85 -26.18 -38.30
CA TYR C 304 21.78 -25.13 -38.69
C TYR C 304 22.69 -25.63 -39.82
N PRO C 305 22.21 -25.59 -41.06
CA PRO C 305 23.08 -25.94 -42.18
C PRO C 305 24.04 -24.81 -42.53
N GLY C 306 25.25 -25.19 -42.94
CA GLY C 306 26.24 -24.21 -43.31
C GLY C 306 27.62 -24.48 -42.76
N ASN C 307 28.20 -23.48 -42.11
CA ASN C 307 29.56 -23.60 -41.59
C ASN C 307 29.58 -24.51 -40.37
N VAL C 308 30.33 -25.61 -40.46
CA VAL C 308 30.39 -26.56 -39.36
C VAL C 308 31.30 -26.06 -38.23
N SER C 309 32.29 -25.23 -38.55
CA SER C 309 33.15 -24.69 -37.50
C SER C 309 32.42 -23.70 -36.61
N LYS C 310 31.35 -23.08 -37.12
CA LYS C 310 30.48 -22.29 -36.27
C LYS C 310 29.69 -23.15 -35.30
N LEU C 311 29.53 -24.44 -35.61
CA LEU C 311 28.94 -25.41 -34.69
C LEU C 311 30.00 -26.29 -34.03
N HIS C 312 31.25 -25.87 -34.06
CA HIS C 312 32.34 -26.66 -33.49
C HIS C 312 32.53 -26.34 -32.02
N GLY C 313 32.76 -27.38 -31.22
CA GLY C 313 33.13 -27.22 -29.83
C GLY C 313 34.50 -27.84 -29.59
N ARG C 314 35.20 -27.37 -28.56
CA ARG C 314 36.61 -27.66 -28.38
C ARG C 314 36.84 -28.51 -27.14
N ASP C 315 37.60 -29.59 -27.29
CA ASP C 315 38.21 -30.31 -26.18
C ASP C 315 39.72 -30.29 -26.40
N GLY C 316 40.45 -29.84 -25.39
CA GLY C 316 41.87 -29.58 -25.57
C GLY C 316 42.07 -28.48 -26.60
N ARG C 317 42.51 -28.87 -27.79
CA ARG C 317 42.53 -27.98 -28.93
C ARG C 317 41.62 -28.45 -30.07
N LYS C 318 41.15 -29.69 -30.03
CA LYS C 318 40.38 -30.24 -31.14
C LYS C 318 38.96 -29.69 -31.14
N ASN C 319 38.54 -29.21 -32.31
CA ASN C 319 37.19 -28.67 -32.50
C ASN C 319 36.41 -29.62 -33.39
N VAL C 320 35.27 -30.11 -32.87
CA VAL C 320 34.45 -31.08 -33.58
C VAL C 320 32.98 -30.68 -33.47
N VAL C 321 32.18 -31.18 -34.41
CA VAL C 321 30.73 -31.08 -34.30
C VAL C 321 30.32 -32.05 -33.20
N PRO C 322 29.61 -31.59 -32.16
CA PRO C 322 29.36 -32.45 -31.00
C PRO C 322 28.19 -33.40 -31.21
N CYS C 323 28.36 -34.61 -30.70
CA CYS C 323 27.27 -35.56 -30.61
C CYS C 323 26.24 -35.06 -29.59
N VAL C 324 24.98 -35.42 -29.83
CA VAL C 324 23.86 -34.97 -29.00
C VAL C 324 23.25 -36.19 -28.33
N LEU C 325 23.15 -36.14 -27.01
CA LEU C 325 22.53 -37.20 -26.23
C LEU C 325 21.27 -36.65 -25.57
N SER C 326 20.23 -37.47 -25.52
CA SER C 326 18.96 -37.08 -24.97
C SER C 326 18.63 -37.96 -23.77
N VAL C 327 18.24 -37.32 -22.66
CA VAL C 327 17.74 -38.02 -21.49
C VAL C 327 16.34 -37.50 -21.23
N ASN C 328 15.33 -38.31 -21.54
CA ASN C 328 13.95 -37.87 -21.46
C ASN C 328 13.17 -38.81 -20.55
N GLY C 329 12.48 -38.27 -19.57
CA GLY C 329 11.78 -39.12 -18.64
C GLY C 329 10.42 -38.61 -18.21
N ASP C 330 9.46 -39.53 -18.13
CA ASP C 330 8.15 -39.19 -17.62
C ASP C 330 8.24 -38.89 -16.13
N LEU C 331 7.41 -37.96 -15.69
CA LEU C 331 7.32 -37.62 -14.27
C LEU C 331 6.02 -38.08 -13.64
N ASP C 332 4.89 -37.91 -14.33
CA ASP C 332 3.60 -38.28 -13.77
C ASP C 332 3.43 -39.79 -13.71
N ARG C 333 3.95 -40.53 -14.68
CA ARG C 333 3.87 -41.98 -14.61
C ARG C 333 4.73 -42.51 -13.47
N GLY C 334 5.92 -41.95 -13.29
CA GLY C 334 6.72 -42.29 -12.13
C GLY C 334 6.07 -41.86 -10.82
N MET C 335 5.29 -40.78 -10.86
CA MET C 335 4.53 -40.36 -9.70
C MET C 335 3.48 -41.40 -9.34
N LEU C 336 2.80 -41.95 -10.34
CA LEU C 336 1.86 -43.04 -10.09
C LEU C 336 2.60 -44.28 -9.58
N ALA C 337 3.79 -44.54 -10.12
CA ALA C 337 4.58 -45.68 -9.67
C ALA C 337 4.99 -45.53 -8.21
N TYR C 338 5.40 -44.33 -7.81
CA TYR C 338 5.75 -44.11 -6.42
C TYR C 338 4.53 -44.12 -5.51
N LEU C 339 3.37 -43.71 -6.03
CA LEU C 339 2.13 -43.85 -5.27
C LEU C 339 1.81 -45.30 -5.01
N TYR C 340 2.00 -46.16 -6.01
CA TYR C 340 1.87 -47.60 -5.81
C TYR C 340 2.92 -48.11 -4.83
N ASP C 341 4.14 -47.57 -4.92
CA ASP C 341 5.25 -48.03 -4.11
C ASP C 341 5.02 -47.74 -2.62
N SER C 342 4.48 -46.57 -2.32
CA SER C 342 4.26 -46.19 -0.93
C SER C 342 3.09 -46.92 -0.28
N PHE C 343 2.25 -47.59 -1.07
CA PHE C 343 1.07 -48.26 -0.54
C PHE C 343 1.49 -49.57 0.13
N GLN C 344 1.14 -49.71 1.41
CA GLN C 344 1.35 -50.97 2.12
C GLN C 344 0.15 -51.25 3.02
N LEU C 345 -0.06 -52.53 3.31
CA LEU C 345 -1.13 -53.00 4.17
C LEU C 345 -0.50 -53.67 5.39
N THR C 346 -0.52 -52.98 6.52
CA THR C 346 0.06 -53.49 7.76
C THR C 346 -1.04 -54.08 8.63
N GLU C 347 -0.83 -55.32 9.08
CA GLU C 347 -1.79 -56.00 9.94
C GLU C 347 -1.68 -55.53 11.38
N ASN C 355 -11.23 -57.24 8.15
CA ASN C 355 -11.18 -57.48 6.71
C ASN C 355 -10.29 -56.46 6.01
N LEU C 356 -10.15 -55.28 6.61
CA LEU C 356 -9.32 -54.21 6.08
C LEU C 356 -8.15 -53.98 7.01
N HIS C 357 -6.94 -54.03 6.45
CA HIS C 357 -5.73 -53.79 7.21
C HIS C 357 -5.41 -52.29 7.22
N ARG C 358 -4.36 -51.92 7.94
CA ARG C 358 -3.95 -50.52 8.03
C ARG C 358 -3.27 -50.12 6.73
N LYS C 359 -3.91 -49.22 5.99
CA LYS C 359 -3.35 -48.70 4.74
C LYS C 359 -2.36 -47.59 5.09
N VAL C 360 -1.08 -47.83 4.83
CA VAL C 360 -0.03 -46.85 5.11
C VAL C 360 0.56 -46.39 3.78
N LEU C 361 0.56 -45.07 3.57
CA LEU C 361 1.16 -44.46 2.38
C LEU C 361 2.55 -43.93 2.73
N LYS C 362 3.49 -44.85 2.84
CA LYS C 362 4.83 -44.52 3.33
C LYS C 362 5.70 -44.01 2.19
N LEU C 363 5.48 -42.76 1.83
CA LEU C 363 6.38 -42.07 0.91
C LEU C 363 7.70 -41.77 1.59
N HIS C 364 8.74 -41.60 0.79
CA HIS C 364 10.03 -41.16 1.31
C HIS C 364 9.89 -39.74 1.86
N PRO C 365 10.62 -39.41 2.93
CA PRO C 365 10.55 -38.05 3.47
C PRO C 365 10.95 -36.95 2.50
N CYS C 366 11.86 -37.24 1.57
CA CYS C 366 12.24 -36.24 0.58
C CYS C 366 11.17 -36.04 -0.49
N LEU C 367 10.14 -36.89 -0.53
CA LEU C 367 9.11 -36.81 -1.56
C LEU C 367 7.69 -36.75 -1.03
N ALA C 368 7.48 -36.90 0.28
CA ALA C 368 6.14 -36.81 0.83
C ALA C 368 5.59 -35.40 0.68
N PRO C 369 4.27 -35.25 0.50
CA PRO C 369 3.70 -33.92 0.26
C PRO C 369 3.75 -32.99 1.45
N ILE C 370 3.25 -33.43 2.60
CA ILE C 370 3.24 -32.62 3.82
C ILE C 370 3.85 -33.45 4.94
N LYS C 371 4.66 -32.81 5.77
CA LYS C 371 5.48 -33.55 6.73
C LYS C 371 4.80 -33.66 8.09
N VAL C 372 4.44 -32.53 8.70
CA VAL C 372 4.06 -32.48 10.10
C VAL C 372 2.68 -31.83 10.21
N ALA C 373 1.75 -32.51 10.87
CA ALA C 373 0.40 -32.01 11.07
C ALA C 373 0.29 -31.37 12.46
N LEU C 374 -0.92 -30.94 12.82
CA LEU C 374 -1.17 -30.28 14.09
C LEU C 374 -2.50 -30.75 14.67
N ASP C 375 -2.53 -30.92 15.99
CA ASP C 375 -3.74 -31.30 16.71
C ASP C 375 -3.83 -30.52 18.01
N VAL C 376 -5.01 -30.52 18.60
CA VAL C 376 -5.26 -29.85 19.87
C VAL C 376 -5.75 -30.89 20.88
N GLY C 377 -5.54 -30.58 22.15
CA GLY C 377 -5.94 -31.43 23.25
C GLY C 377 -7.18 -30.94 23.97
N ARG C 378 -7.26 -31.24 25.25
CA ARG C 378 -8.40 -30.87 26.08
C ARG C 378 -7.99 -29.77 27.05
N GLY C 379 -8.78 -28.70 27.12
CA GLY C 379 -8.50 -27.60 27.99
C GLY C 379 -8.87 -26.26 27.38
N PRO C 380 -7.93 -25.32 27.37
CA PRO C 380 -8.21 -24.00 26.80
C PRO C 380 -8.16 -24.04 25.28
N THR C 381 -9.24 -23.58 24.64
CA THR C 381 -9.27 -23.52 23.19
C THR C 381 -8.29 -22.49 22.65
N LEU C 382 -8.35 -21.27 23.19
CA LEU C 382 -7.56 -20.16 22.66
C LEU C 382 -6.06 -20.38 22.86
N GLU C 383 -5.67 -20.89 24.03
CA GLU C 383 -4.25 -21.08 24.30
C GLU C 383 -3.65 -22.20 23.45
N LEU C 384 -4.38 -23.30 23.29
CA LEU C 384 -3.92 -24.37 22.42
C LEU C 384 -3.85 -23.91 20.96
N ARG C 385 -4.82 -23.10 20.53
CA ARG C 385 -4.78 -22.55 19.18
C ARG C 385 -3.59 -21.61 19.00
N GLN C 386 -3.27 -20.83 20.03
CA GLN C 386 -2.08 -19.96 19.98
C GLN C 386 -0.80 -20.78 19.87
N VAL C 387 -0.70 -21.88 20.63
CA VAL C 387 0.49 -22.72 20.58
C VAL C 387 0.63 -23.38 19.21
N CYS C 388 -0.48 -23.89 18.66
CA CYS C 388 -0.45 -24.51 17.34
C CYS C 388 -0.10 -23.50 16.25
N GLN C 389 -0.63 -22.28 16.35
CA GLN C 389 -0.31 -21.24 15.39
C GLN C 389 1.15 -20.84 15.46
N GLY C 390 1.70 -20.74 16.68
CA GLY C 390 3.11 -20.44 16.82
C GLY C 390 4.01 -21.52 16.23
N LEU C 391 3.67 -22.78 16.46
CA LEU C 391 4.43 -23.88 15.87
C LEU C 391 4.31 -23.87 14.35
N PHE C 392 3.11 -23.55 13.85
CA PHE C 392 2.88 -23.43 12.41
C PHE C 392 3.77 -22.36 11.79
N ASN C 393 3.86 -21.20 12.43
CA ASN C 393 4.68 -20.11 11.90
C ASN C 393 6.17 -20.44 12.00
N GLU C 394 6.59 -21.08 13.10
CA GLU C 394 7.99 -21.46 13.25
C GLU C 394 8.41 -22.47 12.19
N LEU C 395 7.55 -23.44 11.89
CA LEU C 395 7.85 -24.37 10.81
C LEU C 395 7.77 -23.71 9.44
N LEU C 396 6.93 -22.67 9.30
CA LEU C 396 6.88 -21.93 8.04
C LEU C 396 8.18 -21.21 7.76
N GLU C 397 8.75 -20.56 8.79
CA GLU C 397 10.01 -19.85 8.58
C GLU C 397 11.16 -20.82 8.28
N ASN C 398 11.17 -21.98 8.94
CA ASN C 398 12.21 -22.96 8.71
C ASN C 398 12.03 -23.71 7.38
N GLY C 399 10.85 -23.61 6.77
CA GLY C 399 10.64 -24.19 5.46
C GLY C 399 10.43 -25.70 5.48
N ILE C 400 9.41 -26.13 6.23
CA ILE C 400 8.96 -27.52 6.22
C ILE C 400 7.46 -27.50 5.95
N SER C 401 7.03 -28.32 4.99
CA SER C 401 5.61 -28.37 4.66
C SER C 401 4.80 -28.96 5.81
N VAL C 402 3.65 -28.35 6.08
CA VAL C 402 2.86 -28.61 7.28
C VAL C 402 1.42 -28.87 6.89
N TRP C 403 0.59 -29.11 7.91
CA TRP C 403 -0.83 -29.36 7.70
C TRP C 403 -1.58 -28.79 8.91
N PRO C 404 -2.02 -27.54 8.83
CA PRO C 404 -2.75 -26.94 9.96
C PRO C 404 -4.22 -27.39 10.00
N GLY C 405 -4.41 -28.67 10.29
CA GLY C 405 -5.74 -29.25 10.30
C GLY C 405 -6.31 -29.51 11.69
N TYR C 406 -6.06 -28.60 12.61
CA TYR C 406 -6.61 -28.70 13.96
C TYR C 406 -7.97 -28.05 14.09
N LEU C 407 -8.53 -27.52 13.01
CA LEU C 407 -9.70 -26.67 13.06
C LEU C 407 -11.02 -27.45 13.09
N GLU C 408 -10.97 -28.77 13.04
CA GLU C 408 -12.20 -29.58 13.01
C GLU C 408 -12.83 -29.60 14.40
N THR C 409 -13.99 -28.99 14.53
CA THR C 409 -14.71 -29.04 15.80
C THR C 409 -15.25 -30.43 16.07
N MET C 410 -15.90 -31.04 15.07
CA MET C 410 -16.40 -32.41 15.18
C MET C 410 -15.23 -33.35 14.91
N GLN C 411 -14.53 -33.73 15.98
CA GLN C 411 -13.36 -34.56 15.87
C GLN C 411 -13.75 -36.04 15.86
N SER C 412 -12.94 -36.84 15.17
CA SER C 412 -13.13 -38.28 15.13
C SER C 412 -12.32 -38.92 16.25
N SER C 413 -12.20 -40.24 16.22
CA SER C 413 -11.41 -40.95 17.21
C SER C 413 -9.92 -40.70 16.98
N LEU C 414 -9.14 -40.91 18.05
CA LEU C 414 -7.69 -40.76 17.95
C LEU C 414 -7.09 -41.78 16.98
N GLU C 415 -7.59 -43.01 17.03
CA GLU C 415 -7.21 -43.99 16.01
C GLU C 415 -7.70 -43.56 14.63
N GLN C 416 -8.92 -43.03 14.56
CA GLN C 416 -9.43 -42.53 13.29
C GLN C 416 -8.69 -41.28 12.83
N LEU C 417 -8.28 -40.42 13.76
CA LEU C 417 -7.46 -39.27 13.39
C LEU C 417 -6.10 -39.70 12.85
N TYR C 418 -5.49 -40.71 13.50
CA TYR C 418 -4.22 -41.24 13.01
C TYR C 418 -4.37 -41.86 11.62
N SER C 419 -5.46 -42.60 11.40
CA SER C 419 -5.71 -43.17 10.08
C SER C 419 -5.95 -42.09 9.03
N LYS C 420 -6.66 -41.03 9.40
CA LYS C 420 -6.91 -39.93 8.46
C LYS C 420 -5.62 -39.22 8.10
N TYR C 421 -4.76 -38.95 9.08
CA TYR C 421 -3.51 -38.27 8.79
C TYR C 421 -2.52 -39.17 8.07
N ASP C 422 -2.63 -40.50 8.25
CA ASP C 422 -1.84 -41.40 7.44
C ASP C 422 -2.38 -41.49 6.02
N GLU C 423 -3.68 -41.31 5.85
CA GLU C 423 -4.26 -41.29 4.51
C GLU C 423 -3.79 -40.08 3.71
N MET C 424 -3.41 -39.01 4.40
CA MET C 424 -2.75 -37.88 3.77
C MET C 424 -1.25 -38.09 3.64
N SER C 425 -0.75 -39.25 4.08
CA SER C 425 0.68 -39.59 4.09
C SER C 425 1.50 -38.56 4.86
N ILE C 426 0.93 -38.05 5.94
CA ILE C 426 1.66 -37.17 6.84
C ILE C 426 2.69 -37.99 7.61
N LEU C 427 3.93 -37.48 7.66
CA LEU C 427 5.02 -38.24 8.27
C LEU C 427 4.82 -38.41 9.77
N PHE C 428 4.55 -37.31 10.47
CA PHE C 428 4.43 -37.34 11.92
C PHE C 428 3.17 -36.62 12.35
N THR C 429 2.61 -37.07 13.46
CA THR C 429 1.40 -36.49 14.03
C THR C 429 1.74 -35.81 15.35
N VAL C 430 1.36 -34.54 15.48
CA VAL C 430 1.73 -33.72 16.63
C VAL C 430 0.46 -33.41 17.42
N LEU C 431 0.50 -33.71 18.71
CA LEU C 431 -0.60 -33.43 19.63
C LEU C 431 -0.12 -32.50 20.74
N VAL C 432 -0.93 -31.49 21.03
CA VAL C 432 -0.61 -30.46 22.01
C VAL C 432 -1.68 -30.45 23.08
N THR C 433 -1.26 -30.59 24.34
CA THR C 433 -2.17 -30.59 25.49
C THR C 433 -1.80 -29.43 26.42
N GLU C 434 -2.44 -29.42 27.60
CA GLU C 434 -2.08 -28.45 28.64
C GLU C 434 -0.70 -28.70 29.19
N THR C 435 -0.18 -29.92 29.08
CA THR C 435 1.19 -30.20 29.52
C THR C 435 2.22 -29.46 28.69
N THR C 436 1.88 -29.13 27.45
CA THR C 436 2.74 -28.24 26.66
C THR C 436 2.78 -26.84 27.28
N LEU C 437 1.65 -26.34 27.76
CA LEU C 437 1.65 -25.09 28.51
C LEU C 437 2.43 -25.22 29.81
N GLU C 438 2.42 -26.41 30.41
CA GLU C 438 3.15 -26.61 31.65
C GLU C 438 4.66 -26.60 31.42
N ASN C 439 5.14 -27.38 30.43
CA ASN C 439 6.57 -27.57 30.27
C ASN C 439 7.09 -27.50 28.84
N GLY C 440 6.24 -27.57 27.82
CA GLY C 440 6.69 -27.47 26.44
C GLY C 440 6.81 -28.77 25.69
N LEU C 441 6.46 -29.90 26.30
CA LEU C 441 6.50 -31.17 25.59
C LEU C 441 5.22 -31.38 24.79
N ILE C 442 5.36 -32.01 23.62
CA ILE C 442 4.25 -32.34 22.75
C ILE C 442 4.37 -33.80 22.34
N HIS C 443 3.23 -34.40 22.00
CA HIS C 443 3.18 -35.79 21.57
C HIS C 443 3.51 -35.88 20.09
N LEU C 444 4.36 -36.83 19.73
CA LEU C 444 4.84 -37.00 18.37
C LEU C 444 4.68 -38.47 17.98
N ARG C 445 3.85 -38.73 16.97
CA ARG C 445 3.64 -40.08 16.47
C ARG C 445 4.36 -40.25 15.15
N SER C 446 5.16 -41.31 15.05
CA SER C 446 5.86 -41.66 13.83
C SER C 446 4.89 -42.30 12.84
N ARG C 447 5.40 -42.58 11.63
CA ARG C 447 4.54 -43.13 10.58
C ARG C 447 4.59 -44.65 10.52
N ASP C 448 5.78 -45.22 10.30
CA ASP C 448 5.89 -46.65 10.04
C ASP C 448 5.59 -47.47 11.28
N THR C 449 6.20 -47.12 12.41
CA THR C 449 5.99 -47.85 13.66
C THR C 449 4.89 -47.25 14.52
N THR C 450 4.41 -46.05 14.18
CA THR C 450 3.34 -45.33 14.89
C THR C 450 3.67 -45.13 16.36
N MET C 451 4.95 -45.03 16.70
CA MET C 451 5.35 -44.83 18.07
C MET C 451 5.03 -43.40 18.50
N LYS C 452 4.50 -43.27 19.72
CA LYS C 452 4.14 -41.98 20.29
C LYS C 452 5.16 -41.62 21.36
N GLU C 453 5.83 -40.49 21.18
CA GLU C 453 6.85 -40.00 22.10
C GLU C 453 6.50 -38.58 22.53
N MET C 454 7.33 -38.03 23.40
CA MET C 454 7.23 -36.64 23.82
C MET C 454 8.50 -35.92 23.44
N MET C 455 8.36 -34.77 22.79
CA MET C 455 9.51 -33.95 22.43
C MET C 455 9.20 -32.51 22.76
N HIS C 456 10.22 -31.77 23.20
CA HIS C 456 9.99 -30.39 23.60
C HIS C 456 9.74 -29.53 22.36
N ILE C 457 9.01 -28.43 22.58
CA ILE C 457 8.59 -27.56 21.49
C ILE C 457 9.73 -26.72 20.91
N SER C 458 10.89 -26.69 21.57
CA SER C 458 12.00 -25.87 21.12
C SER C 458 12.97 -26.62 20.21
N LYS C 459 12.72 -27.89 19.90
CA LYS C 459 13.64 -28.67 19.09
C LYS C 459 12.96 -29.55 18.06
N LEU C 460 11.63 -29.50 17.92
CA LEU C 460 10.95 -30.36 16.96
C LEU C 460 11.29 -29.96 15.53
N LYS C 461 11.43 -28.66 15.27
CA LYS C 461 11.80 -28.19 13.94
C LYS C 461 13.20 -28.66 13.58
N ASP C 462 14.12 -28.62 14.55
CA ASP C 462 15.48 -29.10 14.29
C ASP C 462 15.49 -30.62 14.10
N PHE C 463 14.63 -31.33 14.82
CA PHE C 463 14.53 -32.78 14.65
C PHE C 463 14.02 -33.15 13.25
N LEU C 464 13.00 -32.43 12.77
CA LEU C 464 12.47 -32.71 11.44
C LEU C 464 13.45 -32.31 10.35
N ILE C 465 14.15 -31.19 10.54
CA ILE C 465 15.21 -30.79 9.62
C ILE C 465 16.29 -31.85 9.58
N LYS C 466 16.65 -32.40 10.75
CA LYS C 466 17.65 -33.44 10.84
C LYS C 466 17.19 -34.73 10.16
N TYR C 467 15.90 -35.05 10.27
CA TYR C 467 15.36 -36.23 9.60
C TYR C 467 15.44 -36.07 8.08
N ILE C 468 15.05 -34.90 7.57
CA ILE C 468 15.12 -34.65 6.13
C ILE C 468 16.56 -34.68 5.65
N SER C 469 17.47 -34.04 6.39
CA SER C 469 18.87 -33.98 5.99
C SER C 469 19.55 -35.34 6.10
N SER C 470 19.18 -36.15 7.09
CA SER C 470 19.76 -37.48 7.23
C SER C 470 19.25 -38.42 6.15
N ALA C 471 17.99 -38.29 5.77
CA ALA C 471 17.49 -39.05 4.62
C ALA C 471 18.18 -38.61 3.33
N LYS C 472 18.46 -37.30 3.20
CA LYS C 472 19.14 -36.80 2.01
C LYS C 472 20.58 -37.28 1.94
N ASN C 473 21.28 -37.32 3.07
CA ASN C 473 22.68 -37.74 3.08
C ASN C 473 22.83 -39.23 2.80
N VAL C 474 21.93 -40.05 3.36
CA VAL C 474 21.98 -41.49 3.14
C VAL C 474 21.45 -41.82 1.75
#